data_4IOB
# 
_entry.id   4IOB 
# 
_audit_conform.dict_name       mmcif_pdbx.dic 
_audit_conform.dict_version    5.379 
_audit_conform.dict_location   http://mmcif.pdb.org/dictionaries/ascii/mmcif_pdbx.dic 
# 
loop_
_database_2.database_id 
_database_2.database_code 
_database_2.pdbx_database_accession 
_database_2.pdbx_DOI 
PDB   4IOB         pdb_00004iob 10.2210/pdb4iob/pdb 
RCSB  RCSB077002   ?            ?                   
WWPDB D_1000077002 ?            ?                   
# 
_pdbx_database_status.status_code                     REL 
_pdbx_database_status.entry_id                        4IOB 
_pdbx_database_status.recvd_initial_deposition_date   2013-01-07 
_pdbx_database_status.deposit_site                    RCSB 
_pdbx_database_status.process_site                    RCSB 
_pdbx_database_status.status_code_sf                  REL 
_pdbx_database_status.status_code_mr                  ? 
_pdbx_database_status.SG_entry                        ? 
_pdbx_database_status.status_code_cs                  ? 
_pdbx_database_status.methods_development_category    ? 
_pdbx_database_status.pdb_format_compatible           Y 
_pdbx_database_status.status_code_nmr_data            ? 
# 
loop_
_audit_author.name 
_audit_author.pdbx_ordinal 
'Giardina, G.'   1 
'Cutruzzola, F.' 2 
# 
_citation.id                        primary 
_citation.title                     
'Investigating the Allosteric Regulation of YfiN from Pseudomonas aeruginosa: Clues from the Structure of the Catalytic Domain.' 
_citation.journal_abbrev            'Plos One' 
_citation.journal_volume            8 
_citation.page_first                e81324 
_citation.page_last                 e81324 
_citation.year                      2013 
_citation.journal_id_ASTM           ? 
_citation.country                   US 
_citation.journal_id_ISSN           1932-6203 
_citation.journal_id_CSD            ? 
_citation.book_publisher            ? 
_citation.pdbx_database_id_PubMed   24278422 
_citation.pdbx_database_id_DOI      10.1371/journal.pone.0081324 
# 
loop_
_citation_author.citation_id 
_citation_author.name 
_citation_author.ordinal 
_citation_author.identifier_ORCID 
primary 'Giardina, G.'     1 ? 
primary 'Paiardini, A.'    2 ? 
primary 'Fernicola, S.'    3 ? 
primary 'Franceschini, S.' 4 ? 
primary 'Rinaldo, S.'      5 ? 
primary 'Stelitano, V.'    6 ? 
primary 'Cutruzzola, F.'   7 ? 
# 
_cell.entry_id           4IOB 
_cell.length_a           70.351 
_cell.length_b           70.351 
_cell.length_c           106.866 
_cell.angle_alpha        90.00 
_cell.angle_beta         90.00 
_cell.angle_gamma        120.00 
_cell.Z_PDB              12 
_cell.pdbx_unique_axis   ? 
_cell.length_a_esd       ? 
_cell.length_b_esd       ? 
_cell.length_c_esd       ? 
_cell.angle_alpha_esd    ? 
_cell.angle_beta_esd     ? 
_cell.angle_gamma_esd    ? 
# 
_symmetry.entry_id                         4IOB 
_symmetry.space_group_name_H-M             'P 65 2 2' 
_symmetry.pdbx_full_space_group_name_H-M   ? 
_symmetry.cell_setting                     ? 
_symmetry.Int_Tables_number                179 
_symmetry.space_group_name_Hall            ? 
# 
loop_
_entity.id 
_entity.type 
_entity.src_method 
_entity.pdbx_description 
_entity.formula_weight 
_entity.pdbx_number_of_molecules 
_entity.pdbx_ec 
_entity.pdbx_mutation 
_entity.pdbx_fragment 
_entity.details 
1 polymer     man 'Diguanylate cyclase TpbB' 17540.955 1 2.7.7.65 ? 'Diguanylate cyclase (GGDEF) domain, UNP residues 254-414' ? 
2 non-polymer syn 'TERTIARY-BUTYL ALCOHOL'   74.122    1 ?        ? ?                                                          ? 
3 non-polymer syn GLYCEROL                   92.094    1 ?        ? ?                                                          ? 
# 
_entity_poly.entity_id                      1 
_entity_poly.type                           'polypeptide(L)' 
_entity_poly.nstd_linkage                   no 
_entity_poly.nstd_monomer                   no 
_entity_poly.pdbx_seq_one_letter_code       
;LTSLPNRAFFEGRLSRALRDANEHREQLAVLFIDSDRFKEINDRLGHAAGDTVLVNIAMRIRGQLRESDLVARLGGDEFA
VLLAPLASGADALRIADNIIASMQAPIRLSDGSTVSTSLTIGIALYPEHADTPAALLHDADMAMYIAKRQARGSRRLAEL
N
;
_entity_poly.pdbx_seq_one_letter_code_can   
;LTSLPNRAFFEGRLSRALRDANEHREQLAVLFIDSDRFKEINDRLGHAAGDTVLVNIAMRIRGQLRESDLVARLGGDEFA
VLLAPLASGADALRIADNIIASMQAPIRLSDGSTVSTSLTIGIALYPEHADTPAALLHDADMAMYIAKRQARGSRRLAEL
N
;
_entity_poly.pdbx_strand_id                 A 
_entity_poly.pdbx_target_identifier         ? 
# 
loop_
_entity_poly_seq.entity_id 
_entity_poly_seq.num 
_entity_poly_seq.mon_id 
_entity_poly_seq.hetero 
1 1   LEU n 
1 2   THR n 
1 3   SER n 
1 4   LEU n 
1 5   PRO n 
1 6   ASN n 
1 7   ARG n 
1 8   ALA n 
1 9   PHE n 
1 10  PHE n 
1 11  GLU n 
1 12  GLY n 
1 13  ARG n 
1 14  LEU n 
1 15  SER n 
1 16  ARG n 
1 17  ALA n 
1 18  LEU n 
1 19  ARG n 
1 20  ASP n 
1 21  ALA n 
1 22  ASN n 
1 23  GLU n 
1 24  HIS n 
1 25  ARG n 
1 26  GLU n 
1 27  GLN n 
1 28  LEU n 
1 29  ALA n 
1 30  VAL n 
1 31  LEU n 
1 32  PHE n 
1 33  ILE n 
1 34  ASP n 
1 35  SER n 
1 36  ASP n 
1 37  ARG n 
1 38  PHE n 
1 39  LYS n 
1 40  GLU n 
1 41  ILE n 
1 42  ASN n 
1 43  ASP n 
1 44  ARG n 
1 45  LEU n 
1 46  GLY n 
1 47  HIS n 
1 48  ALA n 
1 49  ALA n 
1 50  GLY n 
1 51  ASP n 
1 52  THR n 
1 53  VAL n 
1 54  LEU n 
1 55  VAL n 
1 56  ASN n 
1 57  ILE n 
1 58  ALA n 
1 59  MET n 
1 60  ARG n 
1 61  ILE n 
1 62  ARG n 
1 63  GLY n 
1 64  GLN n 
1 65  LEU n 
1 66  ARG n 
1 67  GLU n 
1 68  SER n 
1 69  ASP n 
1 70  LEU n 
1 71  VAL n 
1 72  ALA n 
1 73  ARG n 
1 74  LEU n 
1 75  GLY n 
1 76  GLY n 
1 77  ASP n 
1 78  GLU n 
1 79  PHE n 
1 80  ALA n 
1 81  VAL n 
1 82  LEU n 
1 83  LEU n 
1 84  ALA n 
1 85  PRO n 
1 86  LEU n 
1 87  ALA n 
1 88  SER n 
1 89  GLY n 
1 90  ALA n 
1 91  ASP n 
1 92  ALA n 
1 93  LEU n 
1 94  ARG n 
1 95  ILE n 
1 96  ALA n 
1 97  ASP n 
1 98  ASN n 
1 99  ILE n 
1 100 ILE n 
1 101 ALA n 
1 102 SER n 
1 103 MET n 
1 104 GLN n 
1 105 ALA n 
1 106 PRO n 
1 107 ILE n 
1 108 ARG n 
1 109 LEU n 
1 110 SER n 
1 111 ASP n 
1 112 GLY n 
1 113 SER n 
1 114 THR n 
1 115 VAL n 
1 116 SER n 
1 117 THR n 
1 118 SER n 
1 119 LEU n 
1 120 THR n 
1 121 ILE n 
1 122 GLY n 
1 123 ILE n 
1 124 ALA n 
1 125 LEU n 
1 126 TYR n 
1 127 PRO n 
1 128 GLU n 
1 129 HIS n 
1 130 ALA n 
1 131 ASP n 
1 132 THR n 
1 133 PRO n 
1 134 ALA n 
1 135 ALA n 
1 136 LEU n 
1 137 LEU n 
1 138 HIS n 
1 139 ASP n 
1 140 ALA n 
1 141 ASP n 
1 142 MET n 
1 143 ALA n 
1 144 MET n 
1 145 TYR n 
1 146 ILE n 
1 147 ALA n 
1 148 LYS n 
1 149 ARG n 
1 150 GLN n 
1 151 ALA n 
1 152 ARG n 
1 153 GLY n 
1 154 SER n 
1 155 ARG n 
1 156 ARG n 
1 157 LEU n 
1 158 ALA n 
1 159 GLU n 
1 160 LEU n 
1 161 ASN n 
# 
_entity_src_gen.entity_id                          1 
_entity_src_gen.pdbx_src_id                        1 
_entity_src_gen.pdbx_alt_source_flag               sample 
_entity_src_gen.pdbx_seq_type                      ? 
_entity_src_gen.pdbx_beg_seq_num                   ? 
_entity_src_gen.pdbx_end_seq_num                   ? 
_entity_src_gen.gene_src_common_name               ? 
_entity_src_gen.gene_src_genus                     ? 
_entity_src_gen.pdbx_gene_src_gene                 'PA1120, tpbB' 
_entity_src_gen.gene_src_species                   ? 
_entity_src_gen.gene_src_strain                    PAO1 
_entity_src_gen.gene_src_tissue                    ? 
_entity_src_gen.gene_src_tissue_fraction           ? 
_entity_src_gen.gene_src_details                   ? 
_entity_src_gen.pdbx_gene_src_fragment             ? 
_entity_src_gen.pdbx_gene_src_scientific_name      'Pseudomonas aeruginosa' 
_entity_src_gen.pdbx_gene_src_ncbi_taxonomy_id     208964 
_entity_src_gen.pdbx_gene_src_variant              ? 
_entity_src_gen.pdbx_gene_src_cell_line            ? 
_entity_src_gen.pdbx_gene_src_atcc                 ? 
_entity_src_gen.pdbx_gene_src_organ                ? 
_entity_src_gen.pdbx_gene_src_organelle            ? 
_entity_src_gen.pdbx_gene_src_cell                 ? 
_entity_src_gen.pdbx_gene_src_cellular_location    ? 
_entity_src_gen.host_org_common_name               ? 
_entity_src_gen.pdbx_host_org_scientific_name      'Escherichia coli' 
_entity_src_gen.pdbx_host_org_ncbi_taxonomy_id     469008 
_entity_src_gen.host_org_genus                     ? 
_entity_src_gen.pdbx_host_org_gene                 ? 
_entity_src_gen.pdbx_host_org_organ                ? 
_entity_src_gen.host_org_species                   ? 
_entity_src_gen.pdbx_host_org_tissue               ? 
_entity_src_gen.pdbx_host_org_tissue_fraction      ? 
_entity_src_gen.pdbx_host_org_strain               'BL21(DE3)' 
_entity_src_gen.pdbx_host_org_variant              ? 
_entity_src_gen.pdbx_host_org_cell_line            ? 
_entity_src_gen.pdbx_host_org_atcc                 ? 
_entity_src_gen.pdbx_host_org_culture_collection   ? 
_entity_src_gen.pdbx_host_org_cell                 ? 
_entity_src_gen.pdbx_host_org_organelle            ? 
_entity_src_gen.pdbx_host_org_cellular_location    ? 
_entity_src_gen.pdbx_host_org_vector_type          plasmid 
_entity_src_gen.pdbx_host_org_vector               ? 
_entity_src_gen.host_org_details                   ? 
_entity_src_gen.expression_system_id               ? 
_entity_src_gen.plasmid_name                       pET24b 
_entity_src_gen.plasmid_details                    ? 
_entity_src_gen.pdbx_description                   ? 
# 
_struct_ref.id                         1 
_struct_ref.db_name                    UNP 
_struct_ref.db_code                    Q9I4L5_PSEAE 
_struct_ref.pdbx_db_accession          Q9I4L5 
_struct_ref.entity_id                  1 
_struct_ref.pdbx_seq_one_letter_code   
;LTSLPNRAFFEGRLSRALRDANEHREQLAVLFIDSDRFKEINDRLGHAAGDTVLVNIAMRIRGQLRESDLVARLGGDEFA
VLLAPLASGADALRIADNIIASMQAPIRLSDGSTVSTSLTIGIALYPEHADTPAALLHDADMAMYIAKRQARGSRRLAEL
N
;
_struct_ref.pdbx_align_begin           254 
_struct_ref.pdbx_db_isoform            ? 
# 
_struct_ref_seq.align_id                      1 
_struct_ref_seq.ref_id                        1 
_struct_ref_seq.pdbx_PDB_id_code              4IOB 
_struct_ref_seq.pdbx_strand_id                A 
_struct_ref_seq.seq_align_beg                 1 
_struct_ref_seq.pdbx_seq_align_beg_ins_code   ? 
_struct_ref_seq.seq_align_end                 161 
_struct_ref_seq.pdbx_seq_align_end_ins_code   ? 
_struct_ref_seq.pdbx_db_accession             Q9I4L5 
_struct_ref_seq.db_align_beg                  254 
_struct_ref_seq.pdbx_db_align_beg_ins_code    ? 
_struct_ref_seq.db_align_end                  414 
_struct_ref_seq.pdbx_db_align_end_ins_code    ? 
_struct_ref_seq.pdbx_auth_seq_align_beg       254 
_struct_ref_seq.pdbx_auth_seq_align_end       414 
# 
loop_
_chem_comp.id 
_chem_comp.type 
_chem_comp.mon_nstd_flag 
_chem_comp.name 
_chem_comp.pdbx_synonyms 
_chem_comp.formula 
_chem_comp.formula_weight 
ALA 'L-peptide linking' y ALANINE                  ?                               'C3 H7 N O2'     89.093  
ARG 'L-peptide linking' y ARGININE                 ?                               'C6 H15 N4 O2 1' 175.209 
ASN 'L-peptide linking' y ASPARAGINE               ?                               'C4 H8 N2 O3'    132.118 
ASP 'L-peptide linking' y 'ASPARTIC ACID'          ?                               'C4 H7 N O4'     133.103 
GLN 'L-peptide linking' y GLUTAMINE                ?                               'C5 H10 N2 O3'   146.144 
GLU 'L-peptide linking' y 'GLUTAMIC ACID'          ?                               'C5 H9 N O4'     147.129 
GLY 'peptide linking'   y GLYCINE                  ?                               'C2 H5 N O2'     75.067  
GOL non-polymer         . GLYCEROL                 'GLYCERIN; PROPANE-1,2,3-TRIOL' 'C3 H8 O3'       92.094  
HIS 'L-peptide linking' y HISTIDINE                ?                               'C6 H10 N3 O2 1' 156.162 
ILE 'L-peptide linking' y ISOLEUCINE               ?                               'C6 H13 N O2'    131.173 
LEU 'L-peptide linking' y LEUCINE                  ?                               'C6 H13 N O2'    131.173 
LYS 'L-peptide linking' y LYSINE                   ?                               'C6 H15 N2 O2 1' 147.195 
MET 'L-peptide linking' y METHIONINE               ?                               'C5 H11 N O2 S'  149.211 
PHE 'L-peptide linking' y PHENYLALANINE            ?                               'C9 H11 N O2'    165.189 
PRO 'L-peptide linking' y PROLINE                  ?                               'C5 H9 N O2'     115.130 
SER 'L-peptide linking' y SERINE                   ?                               'C3 H7 N O3'     105.093 
TBU non-polymer         . 'TERTIARY-BUTYL ALCOHOL' 2-METHYL-2-PROPANOL             'C4 H10 O'       74.122  
THR 'L-peptide linking' y THREONINE                ?                               'C4 H9 N O3'     119.119 
TYR 'L-peptide linking' y TYROSINE                 ?                               'C9 H11 N O3'    181.189 
VAL 'L-peptide linking' y VALINE                   ?                               'C5 H11 N O2'    117.146 
# 
_exptl.entry_id          4IOB 
_exptl.method            'X-RAY DIFFRACTION' 
_exptl.crystals_number   1 
# 
_exptl_crystal.id                    1 
_exptl_crystal.density_meas          ? 
_exptl_crystal.density_Matthews      2.18 
_exptl_crystal.density_percent_sol   43.48 
_exptl_crystal.description           ? 
_exptl_crystal.F_000                 ? 
_exptl_crystal.preparation           ? 
# 
_exptl_crystal_grow.crystal_id      1 
_exptl_crystal_grow.method          'VAPOR DIFFUSION, SITTING DROP' 
_exptl_crystal_grow.temp            294 
_exptl_crystal_grow.temp_details    ? 
_exptl_crystal_grow.pH              5.6 
_exptl_crystal_grow.pdbx_details    
;300nl+300nl of 3.7 mg/ml protein solution (100 mM NaCl, 10 mM Tris pH=8.0, 2% glycerol) and 0.1 M Sodium Citrate dehydrate pH 5.6, 35% v/v tert-butanol., VAPOR DIFFUSION, SITTING DROP, temperature 294K
;
_exptl_crystal_grow.pdbx_pH_range   ? 
# 
_diffrn.id                     1 
_diffrn.ambient_temp           100 
_diffrn.ambient_temp_details   ? 
_diffrn.crystal_id             1 
# 
_diffrn_detector.diffrn_id              1 
_diffrn_detector.detector               CCD 
_diffrn_detector.type                   'ADSC QUANTUM 210' 
_diffrn_detector.pdbx_collection_date   2012-05-18 
_diffrn_detector.details                ? 
# 
_diffrn_radiation.diffrn_id                        1 
_diffrn_radiation.wavelength_id                    1 
_diffrn_radiation.pdbx_monochromatic_or_laue_m_l   M 
_diffrn_radiation.monochromator                    'Diamond (111), Ge(220)' 
_diffrn_radiation.pdbx_diffrn_protocol             'SINGLE WAVELENGTH' 
_diffrn_radiation.pdbx_scattering_type             x-ray 
# 
_diffrn_radiation_wavelength.id           1 
_diffrn_radiation_wavelength.wavelength   0.933 
_diffrn_radiation_wavelength.wt           1.0 
# 
_diffrn_source.diffrn_id                   1 
_diffrn_source.source                      SYNCHROTRON 
_diffrn_source.type                        'ESRF BEAMLINE ID14-1' 
_diffrn_source.pdbx_synchrotron_site       ESRF 
_diffrn_source.pdbx_synchrotron_beamline   ID14-1 
_diffrn_source.pdbx_wavelength             ? 
_diffrn_source.pdbx_wavelength_list        0.933 
# 
_reflns.entry_id                     4IOB 
_reflns.observed_criterion_sigma_I   3 
_reflns.observed_criterion_sigma_F   3 
_reflns.d_resolution_low             40 
_reflns.d_resolution_high            2.78 
_reflns.number_obs                   4343 
_reflns.number_all                   4359 
_reflns.percent_possible_obs         99.6 
_reflns.pdbx_Rmerge_I_obs            0.095 
_reflns.pdbx_Rsym_value              0.083 
_reflns.pdbx_netI_over_sigmaI        31.11 
_reflns.B_iso_Wilson_estimate        57.9 
_reflns.pdbx_redundancy              13.7 
_reflns.R_free_details               ? 
_reflns.limit_h_max                  ? 
_reflns.limit_h_min                  ? 
_reflns.limit_k_max                  ? 
_reflns.limit_k_min                  ? 
_reflns.limit_l_max                  ? 
_reflns.limit_l_min                  ? 
_reflns.observed_criterion_F_max     ? 
_reflns.observed_criterion_F_min     ? 
_reflns.pdbx_chi_squared             ? 
_reflns.pdbx_scaling_rejects         ? 
_reflns.pdbx_ordinal                 1 
_reflns.pdbx_diffrn_id               1 
# 
_reflns_shell.d_res_high             2.78 
_reflns_shell.d_res_low              2.94 
_reflns_shell.percent_possible_all   ? 
_reflns_shell.Rmerge_I_obs           0.607 
_reflns_shell.pdbx_Rsym_value        0.685 
_reflns_shell.meanI_over_sigI_obs    3.3 
_reflns_shell.pdbx_redundancy        9.77 
_reflns_shell.percent_possible_obs   ? 
_reflns_shell.number_unique_all      666 
_reflns_shell.number_measured_all    ? 
_reflns_shell.number_measured_obs    ? 
_reflns_shell.number_unique_obs      ? 
_reflns_shell.pdbx_chi_squared       ? 
_reflns_shell.pdbx_ordinal           1 
_reflns_shell.pdbx_diffrn_id         1 
# 
_refine.entry_id                                 4IOB 
_refine.ls_number_reflns_obs                     4095 
_refine.ls_number_reflns_all                     ? 
_refine.pdbx_ls_sigma_I                          ? 
_refine.pdbx_ls_sigma_F                          . 
_refine.pdbx_data_cutoff_high_absF               ? 
_refine.pdbx_data_cutoff_low_absF                ? 
_refine.pdbx_data_cutoff_high_rms_absF           ? 
_refine.ls_d_res_low                             40 
_refine.ls_d_res_high                            2.78 
_refine.ls_percent_reflns_obs                    99.70 
_refine.ls_R_factor_obs                          0.27841 
_refine.ls_R_factor_all                          ? 
_refine.ls_R_factor_R_work                       0.27833 
_refine.ls_R_factor_R_free                       0.27978 
_refine.ls_R_factor_R_free_error                 ? 
_refine.ls_R_factor_R_free_error_details         ? 
_refine.ls_percent_reflns_R_free                 5.0 
_refine.ls_number_reflns_R_free                  217 
_refine.ls_number_parameters                     ? 
_refine.ls_number_restraints                     ? 
_refine.occupancy_min                            ? 
_refine.occupancy_max                            ? 
_refine.correlation_coeff_Fo_to_Fc               0.889 
_refine.correlation_coeff_Fo_to_Fc_free          0.888 
_refine.B_iso_mean                               48.086 
_refine.aniso_B[1][1]                            -2.11 
_refine.aniso_B[2][2]                            -2.11 
_refine.aniso_B[3][3]                            3.17 
_refine.aniso_B[1][2]                            -1.06 
_refine.aniso_B[1][3]                            0.00 
_refine.aniso_B[2][3]                            0.00 
_refine.solvent_model_details                    MASK 
_refine.solvent_model_param_ksol                 ? 
_refine.solvent_model_param_bsol                 ? 
_refine.pdbx_solvent_vdw_probe_radii             1.20 
_refine.pdbx_solvent_ion_probe_radii             0.80 
_refine.pdbx_solvent_shrinkage_radii             0.80 
_refine.pdbx_ls_cross_valid_method               ? 
_refine.details                                  'HYDROGENS HAVE BEEN USED IF PRESENT IN THE INPUT' 
_refine.pdbx_starting_model                      'PDB ENTRY 2WB4' 
_refine.pdbx_method_to_determine_struct          'MOLECULAR REPLACEMENT' 
_refine.pdbx_isotropic_thermal_model             Isotropic 
_refine.pdbx_stereochemistry_target_values       'MAXIMUM LIKELIHOOD' 
_refine.pdbx_stereochem_target_val_spec_case     ? 
_refine.pdbx_R_Free_selection_details            RANDOM 
_refine.pdbx_overall_ESU_R                       ? 
_refine.pdbx_overall_ESU_R_Free                  0.436 
_refine.overall_SU_ML                            0.335 
_refine.pdbx_overall_phase_error                 ? 
_refine.overall_SU_B                             16.717 
_refine.overall_SU_R_Cruickshank_DPI             ? 
_refine.ls_redundancy_reflns_obs                 ? 
_refine.B_iso_min                                ? 
_refine.B_iso_max                                ? 
_refine.overall_SU_R_free                        ? 
_refine.ls_wR_factor_R_free                      ? 
_refine.ls_wR_factor_R_work                      ? 
_refine.overall_FOM_free_R_set                   ? 
_refine.overall_FOM_work_R_set                   ? 
_refine.pdbx_diffrn_id                           1 
_refine.pdbx_refine_id                           'X-RAY DIFFRACTION' 
_refine.pdbx_TLS_residual_ADP_flag               ? 
_refine.pdbx_overall_SU_R_free_Cruickshank_DPI   ? 
_refine.pdbx_overall_SU_R_Blow_DPI               ? 
_refine.pdbx_overall_SU_R_free_Blow_DPI          ? 
# 
_refine_hist.pdbx_refine_id                   'X-RAY DIFFRACTION' 
_refine_hist.cycle_id                         LAST 
_refine_hist.pdbx_number_atoms_protein        1230 
_refine_hist.pdbx_number_atoms_nucleic_acid   0 
_refine_hist.pdbx_number_atoms_ligand         11 
_refine_hist.number_atoms_solvent             0 
_refine_hist.number_atoms_total               1241 
_refine_hist.d_res_high                       2.78 
_refine_hist.d_res_low                        40 
# 
loop_
_refine_ls_restr.type 
_refine_ls_restr.dev_ideal 
_refine_ls_restr.dev_ideal_target 
_refine_ls_restr.weight 
_refine_ls_restr.number 
_refine_ls_restr.pdbx_restraint_function 
_refine_ls_restr.pdbx_refine_id 
r_bond_refined_d       0.001  0.019  ? 1260 ? 'X-RAY DIFFRACTION' 
r_angle_refined_deg    0.460  1.981  ? 1703 ? 'X-RAY DIFFRACTION' 
r_dihedral_angle_1_deg 3.002  5.000  ? 162  ? 'X-RAY DIFFRACTION' 
r_dihedral_angle_2_deg 22.269 22.500 ? 60   ? 'X-RAY DIFFRACTION' 
r_dihedral_angle_3_deg 15.058 15.000 ? 215  ? 'X-RAY DIFFRACTION' 
r_dihedral_angle_4_deg 11.077 15.000 ? 17   ? 'X-RAY DIFFRACTION' 
r_chiral_restr         0.031  0.200  ? 199  ? 'X-RAY DIFFRACTION' 
r_gen_planes_refined   0.001  0.021  ? 952  ? 'X-RAY DIFFRACTION' 
# 
_refine_ls_shell.pdbx_total_number_of_bins_used   20 
_refine_ls_shell.d_res_high                       2.78 
_refine_ls_shell.d_res_low                        2.849 
_refine_ls_shell.number_reflns_R_work             230 
_refine_ls_shell.R_factor_R_work                  0.343 
_refine_ls_shell.percent_reflns_obs               95.67 
_refine_ls_shell.R_factor_R_free                  0.378 
_refine_ls_shell.R_factor_R_free_error            ? 
_refine_ls_shell.percent_reflns_R_free            ? 
_refine_ls_shell.number_reflns_R_free             13 
_refine_ls_shell.number_reflns_all                ? 
_refine_ls_shell.R_factor_all                     ? 
_refine_ls_shell.number_reflns_obs                ? 
_refine_ls_shell.redundancy_reflns_obs            ? 
_refine_ls_shell.pdbx_refine_id                   'X-RAY DIFFRACTION' 
# 
_struct.entry_id                  4IOB 
_struct.title                     
'Crystal structure of the GGDEF domain of PA1120 (YfiN or TpbB) from Pseudomonas aeruginosa at 2.7 Ang.' 
_struct.pdbx_model_details        ? 
_struct.pdbx_CASP_flag            ? 
_struct.pdbx_model_type_details   ? 
# 
_struct_keywords.entry_id        4IOB 
_struct_keywords.pdbx_keywords   LYASE 
_struct_keywords.text            
'TpbB, YfiN, ggdef, DGC, PF00990, Diguanylate cyclase, GTP, c-di-GMP, cGpGp, cytosolic portion of a membrane protein, LYASE' 
# 
loop_
_struct_asym.id 
_struct_asym.pdbx_blank_PDB_chainid_flag 
_struct_asym.pdbx_modified 
_struct_asym.entity_id 
_struct_asym.details 
A N N 1 ? 
B N N 2 ? 
C N N 3 ? 
# 
_struct_biol.id        1 
_struct_biol.details   ? 
# 
loop_
_struct_conf.conf_type_id 
_struct_conf.id 
_struct_conf.pdbx_PDB_helix_id 
_struct_conf.beg_label_comp_id 
_struct_conf.beg_label_asym_id 
_struct_conf.beg_label_seq_id 
_struct_conf.pdbx_beg_PDB_ins_code 
_struct_conf.end_label_comp_id 
_struct_conf.end_label_asym_id 
_struct_conf.end_label_seq_id 
_struct_conf.pdbx_end_PDB_ins_code 
_struct_conf.beg_auth_comp_id 
_struct_conf.beg_auth_asym_id 
_struct_conf.beg_auth_seq_id 
_struct_conf.end_auth_comp_id 
_struct_conf.end_auth_asym_id 
_struct_conf.end_auth_seq_id 
_struct_conf.pdbx_PDB_helix_class 
_struct_conf.details 
_struct_conf.pdbx_PDB_helix_length 
HELX_P HELX_P1 1 ASN A 6   ? HIS A 24  ? ASN A 259 HIS A 277 1 ? 19 
HELX_P HELX_P2 2 ARG A 37  ? GLY A 46  ? ARG A 290 GLY A 299 1 ? 10 
HELX_P HELX_P3 3 GLY A 46  ? GLY A 63  ? GLY A 299 GLY A 316 1 ? 18 
HELX_P HELX_P4 4 SER A 88  ? MET A 103 ? SER A 341 MET A 356 1 ? 16 
HELX_P HELX_P5 5 THR A 132 ? ALA A 151 ? THR A 385 ALA A 404 1 ? 20 
# 
_struct_conf_type.id          HELX_P 
_struct_conf_type.criteria    ? 
_struct_conf_type.reference   ? 
# 
loop_
_struct_mon_prot_cis.pdbx_id 
_struct_mon_prot_cis.label_comp_id 
_struct_mon_prot_cis.label_seq_id 
_struct_mon_prot_cis.label_asym_id 
_struct_mon_prot_cis.label_alt_id 
_struct_mon_prot_cis.pdbx_PDB_ins_code 
_struct_mon_prot_cis.auth_comp_id 
_struct_mon_prot_cis.auth_seq_id 
_struct_mon_prot_cis.auth_asym_id 
_struct_mon_prot_cis.pdbx_label_comp_id_2 
_struct_mon_prot_cis.pdbx_label_seq_id_2 
_struct_mon_prot_cis.pdbx_label_asym_id_2 
_struct_mon_prot_cis.pdbx_PDB_ins_code_2 
_struct_mon_prot_cis.pdbx_auth_comp_id_2 
_struct_mon_prot_cis.pdbx_auth_seq_id_2 
_struct_mon_prot_cis.pdbx_auth_asym_id_2 
_struct_mon_prot_cis.pdbx_PDB_model_num 
_struct_mon_prot_cis.pdbx_omega_angle 
1 ALA 84  A . ? ALA 337 A PRO 85  A ? PRO 338 A 1 -1.06 
2 TYR 126 A . ? TYR 379 A PRO 127 A ? PRO 380 A 1 1.95  
# 
loop_
_struct_sheet.id 
_struct_sheet.type 
_struct_sheet.number_strands 
_struct_sheet.details 
A ? 5 ? 
B ? 2 ? 
# 
loop_
_struct_sheet_order.sheet_id 
_struct_sheet_order.range_id_1 
_struct_sheet_order.range_id_2 
_struct_sheet_order.offset 
_struct_sheet_order.sense 
A 1 2 ? anti-parallel 
A 2 3 ? anti-parallel 
A 3 4 ? anti-parallel 
A 4 5 ? parallel      
B 1 2 ? anti-parallel 
# 
loop_
_struct_sheet_range.sheet_id 
_struct_sheet_range.id 
_struct_sheet_range.beg_label_comp_id 
_struct_sheet_range.beg_label_asym_id 
_struct_sheet_range.beg_label_seq_id 
_struct_sheet_range.pdbx_beg_PDB_ins_code 
_struct_sheet_range.end_label_comp_id 
_struct_sheet_range.end_label_asym_id 
_struct_sheet_range.end_label_seq_id 
_struct_sheet_range.pdbx_end_PDB_ins_code 
_struct_sheet_range.beg_auth_comp_id 
_struct_sheet_range.beg_auth_asym_id 
_struct_sheet_range.beg_auth_seq_id 
_struct_sheet_range.end_auth_comp_id 
_struct_sheet_range.end_auth_asym_id 
_struct_sheet_range.end_auth_seq_id 
A 1 LEU A 70  ? GLY A 75  ? LEU A 323 GLY A 328 
A 2 GLU A 78  ? LEU A 86  ? GLU A 331 LEU A 339 
A 3 GLN A 27  ? SER A 35  ? GLN A 280 SER A 288 
A 4 LEU A 119 ? TYR A 126 ? LEU A 372 TYR A 379 
A 5 ARG A 155 ? LEU A 157 ? ARG A 408 LEU A 410 
B 1 ILE A 107 ? ARG A 108 ? ILE A 360 ARG A 361 
B 2 THR A 114 ? VAL A 115 ? THR A 367 VAL A 368 
# 
loop_
_pdbx_struct_sheet_hbond.sheet_id 
_pdbx_struct_sheet_hbond.range_id_1 
_pdbx_struct_sheet_hbond.range_id_2 
_pdbx_struct_sheet_hbond.range_1_label_atom_id 
_pdbx_struct_sheet_hbond.range_1_label_comp_id 
_pdbx_struct_sheet_hbond.range_1_label_asym_id 
_pdbx_struct_sheet_hbond.range_1_label_seq_id 
_pdbx_struct_sheet_hbond.range_1_PDB_ins_code 
_pdbx_struct_sheet_hbond.range_1_auth_atom_id 
_pdbx_struct_sheet_hbond.range_1_auth_comp_id 
_pdbx_struct_sheet_hbond.range_1_auth_asym_id 
_pdbx_struct_sheet_hbond.range_1_auth_seq_id 
_pdbx_struct_sheet_hbond.range_2_label_atom_id 
_pdbx_struct_sheet_hbond.range_2_label_comp_id 
_pdbx_struct_sheet_hbond.range_2_label_asym_id 
_pdbx_struct_sheet_hbond.range_2_label_seq_id 
_pdbx_struct_sheet_hbond.range_2_PDB_ins_code 
_pdbx_struct_sheet_hbond.range_2_auth_atom_id 
_pdbx_struct_sheet_hbond.range_2_auth_comp_id 
_pdbx_struct_sheet_hbond.range_2_auth_asym_id 
_pdbx_struct_sheet_hbond.range_2_auth_seq_id 
A 1 2 N ALA A 72  ? N ALA A 325 O ALA A 80  ? O ALA A 333 
A 2 3 O LEU A 86  ? O LEU A 339 N GLN A 27  ? N GLN A 280 
A 3 4 N ASP A 34  ? N ASP A 287 O THR A 120 ? O THR A 373 
A 4 5 N ILE A 123 ? N ILE A 376 O ARG A 156 ? O ARG A 409 
B 1 2 N ILE A 107 ? N ILE A 360 O VAL A 115 ? O VAL A 368 
# 
loop_
_struct_site.id 
_struct_site.pdbx_evidence_code 
_struct_site.pdbx_auth_asym_id 
_struct_site.pdbx_auth_comp_id 
_struct_site.pdbx_auth_seq_id 
_struct_site.pdbx_auth_ins_code 
_struct_site.pdbx_num_residues 
_struct_site.details 
AC1 Software A TBU 501 ? 4 'BINDING SITE FOR RESIDUE TBU A 501' 
AC2 Software A GOL 502 ? 6 'BINDING SITE FOR RESIDUE GOL A 502' 
# 
loop_
_struct_site_gen.id 
_struct_site_gen.site_id 
_struct_site_gen.pdbx_num_res 
_struct_site_gen.label_comp_id 
_struct_site_gen.label_asym_id 
_struct_site_gen.label_seq_id 
_struct_site_gen.pdbx_auth_ins_code 
_struct_site_gen.auth_comp_id 
_struct_site_gen.auth_asym_id 
_struct_site_gen.auth_seq_id 
_struct_site_gen.label_atom_id 
_struct_site_gen.label_alt_id 
_struct_site_gen.symmetry 
_struct_site_gen.details 
1  AC1 4 ARG A 13  ? ARG A 266 . ? 8_545 ? 
2  AC1 4 ARG A 16  ? ARG A 269 . ? 8_545 ? 
3  AC1 4 GLY A 46  ? GLY A 299 . ? 1_555 ? 
4  AC1 4 HIS A 47  ? HIS A 300 . ? 1_555 ? 
5  AC2 6 ARG A 37  ? ARG A 290 . ? 1_555 ? 
6  AC2 6 PHE A 38  ? PHE A 291 . ? 1_555 ? 
7  AC2 6 LYS A 39  ? LYS A 292 . ? 1_555 ? 
8  AC2 6 ASP A 77  ? ASP A 330 . ? 1_555 ? 
9  AC2 6 ARG A 94  ? ARG A 347 . ? 6_554 ? 
10 AC2 6 LYS A 148 ? LYS A 401 . ? 1_555 ? 
# 
_atom_sites.entry_id                    4IOB 
_atom_sites.fract_transf_matrix[1][1]   -0.00441803 
_atom_sites.fract_transf_matrix[1][2]   0.00739749 
_atom_sites.fract_transf_matrix[1][3]   0.01396964 
_atom_sites.fract_transf_matrix[2][1]   0.01088436 
_atom_sites.fract_transf_matrix[2][2]   0.00907686 
_atom_sites.fract_transf_matrix[2][3]   0.00827816 
_atom_sites.fract_transf_matrix[3][1]   -0.00262988 
_atom_sites.fract_transf_matrix[3][2]   0.00756615 
_atom_sites.fract_transf_matrix[3][3]   -0.00483831 
_atom_sites.fract_transf_vector[1]      -0.246508 
_atom_sites.fract_transf_vector[2]      -0.361222 
_atom_sites.fract_transf_vector[3]      0.075102 
# 
loop_
_atom_type.symbol 
C 
N 
O 
S 
# 
loop_
_atom_site.group_PDB 
_atom_site.id 
_atom_site.type_symbol 
_atom_site.label_atom_id 
_atom_site.label_alt_id 
_atom_site.label_comp_id 
_atom_site.label_asym_id 
_atom_site.label_entity_id 
_atom_site.label_seq_id 
_atom_site.pdbx_PDB_ins_code 
_atom_site.Cartn_x 
_atom_site.Cartn_y 
_atom_site.Cartn_z 
_atom_site.occupancy 
_atom_site.B_iso_or_equiv 
_atom_site.pdbx_formal_charge 
_atom_site.auth_seq_id 
_atom_site.auth_comp_id 
_atom_site.auth_asym_id 
_atom_site.auth_atom_id 
_atom_site.pdbx_PDB_model_num 
ATOM   1    N N   . LEU A 1 1   ? -9.175  -15.691 -2.229  1.00 68.33 ? 254 LEU A N   1 
ATOM   2    C CA  . LEU A 1 1   ? -7.758  -15.319 -2.508  1.00 65.97 ? 254 LEU A CA  1 
ATOM   3    C C   . LEU A 1 1   ? -7.697  -14.226 -3.572  1.00 66.98 ? 254 LEU A C   1 
ATOM   4    O O   . LEU A 1 1   ? -8.430  -14.271 -4.561  1.00 66.10 ? 254 LEU A O   1 
ATOM   5    C CB  . LEU A 1 1   ? -6.966  -16.546 -2.964  1.00 63.72 ? 254 LEU A CB  1 
ATOM   6    C CG  . LEU A 1 1   ? -5.453  -16.540 -2.719  1.00 62.40 ? 254 LEU A CG  1 
ATOM   7    C CD1 . LEU A 1 1   ? -4.800  -15.317 -3.344  1.00 60.06 ? 254 LEU A CD1 1 
ATOM   8    C CD2 . LEU A 1 1   ? -5.153  -16.608 -1.229  1.00 61.45 ? 254 LEU A CD2 1 
ATOM   9    N N   . THR A 1 2   ? -6.825  -13.245 -3.361  1.00 65.54 ? 255 THR A N   1 
ATOM   10   C CA  . THR A 1 2   ? -6.676  -12.136 -4.298  1.00 64.28 ? 255 THR A CA  1 
ATOM   11   C C   . THR A 1 2   ? -5.683  -12.472 -5.408  1.00 60.83 ? 255 THR A C   1 
ATOM   12   O O   . THR A 1 2   ? -5.568  -11.740 -6.392  1.00 58.84 ? 255 THR A O   1 
ATOM   13   C CB  . THR A 1 2   ? -6.219  -10.850 -3.584  1.00 66.12 ? 255 THR A CB  1 
ATOM   14   O OG1 . THR A 1 2   ? -4.942  -11.069 -2.971  1.00 67.68 ? 255 THR A OG1 1 
ATOM   15   C CG2 . THR A 1 2   ? -7.226  -10.444 -2.519  1.00 65.38 ? 255 THR A CG2 1 
ATOM   16   N N   . SER A 1 3   ? -4.969  -13.580 -5.241  1.00 58.27 ? 256 SER A N   1 
ATOM   17   C CA  . SER A 1 3   ? -3.996  -14.030 -6.232  1.00 55.45 ? 256 SER A CA  1 
ATOM   18   C C   . SER A 1 3   ? -2.741  -13.163 -6.231  1.00 54.61 ? 256 SER A C   1 
ATOM   19   O O   . SER A 1 3   ? -1.898  -13.275 -7.120  1.00 57.41 ? 256 SER A O   1 
ATOM   20   C CB  . SER A 1 3   ? -4.622  -14.053 -7.628  1.00 54.36 ? 256 SER A CB  1 
ATOM   21   O OG  . SER A 1 3   ? -5.037  -12.758 -8.025  0.01 55.15 ? 256 SER A OG  1 
ATOM   22   N N   . LEU A 1 4   ? -2.623  -12.298 -5.229  1.00 50.44 ? 257 LEU A N   1 
ATOM   23   C CA  . LEU A 1 4   ? -1.452  -11.442 -5.092  1.00 47.29 ? 257 LEU A CA  1 
ATOM   24   C C   . LEU A 1 4   ? -0.396  -12.111 -4.221  1.00 46.17 ? 257 LEU A C   1 
ATOM   25   O O   . LEU A 1 4   ? -0.727  -12.862 -3.304  1.00 45.75 ? 257 LEU A O   1 
ATOM   26   C CB  . LEU A 1 4   ? -1.839  -10.089 -4.493  1.00 46.42 ? 257 LEU A CB  1 
ATOM   27   C CG  . LEU A 1 4   ? -2.708  -9.175  -5.357  1.00 46.35 ? 257 LEU A CG  1 
ATOM   28   C CD1 . LEU A 1 4   ? -3.115  -7.934  -4.578  1.00 45.02 ? 257 LEU A CD1 1 
ATOM   29   C CD2 . LEU A 1 4   ? -1.980  -8.795  -6.638  1.00 46.83 ? 257 LEU A CD2 1 
ATOM   30   N N   . PRO A 1 5   ? 0.885   -11.842 -4.510  1.00 43.92 ? 258 PRO A N   1 
ATOM   31   C CA  . PRO A 1 5   ? 1.971   -12.384 -3.704  1.00 44.21 ? 258 PRO A CA  1 
ATOM   32   C C   . PRO A 1 5   ? 1.759   -12.067 -2.227  1.00 44.85 ? 258 PRO A C   1 
ATOM   33   O O   . PRO A 1 5   ? 1.164   -11.044 -1.893  1.00 43.99 ? 258 PRO A O   1 
ATOM   34   C CB  . PRO A 1 5   ? 3.200   -11.642 -4.232  1.00 45.76 ? 258 PRO A CB  1 
ATOM   35   C CG  . PRO A 1 5   ? 2.851   -11.301 -5.640  1.00 46.10 ? 258 PRO A CG  1 
ATOM   36   C CD  . PRO A 1 5   ? 1.376   -11.021 -5.631  1.00 44.50 ? 258 PRO A CD  1 
ATOM   37   N N   . ASN A 1 6   ? 2.243   -12.944 -1.355  1.00 46.91 ? 259 ASN A N   1 
ATOM   38   C CA  . ASN A 1 6   ? 2.066   -12.774 0.082   1.00 47.94 ? 259 ASN A CA  1 
ATOM   39   C C   . ASN A 1 6   ? 3.188   -11.962 0.723   1.00 48.16 ? 259 ASN A C   1 
ATOM   40   O O   . ASN A 1 6   ? 4.058   -11.431 0.032   1.00 48.83 ? 259 ASN A O   1 
ATOM   41   C CB  . ASN A 1 6   ? 1.950   -14.136 0.767   1.00 49.44 ? 259 ASN A CB  1 
ATOM   42   C CG  . ASN A 1 6   ? 3.121   -15.045 0.454   1.00 51.30 ? 259 ASN A CG  1 
ATOM   43   O OD1 . ASN A 1 6   ? 3.855   -14.722 -0.606  1.00 51.80 ? 259 ASN A OD1 1 
ATOM   44   N ND2 . ASN A 1 6   ? 3.365   -16.025 1.158   1.00 52.84 ? 259 ASN A ND2 1 
ATOM   45   N N   . ARG A 1 7   ? 3.162   -11.875 2.049   1.00 48.09 ? 260 ARG A N   1 
ATOM   46   C CA  . ARG A 1 7   ? 4.171   -11.126 2.792   1.00 47.55 ? 260 ARG A CA  1 
ATOM   47   C C   . ARG A 1 7   ? 5.569   -11.687 2.556   1.00 47.69 ? 260 ARG A C   1 
ATOM   48   O O   . ARG A 1 7   ? 6.486   -10.957 2.178   1.00 46.21 ? 260 ARG A O   1 
ATOM   49   C CB  . ARG A 1 7   ? 3.850   -11.135 4.289   1.00 47.67 ? 260 ARG A CB  1 
ATOM   50   C CG  . ARG A 1 7   ? 4.873   -10.404 5.145   1.00 46.67 ? 260 ARG A CG  1 
ATOM   51   C CD  . ARG A 1 7   ? 4.617   -10.630 6.626   1.00 47.84 ? 260 ARG A CD  1 
ATOM   52   N NE  . ARG A 1 7   ? 3.316   -10.117 7.045   1.00 49.61 ? 260 ARG A NE  1 
ATOM   53   C CZ  . ARG A 1 7   ? 3.115   -8.894  7.525   1.00 51.19 ? 260 ARG A CZ  1 
ATOM   54   N NH1 . ARG A 1 7   ? 4.132   -8.052  7.648   1.00 52.44 ? 260 ARG A NH1 1 
ATOM   55   N NH2 . ARG A 1 7   ? 1.897   -8.512  7.883   1.00 52.04 ? 260 ARG A NH2 1 
ATOM   56   N N   . ALA A 1 8   ? 5.726   -12.987 2.784   1.00 48.17 ? 261 ALA A N   1 
ATOM   57   C CA  . ALA A 1 8   ? 7.017   -13.647 2.613   1.00 47.88 ? 261 ALA A CA  1 
ATOM   58   C C   . ALA A 1 8   ? 7.665   -13.256 1.289   1.00 47.40 ? 261 ALA A C   1 
ATOM   59   O O   . ALA A 1 8   ? 8.809   -12.802 1.256   1.00 48.92 ? 261 ALA A O   1 
ATOM   60   C CB  . ALA A 1 8   ? 6.858   -15.157 2.700   1.00 47.21 ? 261 ALA A CB  1 
ATOM   61   N N   . PHE A 1 9   ? 6.926   -13.436 0.200   1.00 45.17 ? 262 PHE A N   1 
ATOM   62   C CA  . PHE A 1 9   ? 7.421   -13.093 -1.125  1.00 43.61 ? 262 PHE A CA  1 
ATOM   63   C C   . PHE A 1 9   ? 7.855   -11.633 -1.184  1.00 43.97 ? 262 PHE A C   1 
ATOM   64   O O   . PHE A 1 9   ? 8.906   -11.308 -1.739  1.00 44.85 ? 262 PHE A O   1 
ATOM   65   C CB  . PHE A 1 9   ? 6.347   -13.365 -2.180  1.00 42.42 ? 262 PHE A CB  1 
ATOM   66   C CG  . PHE A 1 9   ? 6.731   -12.928 -3.564  1.00 41.57 ? 262 PHE A CG  1 
ATOM   67   C CD1 . PHE A 1 9   ? 6.537   -11.619 -3.971  1.00 42.95 ? 262 PHE A CD1 1 
ATOM   68   C CD2 . PHE A 1 9   ? 7.283   -13.827 -4.461  1.00 42.16 ? 262 PHE A CD2 1 
ATOM   69   C CE1 . PHE A 1 9   ? 6.888   -11.213 -5.245  1.00 42.95 ? 262 PHE A CE1 1 
ATOM   70   C CE2 . PHE A 1 9   ? 7.636   -13.429 -5.737  1.00 42.96 ? 262 PHE A CE2 1 
ATOM   71   C CZ  . PHE A 1 9   ? 7.438   -12.120 -6.130  1.00 42.53 ? 262 PHE A CZ  1 
ATOM   72   N N   . PHE A 1 10  ? 7.040   -10.755 -0.607  1.00 42.82 ? 263 PHE A N   1 
ATOM   73   C CA  . PHE A 1 10  ? 7.320   -9.325  -0.621  1.00 42.62 ? 263 PHE A CA  1 
ATOM   74   C C   . PHE A 1 10  ? 8.643   -9.002  0.065   1.00 43.24 ? 263 PHE A C   1 
ATOM   75   O O   . PHE A 1 10  ? 9.435   -8.206  -0.439  1.00 45.24 ? 263 PHE A O   1 
ATOM   76   C CB  . PHE A 1 10  ? 6.180   -8.551  0.046   1.00 40.15 ? 263 PHE A CB  1 
ATOM   77   C CG  . PHE A 1 10  ? 6.381   -7.063  0.051   1.00 38.65 ? 263 PHE A CG  1 
ATOM   78   C CD1 . PHE A 1 10  ? 7.105   -6.452  1.062   1.00 39.03 ? 263 PHE A CD1 1 
ATOM   79   C CD2 . PHE A 1 10  ? 5.844   -6.275  -0.953  1.00 37.37 ? 263 PHE A CD2 1 
ATOM   80   C CE1 . PHE A 1 10  ? 7.291   -5.083  1.071   1.00 38.25 ? 263 PHE A CE1 1 
ATOM   81   C CE2 . PHE A 1 10  ? 6.025   -4.905  -0.949  1.00 37.80 ? 263 PHE A CE2 1 
ATOM   82   C CZ  . PHE A 1 10  ? 6.750   -4.308  0.064   1.00 37.62 ? 263 PHE A CZ  1 
ATOM   83   N N   . GLU A 1 11  ? 8.878   -9.623  1.217   1.00 44.57 ? 264 GLU A N   1 
ATOM   84   C CA  . GLU A 1 11  ? 10.100  -9.386  1.977   1.00 44.33 ? 264 GLU A CA  1 
ATOM   85   C C   . GLU A 1 11  ? 11.338  -9.779  1.177   1.00 43.71 ? 264 GLU A C   1 
ATOM   86   O O   . GLU A 1 11  ? 12.396  -9.165  1.311   1.00 43.00 ? 264 GLU A O   1 
ATOM   87   C CB  . GLU A 1 11  ? 10.060  -10.144 3.305   1.00 45.71 ? 264 GLU A CB  1 
ATOM   88   C CG  . GLU A 1 11  ? 8.940   -9.701  4.233   1.00 46.84 ? 264 GLU A CG  1 
ATOM   89   C CD  . GLU A 1 11  ? 8.920   -10.475 5.536   0.01 46.50 ? 264 GLU A CD  1 
ATOM   90   O OE1 . GLU A 1 11  ? 9.751   -11.393 5.697   0.01 46.60 ? 264 GLU A OE1 1 
ATOM   91   O OE2 . GLU A 1 11  ? 8.071   -10.166 6.400   0.01 46.54 ? 264 GLU A OE2 1 
ATOM   92   N N   . GLY A 1 12  ? 11.199  -10.806 0.345   1.00 44.15 ? 265 GLY A N   1 
ATOM   93   C CA  . GLY A 1 12  ? 12.296  -11.255 -0.506  1.00 42.66 ? 265 GLY A CA  1 
ATOM   94   C C   . GLY A 1 12  ? 12.654  -10.217 -1.552  1.00 40.78 ? 265 GLY A C   1 
ATOM   95   O O   . GLY A 1 12  ? 13.799  -9.777  -1.637  1.00 41.72 ? 265 GLY A O   1 
ATOM   96   N N   . ARG A 1 13  ? 11.665  -9.827  -2.350  1.00 40.72 ? 266 ARG A N   1 
ATOM   97   C CA  . ARG A 1 13  ? 11.856  -8.807  -3.374  1.00 41.83 ? 266 ARG A CA  1 
ATOM   98   C C   . ARG A 1 13  ? 12.492  -7.552  -2.784  1.00 41.76 ? 266 ARG A C   1 
ATOM   99   O O   . ARG A 1 13  ? 13.297  -6.887  -3.434  1.00 41.41 ? 266 ARG A O   1 
ATOM   100  C CB  . ARG A 1 13  ? 10.517  -8.454  -4.022  1.00 42.61 ? 266 ARG A CB  1 
ATOM   101  C CG  . ARG A 1 13  ? 9.895   -9.585  -4.824  1.00 46.20 ? 266 ARG A CG  1 
ATOM   102  C CD  . ARG A 1 13  ? 10.300  -9.518  -6.287  1.00 49.37 ? 266 ARG A CD  1 
ATOM   103  N NE  . ARG A 1 13  ? 9.810   -8.298  -6.922  1.00 52.29 ? 266 ARG A NE  1 
ATOM   104  C CZ  . ARG A 1 13  ? 9.774   -8.100  -8.236  1.00 57.14 ? 266 ARG A CZ  1 
ATOM   105  N NH1 . ARG A 1 13  ? 10.197  -9.046  -9.064  1.00 60.74 ? 266 ARG A NH1 1 
ATOM   106  N NH2 . ARG A 1 13  ? 9.311   -6.956  -8.722  1.00 56.86 ? 266 ARG A NH2 1 
ATOM   107  N N   . LEU A 1 14  ? 12.122  -7.237  -1.547  1.00 42.44 ? 267 LEU A N   1 
ATOM   108  C CA  . LEU A 1 14  ? 12.628  -6.049  -0.870  1.00 41.95 ? 267 LEU A CA  1 
ATOM   109  C C   . LEU A 1 14  ? 14.132  -6.144  -0.630  1.00 43.08 ? 267 LEU A C   1 
ATOM   110  O O   . LEU A 1 14  ? 14.882  -5.232  -0.975  1.00 45.33 ? 267 LEU A O   1 
ATOM   111  C CB  . LEU A 1 14  ? 11.893  -5.836  0.455   1.00 41.46 ? 267 LEU A CB  1 
ATOM   112  C CG  . LEU A 1 14  ? 12.248  -4.574  1.244   1.00 40.01 ? 267 LEU A CG  1 
ATOM   113  C CD1 . LEU A 1 14  ? 12.037  -3.331  0.394   1.00 40.26 ? 267 LEU A CD1 1 
ATOM   114  C CD2 . LEU A 1 14  ? 11.434  -4.496  2.526   1.00 39.48 ? 267 LEU A CD2 1 
ATOM   115  N N   . SER A 1 15  ? 14.565  -7.251  -0.036  1.00 43.67 ? 268 SER A N   1 
ATOM   116  C CA  . SER A 1 15  ? 15.979  -7.464  0.249   1.00 43.87 ? 268 SER A CA  1 
ATOM   117  C C   . SER A 1 15  ? 16.833  -7.252  -0.996  1.00 44.25 ? 268 SER A C   1 
ATOM   118  O O   . SER A 1 15  ? 17.806  -6.500  -0.973  1.00 45.76 ? 268 SER A O   1 
ATOM   119  C CB  . SER A 1 15  ? 16.206  -8.871  0.803   1.00 45.25 ? 268 SER A CB  1 
ATOM   120  O OG  . SER A 1 15  ? 15.437  -9.090  1.973   1.00 51.87 ? 268 SER A OG  1 
ATOM   121  N N   . ARG A 1 16  ? 16.459  -7.923  -2.080  1.00 43.12 ? 269 ARG A N   1 
ATOM   122  C CA  . ARG A 1 16  ? 17.200  -7.844  -3.333  1.00 42.87 ? 269 ARG A CA  1 
ATOM   123  C C   . ARG A 1 16  ? 17.091  -6.469  -3.987  1.00 44.61 ? 269 ARG A C   1 
ATOM   124  O O   . ARG A 1 16  ? 18.064  -5.960  -4.541  1.00 46.88 ? 269 ARG A O   1 
ATOM   125  C CB  . ARG A 1 16  ? 16.730  -8.941  -4.290  1.00 41.33 ? 269 ARG A CB  1 
ATOM   126  C CG  . ARG A 1 16  ? 17.489  -10.248 -4.136  1.00 40.27 ? 269 ARG A CG  1 
ATOM   127  C CD  . ARG A 1 16  ? 16.554  -11.411 -3.849  1.00 39.32 ? 269 ARG A CD  1 
ATOM   128  N NE  . ARG A 1 16  ? 15.306  -11.324 -4.601  1.00 39.79 ? 269 ARG A NE  1 
ATOM   129  C CZ  . ARG A 1 16  ? 14.253  -12.107 -4.388  1.00 38.44 ? 269 ARG A CZ  1 
ATOM   130  N NH1 . ARG A 1 16  ? 14.299  -13.038 -3.444  1.00 36.54 ? 269 ARG A NH1 1 
ATOM   131  N NH2 . ARG A 1 16  ? 13.156  -11.959 -5.117  1.00 37.46 ? 269 ARG A NH2 1 
ATOM   132  N N   . ALA A 1 17  ? 15.905  -5.872  -3.919  1.00 44.68 ? 270 ALA A N   1 
ATOM   133  C CA  . ALA A 1 17  ? 15.701  -4.530  -4.451  1.00 43.13 ? 270 ALA A CA  1 
ATOM   134  C C   . ALA A 1 17  ? 16.547  -3.527  -3.674  1.00 43.33 ? 270 ALA A C   1 
ATOM   135  O O   . ALA A 1 17  ? 17.060  -2.561  -4.239  1.00 41.71 ? 270 ALA A O   1 
ATOM   136  C CB  . ALA A 1 17  ? 14.231  -4.151  -4.388  1.00 41.63 ? 270 ALA A CB  1 
ATOM   137  N N   . LEU A 1 18  ? 16.687  -3.768  -2.375  1.00 44.45 ? 271 LEU A N   1 
ATOM   138  C CA  . LEU A 1 18  ? 17.472  -2.896  -1.513  1.00 47.43 ? 271 LEU A CA  1 
ATOM   139  C C   . LEU A 1 18  ? 18.947  -2.963  -1.901  1.00 51.55 ? 271 LEU A C   1 
ATOM   140  O O   . LEU A 1 18  ? 19.629  -1.939  -1.971  1.00 53.41 ? 271 LEU A O   1 
ATOM   141  C CB  . LEU A 1 18  ? 17.282  -3.286  -0.046  1.00 46.66 ? 271 LEU A CB  1 
ATOM   142  C CG  . LEU A 1 18  ? 17.489  -2.183  0.993   1.00 47.93 ? 271 LEU A CG  1 
ATOM   143  C CD1 . LEU A 1 18  ? 16.574  -1.001  0.712   1.00 47.42 ? 271 LEU A CD1 1 
ATOM   144  C CD2 . LEU A 1 18  ? 17.258  -2.717  2.397   1.00 49.49 ? 271 LEU A CD2 1 
ATOM   145  N N   . ARG A 1 19  ? 19.432  -4.176  -2.152  1.00 53.86 ? 272 ARG A N   1 
ATOM   146  C CA  . ARG A 1 19  ? 20.792  -4.376  -2.636  1.00 55.30 ? 272 ARG A CA  1 
ATOM   147  C C   . ARG A 1 19  ? 21.006  -3.630  -3.945  1.00 54.93 ? 272 ARG A C   1 
ATOM   148  O O   . ARG A 1 19  ? 21.844  -2.732  -4.032  1.00 57.38 ? 272 ARG A O   1 
ATOM   149  C CB  . ARG A 1 19  ? 21.071  -5.865  -2.836  1.00 60.11 ? 272 ARG A CB  1 
ATOM   150  C CG  . ARG A 1 19  ? 21.546  -6.585  -1.586  1.00 64.05 ? 272 ARG A CG  1 
ATOM   151  C CD  . ARG A 1 19  ? 21.344  -8.086  -1.710  1.00 67.48 ? 272 ARG A CD  1 
ATOM   152  N NE  . ARG A 1 19  ? 22.302  -8.832  -0.899  1.00 72.56 ? 272 ARG A NE  1 
ATOM   153  C CZ  . ARG A 1 19  ? 22.101  -10.067 -0.452  1.00 76.69 ? 272 ARG A CZ  1 
ATOM   154  N NH1 . ARG A 1 19  ? 20.965  -10.697 -0.726  1.00 80.18 ? 272 ARG A NH1 1 
ATOM   155  N NH2 . ARG A 1 19  ? 23.031  -10.669 0.276   1.00 78.63 ? 272 ARG A NH2 1 
ATOM   156  N N   . ASP A 1 20  ? 20.243  -4.011  -4.964  1.00 53.83 ? 273 ASP A N   1 
ATOM   157  C CA  . ASP A 1 20  ? 20.311  -3.353  -6.261  1.00 52.76 ? 273 ASP A CA  1 
ATOM   158  C C   . ASP A 1 20  ? 20.415  -1.842  -6.090  1.00 56.12 ? 273 ASP A C   1 
ATOM   159  O O   . ASP A 1 20  ? 21.254  -1.192  -6.716  1.00 58.01 ? 273 ASP A O   1 
ATOM   160  C CB  . ASP A 1 20  ? 19.081  -3.705  -7.101  1.00 44.65 ? 273 ASP A CB  1 
ATOM   161  C CG  . ASP A 1 20  ? 19.126  -3.090  -8.487  0.50 43.69 ? 273 ASP A CG  1 
ATOM   162  O OD1 . ASP A 1 20  ? 20.130  -2.423  -8.811  0.50 43.46 ? 273 ASP A OD1 1 
ATOM   163  O OD2 . ASP A 1 20  ? 18.155  -3.274  -9.251  0.50 43.06 ? 273 ASP A OD2 1 
ATOM   164  N N   . ALA A 1 21  ? 19.560  -1.290  -5.236  1.00 60.41 ? 274 ALA A N   1 
ATOM   165  C CA  . ALA A 1 21  ? 19.534  0.149   -4.992  1.00 63.05 ? 274 ALA A CA  1 
ATOM   166  C C   . ALA A 1 21  ? 20.861  0.648   -4.430  1.00 65.81 ? 274 ALA A C   1 
ATOM   167  O O   . ALA A 1 21  ? 21.415  1.635   -4.911  1.00 67.79 ? 274 ALA A O   1 
ATOM   168  C CB  . ALA A 1 21  ? 18.390  0.507   -4.056  1.00 60.51 ? 274 ALA A CB  1 
ATOM   169  N N   . ASN A 1 22  ? 21.364  -0.037  -3.407  1.00 67.80 ? 275 ASN A N   1 
ATOM   170  C CA  . ASN A 1 22  ? 22.627  0.342   -2.786  1.00 70.42 ? 275 ASN A CA  1 
ATOM   171  C C   . ASN A 1 22  ? 23.805  0.174   -3.738  1.00 72.75 ? 275 ASN A C   1 
ATOM   172  O O   . ASN A 1 22  ? 24.610  1.090   -3.912  1.00 74.87 ? 275 ASN A O   1 
ATOM   173  C CB  . ASN A 1 22  ? 22.860  -0.461  -1.504  1.00 69.64 ? 275 ASN A CB  1 
ATOM   174  C CG  . ASN A 1 22  ? 24.153  -0.084  -0.807  1.00 69.55 ? 275 ASN A CG  1 
ATOM   175  O OD1 . ASN A 1 22  ? 25.149  0.238   -1.455  1.00 68.56 ? 275 ASN A OD1 1 
ATOM   176  N ND2 . ASN A 1 22  ? 24.145  -0.128  0.520   1.00 69.34 ? 275 ASN A ND2 1 
ATOM   177  N N   . GLU A 1 23  ? 23.901  -0.999  -4.355  1.00 75.09 ? 276 GLU A N   1 
ATOM   178  C CA  . GLU A 1 23  ? 24.968  -1.272  -5.308  1.00 78.45 ? 276 GLU A CA  1 
ATOM   179  C C   . GLU A 1 23  ? 25.070  -0.116  -6.296  1.00 79.73 ? 276 GLU A C   1 
ATOM   180  O O   . GLU A 1 23  ? 26.042  0.638   -6.290  1.00 83.36 ? 276 GLU A O   1 
ATOM   181  C CB  . GLU A 1 23  ? 24.698  -2.581  -6.050  1.00 78.00 ? 276 GLU A CB  1 
ATOM   182  C CG  . GLU A 1 23  ? 25.952  -3.361  -6.406  1.00 80.40 ? 276 GLU A CG  1 
ATOM   183  C CD  . GLU A 1 23  ? 26.634  -3.945  -5.184  1.00 82.74 ? 276 GLU A CD  1 
ATOM   184  O OE1 . GLU A 1 23  ? 25.970  -4.065  -4.132  1.00 83.48 ? 276 GLU A OE1 1 
ATOM   185  O OE2 . GLU A 1 23  ? 27.831  -4.288  -5.274  1.00 81.27 ? 276 GLU A OE2 1 
ATOM   186  N N   . HIS A 1 24  ? 24.053  0.014   -7.141  1.00 78.20 ? 277 HIS A N   1 
ATOM   187  C CA  . HIS A 1 24  ? 23.947  1.143   -8.051  1.00 78.53 ? 277 HIS A CA  1 
ATOM   188  C C   . HIS A 1 24  ? 23.224  2.241   -7.328  1.00 78.92 ? 277 HIS A C   1 
ATOM   189  O O   . HIS A 1 24  ? 22.271  1.978   -6.594  1.00 84.65 ? 277 HIS A O   1 
ATOM   190  C CB  . HIS A 1 24  ? 23.184  0.732   -9.305  1.00 77.06 ? 277 HIS A CB  1 
ATOM   191  C CG  . HIS A 1 24  ? 23.664  1.411   -10.567 0.50 77.63 ? 277 HIS A CG  1 
ATOM   192  N ND1 . HIS A 1 24  ? 24.961  1.693   -10.787 0.50 77.12 ? 277 HIS A ND1 1 
ATOM   193  C CD2 . HIS A 1 24  ? 22.971  1.829   -11.702 0.50 77.03 ? 277 HIS A CD2 1 
ATOM   194  C CE1 . HIS A 1 24  ? 25.093  2.281   -11.992 0.50 75.98 ? 277 HIS A CE1 1 
ATOM   195  N NE2 . HIS A 1 24  ? 23.875  2.362   -12.551 0.50 76.04 ? 277 HIS A NE2 1 
ATOM   196  N N   . ARG A 1 25  ? 23.664  3.481   -7.512  1.00 77.39 ? 278 ARG A N   1 
ATOM   197  C CA  . ARG A 1 25  ? 23.051  4.605   -6.809  1.00 76.78 ? 278 ARG A CA  1 
ATOM   198  C C   . ARG A 1 25  ? 21.606  4.834   -7.239  1.00 76.19 ? 278 ARG A C   1 
ATOM   199  O O   . ARG A 1 25  ? 21.343  5.432   -8.283  1.00 80.51 ? 278 ARG A O   1 
ATOM   200  C CB  . ARG A 1 25  ? 23.883  5.878   -6.979  1.00 79.44 ? 278 ARG A CB  1 
ATOM   201  C CG  . ARG A 1 25  ? 25.046  5.965   -6.005  0.01 78.45 ? 278 ARG A CG  1 
ATOM   202  C CD  . ARG A 1 25  ? 25.911  4.717   -6.082  0.01 78.44 ? 278 ARG A CD  1 
ATOM   203  N NE  . ARG A 1 25  ? 26.481  4.364   -4.785  0.01 78.41 ? 278 ARG A NE  1 
ATOM   204  C CZ  . ARG A 1 25  ? 27.315  3.349   -4.588  0.01 78.38 ? 278 ARG A CZ  1 
ATOM   205  N NH1 . ARG A 1 25  ? 27.686  2.586   -5.608  0.01 78.45 ? 278 ARG A NH1 1 
ATOM   206  N NH2 . ARG A 1 25  ? 27.783  3.098   -3.372  0.01 78.38 ? 278 ARG A NH2 1 
ATOM   207  N N   . GLU A 1 26  ? 20.675  4.353   -6.421  1.00 70.03 ? 279 GLU A N   1 
ATOM   208  C CA  . GLU A 1 26  ? 19.255  4.432   -6.736  1.00 63.64 ? 279 GLU A CA  1 
ATOM   209  C C   . GLU A 1 26  ? 18.440  4.569   -5.454  1.00 56.90 ? 279 GLU A C   1 
ATOM   210  O O   . GLU A 1 26  ? 18.973  4.433   -4.353  1.00 53.17 ? 279 GLU A O   1 
ATOM   211  C CB  . GLU A 1 26  ? 18.815  3.174   -7.488  1.00 65.57 ? 279 GLU A CB  1 
ATOM   212  C CG  . GLU A 1 26  ? 17.841  3.424   -8.626  0.01 64.98 ? 279 GLU A CG  1 
ATOM   213  C CD  . GLU A 1 26  ? 18.546  3.619   -9.955  0.01 65.26 ? 279 GLU A CD  1 
ATOM   214  O OE1 . GLU A 1 26  ? 19.666  3.091   -10.118 0.01 65.23 ? 279 GLU A OE1 1 
ATOM   215  O OE2 . GLU A 1 26  ? 17.977  4.296   -10.837 0.01 65.28 ? 279 GLU A OE2 1 
ATOM   216  N N   . GLN A 1 27  ? 17.146  4.833   -5.602  1.00 52.34 ? 280 GLN A N   1 
ATOM   217  C CA  . GLN A 1 27  ? 16.252  4.919   -4.454  1.00 50.39 ? 280 GLN A CA  1 
ATOM   218  C C   . GLN A 1 27  ? 15.067  3.974   -4.606  1.00 48.93 ? 280 GLN A C   1 
ATOM   219  O O   . GLN A 1 27  ? 14.608  3.710   -5.718  1.00 49.94 ? 280 GLN A O   1 
ATOM   220  C CB  . GLN A 1 27  ? 15.755  6.353   -4.257  1.00 50.93 ? 280 GLN A CB  1 
ATOM   221  C CG  . GLN A 1 27  ? 16.854  7.347   -3.922  1.00 52.63 ? 280 GLN A CG  1 
ATOM   222  C CD  . GLN A 1 27  ? 16.319  8.615   -3.285  1.00 54.18 ? 280 GLN A CD  1 
ATOM   223  O OE1 . GLN A 1 27  ? 15.135  8.934   -3.407  1.00 56.58 ? 280 GLN A OE1 1 
ATOM   224  N NE2 . GLN A 1 27  ? 17.191  9.344   -2.598  1.00 53.47 ? 280 GLN A NE2 1 
ATOM   225  N N   . LEU A 1 28  ? 14.579  3.462   -3.482  1.00 45.12 ? 281 LEU A N   1 
ATOM   226  C CA  . LEU A 1 28  ? 13.400  2.607   -3.483  1.00 41.69 ? 281 LEU A CA  1 
ATOM   227  C C   . LEU A 1 28  ? 12.471  3.006   -2.346  1.00 39.01 ? 281 LEU A C   1 
ATOM   228  O O   . LEU A 1 28  ? 12.912  3.553   -1.336  1.00 39.39 ? 281 LEU A O   1 
ATOM   229  C CB  . LEU A 1 28  ? 13.794  1.133   -3.360  1.00 40.75 ? 281 LEU A CB  1 
ATOM   230  C CG  . LEU A 1 28  ? 14.239  0.630   -1.986  1.00 40.30 ? 281 LEU A CG  1 
ATOM   231  C CD1 . LEU A 1 28  ? 13.075  0.656   -1.007  1.00 39.94 ? 281 LEU A CD1 1 
ATOM   232  C CD2 . LEU A 1 28  ? 14.806  -0.777  -2.100  1.00 40.25 ? 281 LEU A CD2 1 
ATOM   233  N N   . ALA A 1 29  ? 11.182  2.736   -2.517  1.00 35.92 ? 282 ALA A N   1 
ATOM   234  C CA  . ALA A 1 29  ? 10.196  3.101   -1.513  1.00 34.49 ? 282 ALA A CA  1 
ATOM   235  C C   . ALA A 1 29  ? 9.282   1.933   -1.168  1.00 34.05 ? 282 ALA A C   1 
ATOM   236  O O   . ALA A 1 29  ? 9.005   1.073   -2.004  1.00 35.63 ? 282 ALA A O   1 
ATOM   237  C CB  . ALA A 1 29  ? 9.378   4.295   -1.984  1.00 33.06 ? 282 ALA A CB  1 
ATOM   238  N N   . VAL A 1 30  ? 8.823   1.910   0.078   1.00 31.87 ? 283 VAL A N   1 
ATOM   239  C CA  . VAL A 1 30  ? 7.839   0.937   0.517   1.00 31.15 ? 283 VAL A CA  1 
ATOM   240  C C   . VAL A 1 30  ? 6.582   1.673   0.958   1.00 30.82 ? 283 VAL A C   1 
ATOM   241  O O   . VAL A 1 30  ? 6.626   2.513   1.859   1.00 31.42 ? 283 VAL A O   1 
ATOM   242  C CB  . VAL A 1 30  ? 8.360   0.086   1.688   1.00 31.59 ? 283 VAL A CB  1 
ATOM   243  C CG1 . VAL A 1 30  ? 7.230   -0.732  2.293   1.00 31.20 ? 283 VAL A CG1 1 
ATOM   244  C CG2 . VAL A 1 30  ? 9.495   -0.814  1.226   1.00 33.19 ? 283 VAL A CG2 1 
ATOM   245  N N   . LEU A 1 31  ? 5.467   1.364   0.307   1.00 30.07 ? 284 LEU A N   1 
ATOM   246  C CA  . LEU A 1 31  ? 4.188   1.970   0.646   1.00 30.45 ? 284 LEU A CA  1 
ATOM   247  C C   . LEU A 1 31  ? 3.289   0.959   1.341   1.00 30.25 ? 284 LEU A C   1 
ATOM   248  O O   . LEU A 1 31  ? 3.179   -0.189  0.911   1.00 31.90 ? 284 LEU A O   1 
ATOM   249  C CB  . LEU A 1 31  ? 3.485   2.484   -0.610  1.00 30.01 ? 284 LEU A CB  1 
ATOM   250  C CG  . LEU A 1 31  ? 3.910   3.826   -1.201  1.00 30.69 ? 284 LEU A CG  1 
ATOM   251  C CD1 . LEU A 1 31  ? 5.405   3.864   -1.471  1.00 31.41 ? 284 LEU A CD1 1 
ATOM   252  C CD2 . LEU A 1 31  ? 3.114   4.099   -2.469  1.00 30.36 ? 284 LEU A CD2 1 
ATOM   253  N N   . PHE A 1 32  ? 2.648   1.397   2.417   1.00 29.31 ? 285 PHE A N   1 
ATOM   254  C CA  . PHE A 1 32  ? 1.669   0.588   3.127   1.00 29.34 ? 285 PHE A CA  1 
ATOM   255  C C   . PHE A 1 32  ? 0.280   1.153   2.895   1.00 30.82 ? 285 PHE A C   1 
ATOM   256  O O   . PHE A 1 32  ? 0.046   2.342   3.114   1.00 30.01 ? 285 PHE A O   1 
ATOM   257  C CB  . PHE A 1 32  ? 1.953   0.622   4.622   1.00 28.14 ? 285 PHE A CB  1 
ATOM   258  C CG  . PHE A 1 32  ? 2.687   -0.578  5.129   1.00 27.37 ? 285 PHE A CG  1 
ATOM   259  C CD1 . PHE A 1 32  ? 2.067   -1.459  5.998   1.00 27.06 ? 285 PHE A CD1 1 
ATOM   260  C CD2 . PHE A 1 32  ? 3.992   -0.824  4.745   1.00 27.72 ? 285 PHE A CD2 1 
ATOM   261  C CE1 . PHE A 1 32  ? 2.738   -2.566  6.477   1.00 27.48 ? 285 PHE A CE1 1 
ATOM   262  C CE2 . PHE A 1 32  ? 4.670   -1.931  5.219   1.00 28.02 ? 285 PHE A CE2 1 
ATOM   263  C CZ  . PHE A 1 32  ? 4.040   -2.805  6.087   1.00 27.58 ? 285 PHE A CZ  1 
ATOM   264  N N   . ILE A 1 33  ? -0.648  0.306   2.471   1.00 31.92 ? 286 ILE A N   1 
ATOM   265  C CA  . ILE A 1 33  ? -2.003  0.764   2.199   1.00 33.51 ? 286 ILE A CA  1 
ATOM   266  C C   . ILE A 1 33  ? -3.010  0.074   3.112   1.00 34.05 ? 286 ILE A C   1 
ATOM   267  O O   . ILE A 1 33  ? -3.073  -1.154  3.165   1.00 34.06 ? 286 ILE A O   1 
ATOM   268  C CB  . ILE A 1 33  ? -2.379  0.524   0.725   1.00 33.24 ? 286 ILE A CB  1 
ATOM   269  C CG1 . ILE A 1 33  ? -1.226  0.953   -0.187  1.00 32.29 ? 286 ILE A CG1 1 
ATOM   270  C CG2 . ILE A 1 33  ? -3.662  1.262   0.375   1.00 34.57 ? 286 ILE A CG2 1 
ATOM   271  C CD1 . ILE A 1 33  ? -1.514  0.783   -1.663  1.00 31.96 ? 286 ILE A CD1 1 
ATOM   272  N N   . ASP A 1 34  ? -3.791  0.865   3.840   1.00 36.62 ? 287 ASP A N   1 
ATOM   273  C CA  . ASP A 1 34  ? -4.834  0.313   4.693   1.00 40.18 ? 287 ASP A CA  1 
ATOM   274  C C   . ASP A 1 34  ? -6.199  0.813   4.240   1.00 41.67 ? 287 ASP A C   1 
ATOM   275  O O   . ASP A 1 34  ? -6.477  2.012   4.292   1.00 41.96 ? 287 ASP A O   1 
ATOM   276  C CB  . ASP A 1 34  ? -4.601  0.692   6.158   1.00 42.51 ? 287 ASP A CB  1 
ATOM   277  C CG  . ASP A 1 34  ? -5.403  -0.171  7.116   1.00 44.11 ? 287 ASP A CG  1 
ATOM   278  O OD1 . ASP A 1 34  ? -6.528  0.232   7.486   1.00 46.25 ? 287 ASP A OD1 1 
ATOM   279  O OD2 . ASP A 1 34  ? -4.914  -1.261  7.489   1.00 46.37 ? 287 ASP A OD2 1 
ATOM   280  N N   . SER A 1 35  ? -7.047  -0.102  3.786   1.00 44.76 ? 288 SER A N   1 
ATOM   281  C CA  . SER A 1 35  ? -8.404  0.263   3.402   1.00 48.48 ? 288 SER A CA  1 
ATOM   282  C C   . SER A 1 35  ? -9.095  0.955   4.571   1.00 51.33 ? 288 SER A C   1 
ATOM   283  O O   . SER A 1 35  ? -9.055  0.468   5.701   1.00 52.74 ? 288 SER A O   1 
ATOM   284  C CB  . SER A 1 35  ? -9.196  -0.971  2.974   1.00 50.43 ? 288 SER A CB  1 
ATOM   285  O OG  . SER A 1 35  ? -10.568 -0.656  2.800   1.00 56.39 ? 288 SER A OG  1 
ATOM   286  N N   . ASP A 1 36  ? -9.725  2.091   4.296   1.00 54.12 ? 289 ASP A N   1 
ATOM   287  C CA  . ASP A 1 36  ? -10.383 2.872   5.340   1.00 56.87 ? 289 ASP A CA  1 
ATOM   288  C C   . ASP A 1 36  ? -11.681 2.228   5.820   1.00 59.75 ? 289 ASP A C   1 
ATOM   289  O O   . ASP A 1 36  ? -12.471 1.727   5.019   1.00 56.99 ? 289 ASP A O   1 
ATOM   290  C CB  . ASP A 1 36  ? -10.657 4.296   4.852   1.00 56.99 ? 289 ASP A CB  1 
ATOM   291  C CG  . ASP A 1 36  ? -9.395  5.128   4.740   1.00 57.51 ? 289 ASP A CG  1 
ATOM   292  O OD1 . ASP A 1 36  ? -8.345  4.690   5.255   1.00 57.58 ? 289 ASP A OD1 1 
ATOM   293  O OD2 . ASP A 1 36  ? -9.456  6.221   4.141   1.00 57.72 ? 289 ASP A OD2 1 
ATOM   294  N N   . ARG A 1 37  ? -11.892 2.247   7.134   1.00 61.29 ? 290 ARG A N   1 
ATOM   295  C CA  . ARG A 1 37  ? -13.137 1.758   7.722   1.00 62.26 ? 290 ARG A CA  1 
ATOM   296  C C   . ARG A 1 37  ? -13.506 0.373   7.200   1.00 61.06 ? 290 ARG A C   1 
ATOM   297  O O   . ARG A 1 37  ? -14.625 0.159   6.733   1.00 60.56 ? 290 ARG A O   1 
ATOM   298  C CB  . ARG A 1 37  ? -14.280 2.731   7.425   1.00 63.20 ? 290 ARG A CB  1 
ATOM   299  C CG  . ARG A 1 37  ? -14.208 4.063   8.156   0.01 63.01 ? 290 ARG A CG  1 
ATOM   300  C CD  . ARG A 1 37  ? -15.166 4.108   9.338   0.01 63.14 ? 290 ARG A CD  1 
ATOM   301  N NE  . ARG A 1 37  ? -15.755 5.437   9.492   0.01 63.22 ? 290 ARG A NE  1 
ATOM   302  C CZ  . ARG A 1 37  ? -16.591 5.782   10.467  0.01 63.25 ? 290 ARG A CZ  1 
ATOM   303  N NH1 . ARG A 1 37  ? -16.942 4.894   11.391  0.01 63.25 ? 290 ARG A NH1 1 
ATOM   304  N NH2 . ARG A 1 37  ? -17.074 7.016   10.518  0.01 63.26 ? 290 ARG A NH2 1 
ATOM   305  N N   . PHE A 1 38  ? -12.569 -0.564  7.279   1.00 59.25 ? 291 PHE A N   1 
ATOM   306  C CA  . PHE A 1 38  ? -12.802 -1.913  6.777   1.00 57.05 ? 291 PHE A CA  1 
ATOM   307  C C   . PHE A 1 38  ? -13.733 -2.711  7.688   1.00 58.26 ? 291 PHE A C   1 
ATOM   308  O O   . PHE A 1 38  ? -14.634 -3.402  7.215   1.00 55.25 ? 291 PHE A O   1 
ATOM   309  C CB  . PHE A 1 38  ? -11.477 -2.654  6.590   1.00 54.34 ? 291 PHE A CB  1 
ATOM   310  C CG  . PHE A 1 38  ? -11.623 -4.010  5.962   1.00 54.89 ? 291 PHE A CG  1 
ATOM   311  C CD1 . PHE A 1 38  ? -12.243 -4.154  4.732   1.00 55.39 ? 291 PHE A CD1 1 
ATOM   312  C CD2 . PHE A 1 38  ? -11.133 -5.139  6.597   1.00 54.67 ? 291 PHE A CD2 1 
ATOM   313  C CE1 . PHE A 1 38  ? -12.379 -5.400  4.149   1.00 56.08 ? 291 PHE A CE1 1 
ATOM   314  C CE2 . PHE A 1 38  ? -11.264 -6.388  6.019   1.00 56.36 ? 291 PHE A CE2 1 
ATOM   315  C CZ  . PHE A 1 38  ? -11.889 -6.519  4.794   1.00 56.45 ? 291 PHE A CZ  1 
ATOM   316  N N   . LYS A 1 39  ? -13.511 -2.606  8.994   1.00 61.46 ? 292 LYS A N   1 
ATOM   317  C CA  . LYS A 1 39  ? -14.301 -3.353  9.970   1.00 61.51 ? 292 LYS A CA  1 
ATOM   318  C C   . LYS A 1 39  ? -15.793 -3.050  9.861   1.00 60.41 ? 292 LYS A C   1 
ATOM   319  O O   . LYS A 1 39  ? -16.617 -3.962  9.794   1.00 60.07 ? 292 LYS A O   1 
ATOM   320  C CB  . LYS A 1 39  ? -13.815 -3.068  11.392  1.00 63.35 ? 292 LYS A CB  1 
ATOM   321  C CG  . LYS A 1 39  ? -14.593 -3.810  12.467  1.00 66.84 ? 292 LYS A CG  1 
ATOM   322  C CD  . LYS A 1 39  ? -14.174 -3.371  13.860  1.00 70.01 ? 292 LYS A CD  1 
ATOM   323  C CE  . LYS A 1 39  ? -14.962 -4.108  14.931  1.00 71.44 ? 292 LYS A CE  1 
ATOM   324  N NZ  . LYS A 1 39  ? -14.714 -5.577  14.891  1.00 71.80 ? 292 LYS A NZ  1 
ATOM   325  N N   . GLU A 1 40  ? -16.138 -1.765  9.850   1.00 60.18 ? 293 GLU A N   1 
ATOM   326  C CA  . GLU A 1 40  ? -17.534 -1.353  9.760   1.00 61.65 ? 293 GLU A CA  1 
ATOM   327  C C   . GLU A 1 40  ? -18.213 -1.971  8.542   1.00 63.05 ? 293 GLU A C   1 
ATOM   328  O O   . GLU A 1 40  ? -19.366 -2.395  8.610   1.00 67.72 ? 293 GLU A O   1 
ATOM   329  C CB  . GLU A 1 40  ? -17.650 0.171   9.710   1.00 62.04 ? 293 GLU A CB  1 
ATOM   330  C CG  . GLU A 1 40  ? -17.210 0.877   10.983  0.01 61.88 ? 293 GLU A CG  1 
ATOM   331  C CD  . GLU A 1 40  ? -15.707 0.843   11.182  0.01 61.91 ? 293 GLU A CD  1 
ATOM   332  O OE1 . GLU A 1 40  ? -14.999 0.325   10.294  0.01 61.84 ? 293 GLU A OE1 1 
ATOM   333  O OE2 . GLU A 1 40  ? -15.233 1.339   12.226  0.01 61.94 ? 293 GLU A OE2 1 
ATOM   334  N N   . ILE A 1 41  ? -17.488 -2.017  7.428   1.00 62.69 ? 294 ILE A N   1 
ATOM   335  C CA  . ILE A 1 41  ? -18.017 -2.593  6.197   1.00 62.24 ? 294 ILE A CA  1 
ATOM   336  C C   . ILE A 1 41  ? -18.363 -4.066  6.392   1.00 61.39 ? 294 ILE A C   1 
ATOM   337  O O   . ILE A 1 41  ? -19.413 -4.531  5.949   1.00 60.93 ? 294 ILE A O   1 
ATOM   338  C CB  . ILE A 1 41  ? -17.016 -2.456  5.034   1.00 62.49 ? 294 ILE A CB  1 
ATOM   339  C CG1 . ILE A 1 41  ? -16.593 -0.996  4.863   1.00 63.61 ? 294 ILE A CG1 1 
ATOM   340  C CG2 . ILE A 1 41  ? -17.618 -2.995  3.746   1.00 61.91 ? 294 ILE A CG2 1 
ATOM   341  C CD1 . ILE A 1 41  ? -15.605 -0.774  3.739   1.00 61.84 ? 294 ILE A CD1 1 
ATOM   342  N N   . ASN A 1 42  ? -17.471 -4.795  7.057   1.00 59.84 ? 295 ASN A N   1 
ATOM   343  C CA  . ASN A 1 42  ? -17.702 -6.205  7.349   1.00 60.58 ? 295 ASN A CA  1 
ATOM   344  C C   . ASN A 1 42  ? -18.942 -6.413  8.209   1.00 62.21 ? 295 ASN A C   1 
ATOM   345  O O   . ASN A 1 42  ? -19.822 -7.204  7.866   1.00 63.29 ? 295 ASN A O   1 
ATOM   346  C CB  . ASN A 1 42  ? -16.480 -6.819  8.035   1.00 61.30 ? 295 ASN A CB  1 
ATOM   347  C CG  . ASN A 1 42  ? -15.340 -7.082  7.072   1.00 62.54 ? 295 ASN A CG  1 
ATOM   348  O OD1 . ASN A 1 42  ? -15.549 -7.210  5.866   1.00 62.75 ? 295 ASN A OD1 1 
ATOM   349  N ND2 . ASN A 1 42  ? -14.126 -7.170  7.601   1.00 63.77 ? 295 ASN A ND2 1 
ATOM   350  N N   . ASP A 1 43  ? -19.005 -5.700  9.328   1.00 61.23 ? 296 ASP A N   1 
ATOM   351  C CA  . ASP A 1 43  ? -20.139 -5.798  10.240  1.00 59.41 ? 296 ASP A CA  1 
ATOM   352  C C   . ASP A 1 43  ? -21.459 -5.520  9.530   1.00 59.76 ? 296 ASP A C   1 
ATOM   353  O O   . ASP A 1 43  ? -22.424 -6.271  9.673   1.00 62.94 ? 296 ASP A O   1 
ATOM   354  C CB  . ASP A 1 43  ? -19.967 -4.827  11.410  1.00 60.61 ? 296 ASP A CB  1 
ATOM   355  C CG  . ASP A 1 43  ? -18.829 -5.217  12.333  1.00 63.06 ? 296 ASP A CG  1 
ATOM   356  O OD1 . ASP A 1 43  ? -18.312 -6.347  12.200  1.00 62.79 ? 296 ASP A OD1 1 
ATOM   357  O OD2 . ASP A 1 43  ? -18.453 -4.395  13.195  1.00 62.77 ? 296 ASP A OD2 1 
ATOM   358  N N   . ARG A 1 44  ? -21.493 -4.437  8.760   1.00 57.51 ? 297 ARG A N   1 
ATOM   359  C CA  . ARG A 1 44  ? -22.725 -3.986  8.122   1.00 56.92 ? 297 ARG A CA  1 
ATOM   360  C C   . ARG A 1 44  ? -23.073 -4.777  6.864   1.00 58.45 ? 297 ARG A C   1 
ATOM   361  O O   . ARG A 1 44  ? -24.248 -4.965  6.550   1.00 60.40 ? 297 ARG A O   1 
ATOM   362  C CB  . ARG A 1 44  ? -22.633 -2.494  7.794   1.00 55.38 ? 297 ARG A CB  1 
ATOM   363  C CG  . ARG A 1 44  ? -22.379 -1.610  9.005   0.01 56.02 ? 297 ARG A CG  1 
ATOM   364  C CD  . ARG A 1 44  ? -22.241 -0.150  8.607   0.01 55.86 ? 297 ARG A CD  1 
ATOM   365  N NE  . ARG A 1 44  ? -22.114 0.720   9.773   0.01 55.82 ? 297 ARG A NE  1 
ATOM   366  C CZ  . ARG A 1 44  ? -22.007 2.043   9.711   0.01 55.82 ? 297 ARG A CZ  1 
ATOM   367  N NH1 . ARG A 1 44  ? -22.013 2.655   8.535   0.01 55.79 ? 297 ARG A NH1 1 
ATOM   368  N NH2 . ARG A 1 44  ? -21.897 2.754   10.823  0.01 55.79 ? 297 ARG A NH2 1 
ATOM   369  N N   . LEU A 1 45  ? -22.055 -5.242  6.148   1.00 58.25 ? 298 LEU A N   1 
ATOM   370  C CA  . LEU A 1 45  ? -22.274 -5.928  4.879   1.00 53.98 ? 298 LEU A CA  1 
ATOM   371  C C   . LEU A 1 45  ? -21.823 -7.384  4.913   1.00 52.49 ? 298 LEU A C   1 
ATOM   372  O O   . LEU A 1 45  ? -22.221 -8.184  4.067   1.00 53.75 ? 298 LEU A O   1 
ATOM   373  C CB  . LEU A 1 45  ? -21.568 -5.185  3.744   1.00 53.41 ? 298 LEU A CB  1 
ATOM   374  C CG  . LEU A 1 45  ? -21.914 -3.701  3.606   1.00 53.34 ? 298 LEU A CG  1 
ATOM   375  C CD1 . LEU A 1 45  ? -21.169 -3.085  2.432   1.00 55.76 ? 298 LEU A CD1 1 
ATOM   376  C CD2 . LEU A 1 45  ? -23.415 -3.514  3.448   1.00 54.55 ? 298 LEU A CD2 1 
ATOM   377  N N   . GLY A 1 46  ? -20.990 -7.724  5.890   1.00 51.38 ? 299 GLY A N   1 
ATOM   378  C CA  . GLY A 1 46  ? -20.481 -9.084  6.016   1.00 53.29 ? 299 GLY A CA  1 
ATOM   379  C C   . GLY A 1 46  ? -19.114 -9.248  5.382   1.00 53.48 ? 299 GLY A C   1 
ATOM   380  O O   . GLY A 1 46  ? -18.655 -8.381  4.638   1.00 54.60 ? 299 GLY A O   1 
ATOM   381  N N   . HIS A 1 47  ? -18.462 -10.369 5.674   1.00 53.12 ? 300 HIS A N   1 
ATOM   382  C CA  . HIS A 1 47  ? -17.118 -10.630 5.169   1.00 53.40 ? 300 HIS A CA  1 
ATOM   383  C C   . HIS A 1 47  ? -17.102 -10.886 3.690   1.00 52.25 ? 300 HIS A C   1 
ATOM   384  O O   . HIS A 1 47  ? -16.129 -10.561 3.008   1.00 52.58 ? 300 HIS A O   1 
ATOM   385  C CB  . HIS A 1 47  ? -16.486 -11.793 5.923   1.00 55.44 ? 300 HIS A CB  1 
ATOM   386  C CG  . HIS A 1 47  ? -16.115 -11.463 7.349   1.00 61.10 ? 300 HIS A CG  1 
ATOM   387  N ND1 . HIS A 1 47  ? -17.037 -11.232 8.302   1.00 62.58 ? 300 HIS A ND1 1 
ATOM   388  C CD2 . HIS A 1 47  ? -14.872 -11.325 7.963   1.00 62.29 ? 300 HIS A CD2 1 
ATOM   389  C CE1 . HIS A 1 47  ? -16.420 -10.961 9.467   1.00 63.45 ? 300 HIS A CE1 1 
ATOM   390  N NE2 . HIS A 1 47  ? -15.094 -11.019 9.259   1.00 62.58 ? 300 HIS A NE2 1 
ATOM   391  N N   . ALA A 1 48  ? -18.178 -11.473 3.176   1.00 51.29 ? 301 ALA A N   1 
ATOM   392  C CA  . ALA A 1 48  ? -18.290 -11.737 1.746   1.00 48.93 ? 301 ALA A CA  1 
ATOM   393  C C   . ALA A 1 48  ? -18.109 -10.451 0.947   1.00 48.59 ? 301 ALA A C   1 
ATOM   394  O O   . ALA A 1 48  ? -17.414 -10.431 -0.069  1.00 47.45 ? 301 ALA A O   1 
ATOM   395  C CB  . ALA A 1 48  ? -19.632 -12.379 1.427   1.00 47.26 ? 301 ALA A CB  1 
ATOM   396  N N   . ALA A 1 49  ? -18.739 -9.379  1.415   1.00 47.96 ? 302 ALA A N   1 
ATOM   397  C CA  . ALA A 1 49  ? -18.631 -8.080  0.765   1.00 45.36 ? 302 ALA A CA  1 
ATOM   398  C C   . ALA A 1 49  ? -17.234 -7.503  0.954   1.00 44.27 ? 302 ALA A C   1 
ATOM   399  O O   . ALA A 1 49  ? -16.679 -6.884  0.046   1.00 46.84 ? 302 ALA A O   1 
ATOM   400  C CB  . ALA A 1 49  ? -19.680 -7.123  1.311   1.00 46.46 ? 302 ALA A CB  1 
ATOM   401  N N   . GLY A 1 50  ? -16.670 -7.710  2.139   1.00 42.45 ? 303 GLY A N   1 
ATOM   402  C CA  . GLY A 1 50  ? -15.321 -7.243  2.433   1.00 41.26 ? 303 GLY A CA  1 
ATOM   403  C C   . GLY A 1 50  ? -14.323 -7.769  1.421   1.00 40.49 ? 303 GLY A C   1 
ATOM   404  O O   . GLY A 1 50  ? -13.462 -7.032  0.941   1.00 40.35 ? 303 GLY A O   1 
ATOM   405  N N   . ASP A 1 51  ? -14.440 -9.053  1.097   1.00 38.20 ? 304 ASP A N   1 
ATOM   406  C CA  . ASP A 1 51  ? -13.572 -9.676  0.108   1.00 38.21 ? 304 ASP A CA  1 
ATOM   407  C C   . ASP A 1 51  ? -13.709 -8.983  -1.243  1.00 36.79 ? 304 ASP A C   1 
ATOM   408  O O   . ASP A 1 51  ? -12.722 -8.522  -1.817  1.00 36.93 ? 304 ASP A O   1 
ATOM   409  C CB  . ASP A 1 51  ? -13.896 -11.164 -0.028  1.00 39.81 ? 304 ASP A CB  1 
ATOM   410  C CG  . ASP A 1 51  ? -13.676 -11.927 1.262   1.00 42.04 ? 304 ASP A CG  1 
ATOM   411  O OD1 . ASP A 1 51  ? -13.005 -11.386 2.167   1.00 42.42 ? 304 ASP A OD1 1 
ATOM   412  O OD2 . ASP A 1 51  ? -14.172 -13.068 1.374   1.00 43.17 ? 304 ASP A OD2 1 
ATOM   413  N N   . THR A 1 52  ? -14.938 -8.910  -1.744  1.00 33.26 ? 305 THR A N   1 
ATOM   414  C CA  . THR A 1 52  ? -15.198 -8.257  -3.019  1.00 32.80 ? 305 THR A CA  1 
ATOM   415  C C   . THR A 1 52  ? -14.520 -6.893  -3.070  1.00 33.83 ? 305 THR A C   1 
ATOM   416  O O   . THR A 1 52  ? -14.047 -6.462  -4.121  1.00 36.12 ? 305 THR A O   1 
ATOM   417  C CB  . THR A 1 52  ? -16.707 -8.088  -3.272  1.00 31.38 ? 305 THR A CB  1 
ATOM   418  O OG1 . THR A 1 52  ? -17.349 -9.368  -3.224  1.00 31.43 ? 305 THR A OG1 1 
ATOM   419  C CG2 . THR A 1 52  ? -16.951 -7.456  -4.633  1.00 30.88 ? 305 THR A CG2 1 
ATOM   420  N N   . VAL A 1 53  ? -14.472 -6.218  -1.925  1.00 32.96 ? 306 VAL A N   1 
ATOM   421  C CA  . VAL A 1 53  ? -13.832 -4.911  -1.838  1.00 33.71 ? 306 VAL A CA  1 
ATOM   422  C C   . VAL A 1 53  ? -12.315 -5.037  -1.927  1.00 34.50 ? 306 VAL A C   1 
ATOM   423  O O   . VAL A 1 53  ? -11.663 -4.283  -2.650  1.00 36.97 ? 306 VAL A O   1 
ATOM   424  C CB  . VAL A 1 53  ? -14.210 -4.177  -0.539  1.00 33.84 ? 306 VAL A CB  1 
ATOM   425  C CG1 . VAL A 1 53  ? -13.415 -2.887  -0.408  1.00 33.98 ? 306 VAL A CG1 1 
ATOM   426  C CG2 . VAL A 1 53  ? -15.705 -3.895  -0.507  1.00 34.10 ? 306 VAL A CG2 1 
ATOM   427  N N   . LEU A 1 54  ? -11.756 -5.992  -1.189  1.00 32.67 ? 307 LEU A N   1 
ATOM   428  C CA  . LEU A 1 54  ? -10.319 -6.242  -1.232  1.00 31.80 ? 307 LEU A CA  1 
ATOM   429  C C   . LEU A 1 54  ? -9.870  -6.548  -2.656  1.00 31.00 ? 307 LEU A C   1 
ATOM   430  O O   . LEU A 1 54  ? -8.915  -5.954  -3.156  1.00 30.43 ? 307 LEU A O   1 
ATOM   431  C CB  . LEU A 1 54  ? -9.940  -7.396  -0.302  1.00 31.28 ? 307 LEU A CB  1 
ATOM   432  C CG  . LEU A 1 54  ? -10.042 -7.126  1.201   1.00 31.08 ? 307 LEU A CG  1 
ATOM   433  C CD1 . LEU A 1 54  ? -9.563  -8.331  1.995   1.00 29.36 ? 307 LEU A CD1 1 
ATOM   434  C CD2 . LEU A 1 54  ? -9.248  -5.883  1.575   1.00 31.00 ? 307 LEU A CD2 1 
ATOM   435  N N   . VAL A 1 55  ? -10.564 -7.478  -3.303  1.00 31.16 ? 308 VAL A N   1 
ATOM   436  C CA  . VAL A 1 55  ? -10.259 -7.838  -4.681  1.00 31.35 ? 308 VAL A CA  1 
ATOM   437  C C   . VAL A 1 55  ? -10.228 -6.592  -5.557  1.00 31.19 ? 308 VAL A C   1 
ATOM   438  O O   . VAL A 1 55  ? -9.249  -6.338  -6.259  1.00 30.35 ? 308 VAL A O   1 
ATOM   439  C CB  . VAL A 1 55  ? -11.291 -8.831  -5.246  1.00 31.37 ? 308 VAL A CB  1 
ATOM   440  C CG1 . VAL A 1 55  ? -10.983 -9.143  -6.703  1.00 30.90 ? 308 VAL A CG1 1 
ATOM   441  C CG2 . VAL A 1 55  ? -11.315 -10.105 -4.415  1.00 31.80 ? 308 VAL A CG2 1 
ATOM   442  N N   . ASN A 1 56  ? -11.306 -5.817  -5.511  1.00 31.35 ? 309 ASN A N   1 
ATOM   443  C CA  . ASN A 1 56  ? -11.393 -4.582  -6.284  1.00 31.39 ? 309 ASN A CA  1 
ATOM   444  C C   . ASN A 1 56  ? -10.248 -3.626  -5.967  1.00 30.67 ? 309 ASN A C   1 
ATOM   445  O O   . ASN A 1 56  ? -9.670  -3.016  -6.868  1.00 29.90 ? 309 ASN A O   1 
ATOM   446  C CB  . ASN A 1 56  ? -12.742 -3.897  -6.052  1.00 31.45 ? 309 ASN A CB  1 
ATOM   447  C CG  . ASN A 1 56  ? -13.873 -4.571  -6.806  1.00 32.76 ? 309 ASN A CG  1 
ATOM   448  O OD1 . ASN A 1 56  ? -14.922 -4.954  -6.086  1.00 32.84 ? 309 ASN A OD1 1 
ATOM   449  N ND2 . ASN A 1 56  ? -13.807 -4.742  -8.024  1.00 33.37 ? 309 ASN A ND2 1 
ATOM   450  N N   . ILE A 1 57  ? -9.923  -3.500  -4.684  1.00 29.68 ? 310 ILE A N   1 
ATOM   451  C CA  . ILE A 1 57  ? -8.820  -2.650  -4.256  1.00 29.47 ? 310 ILE A CA  1 
ATOM   452  C C   . ILE A 1 57  ? -7.496  -3.148  -4.826  1.00 29.95 ? 310 ILE A C   1 
ATOM   453  O O   . ILE A 1 57  ? -6.645  -2.356  -5.228  1.00 29.61 ? 310 ILE A O   1 
ATOM   454  C CB  . ILE A 1 57  ? -8.716  -2.586  -2.721  1.00 29.14 ? 310 ILE A CB  1 
ATOM   455  C CG1 . ILE A 1 57  ? -9.973  -1.949  -2.127  1.00 29.03 ? 310 ILE A CG1 1 
ATOM   456  C CG2 . ILE A 1 57  ? -7.480  -1.805  -2.303  1.00 29.01 ? 310 ILE A CG2 1 
ATOM   457  C CD1 . ILE A 1 57  ? -9.922  -1.787  -0.624  1.00 29.76 ? 310 ILE A CD1 1 
ATOM   458  N N   . ALA A 1 58  ? -7.330  -4.467  -4.856  1.00 30.66 ? 311 ALA A N   1 
ATOM   459  C CA  . ALA A 1 58  ? -6.118  -5.074  -5.392  1.00 31.15 ? 311 ALA A CA  1 
ATOM   460  C C   . ALA A 1 58  ? -5.897  -4.667  -6.845  1.00 31.77 ? 311 ALA A C   1 
ATOM   461  O O   . ALA A 1 58  ? -4.782  -4.323  -7.240  1.00 31.66 ? 311 ALA A O   1 
ATOM   462  C CB  . ALA A 1 58  ? -6.185  -6.588  -5.269  1.00 30.94 ? 311 ALA A CB  1 
ATOM   463  N N   . MET A 1 59  ? -6.964  -4.706  -7.635  1.00 33.37 ? 312 MET A N   1 
ATOM   464  C CA  . MET A 1 59  ? -6.888  -4.326  -9.040  1.00 35.05 ? 312 MET A CA  1 
ATOM   465  C C   . MET A 1 59  ? -6.610  -2.835  -9.195  1.00 35.50 ? 312 MET A C   1 
ATOM   466  O O   . MET A 1 59  ? -5.816  -2.427  -10.041 1.00 36.11 ? 312 MET A O   1 
ATOM   467  C CB  . MET A 1 59  ? -8.181  -4.697  -9.771  1.00 36.24 ? 312 MET A CB  1 
ATOM   468  C CG  . MET A 1 59  ? -8.398  -6.193  -9.929  1.00 39.15 ? 312 MET A CG  1 
ATOM   469  S SD  . MET A 1 59  ? -7.095  -6.991  -10.889 0.50 40.14 ? 312 MET A SD  1 
ATOM   470  C CE  . MET A 1 59  ? -7.252  -6.132  -12.453 0.50 39.72 ? 312 MET A CE  1 
ATOM   471  N N   . ARG A 1 60  ? -7.266  -2.025  -8.370  1.00 35.16 ? 313 ARG A N   1 
ATOM   472  C CA  . ARG A 1 60  ? -7.100  -0.577  -8.439  1.00 35.81 ? 313 ARG A CA  1 
ATOM   473  C C   . ARG A 1 60  ? -5.685  -0.151  -8.064  1.00 36.87 ? 313 ARG A C   1 
ATOM   474  O O   . ARG A 1 60  ? -5.194  0.877   -8.529  1.00 37.24 ? 313 ARG A O   1 
ATOM   475  C CB  . ARG A 1 60  ? -8.130  0.128   -7.552  1.00 35.53 ? 313 ARG A CB  1 
ATOM   476  C CG  . ARG A 1 60  ? -9.564  -0.066  -8.016  1.00 36.03 ? 313 ARG A CG  1 
ATOM   477  C CD  . ARG A 1 60  ? -10.516 0.881   -7.308  1.00 36.37 ? 313 ARG A CD  1 
ATOM   478  N NE  . ARG A 1 60  ? -11.870 0.788   -7.847  1.00 36.49 ? 313 ARG A NE  1 
ATOM   479  C CZ  . ARG A 1 60  ? -12.885 1.548   -7.455  1.00 36.92 ? 313 ARG A CZ  1 
ATOM   480  N NH1 . ARG A 1 60  ? -12.705 2.468   -6.516  1.00 38.00 ? 313 ARG A NH1 1 
ATOM   481  N NH2 . ARG A 1 60  ? -14.083 1.393   -8.001  1.00 35.88 ? 313 ARG A NH2 1 
ATOM   482  N N   . ILE A 1 61  ? -5.031  -0.945  -7.222  1.00 37.13 ? 314 ILE A N   1 
ATOM   483  C CA  . ILE A 1 61  ? -3.651  -0.674  -6.844  1.00 37.86 ? 314 ILE A CA  1 
ATOM   484  C C   . ILE A 1 61  ? -2.703  -1.090  -7.965  1.00 39.00 ? 314 ILE A C   1 
ATOM   485  O O   . ILE A 1 61  ? -1.832  -0.322  -8.373  1.00 39.23 ? 314 ILE A O   1 
ATOM   486  C CB  . ILE A 1 61  ? -3.259  -1.410  -5.549  1.00 37.04 ? 314 ILE A CB  1 
ATOM   487  C CG1 . ILE A 1 61  ? -4.150  -0.961  -4.389  1.00 35.89 ? 314 ILE A CG1 1 
ATOM   488  C CG2 . ILE A 1 61  ? -1.793  -1.168  -5.222  1.00 36.15 ? 314 ILE A CG2 1 
ATOM   489  C CD1 . ILE A 1 61  ? -3.833  -1.642  -3.075  1.00 34.86 ? 314 ILE A CD1 1 
ATOM   490  N N   . ARG A 1 62  ? -2.886  -2.309  -8.462  1.00 39.36 ? 315 ARG A N   1 
ATOM   491  C CA  . ARG A 1 62  ? -2.045  -2.839  -9.528  1.00 40.39 ? 315 ARG A CA  1 
ATOM   492  C C   . ARG A 1 62  ? -2.159  -2.006  -10.800 1.00 41.27 ? 315 ARG A C   1 
ATOM   493  O O   . ARG A 1 62  ? -1.165  -1.761  -11.483 1.00 43.00 ? 315 ARG A O   1 
ATOM   494  C CB  . ARG A 1 62  ? -2.413  -4.295  -9.822  1.00 40.23 ? 315 ARG A CB  1 
ATOM   495  C CG  . ARG A 1 62  ? -1.632  -4.915  -10.968 1.00 43.43 ? 315 ARG A CG  1 
ATOM   496  C CD  . ARG A 1 62  ? -0.144  -4.971  -10.659 1.00 46.85 ? 315 ARG A CD  1 
ATOM   497  N NE  . ARG A 1 62  ? 0.618   -5.569  -11.752 1.00 48.91 ? 315 ARG A NE  1 
ATOM   498  C CZ  . ARG A 1 62  ? 1.109   -4.886  -12.782 1.00 51.48 ? 315 ARG A CZ  1 
ATOM   499  N NH1 . ARG A 1 62  ? 0.920   -3.575  -12.862 1.00 51.33 ? 315 ARG A NH1 1 
ATOM   500  N NH2 . ARG A 1 62  ? 1.790   -5.513  -13.732 1.00 49.84 ? 315 ARG A NH2 1 
ATOM   501  N N   . GLY A 1 63  ? -3.376  -1.576  -11.113 1.00 41.13 ? 316 GLY A N   1 
ATOM   502  C CA  . GLY A 1 63  ? -3.625  -0.809  -12.328 1.00 40.63 ? 316 GLY A CA  1 
ATOM   503  C C   . GLY A 1 63  ? -3.016  0.579   -12.286 1.00 41.41 ? 316 GLY A C   1 
ATOM   504  O O   . GLY A 1 63  ? -3.223  1.385   -13.194 1.00 40.68 ? 316 GLY A O   1 
ATOM   505  N N   . GLN A 1 64  ? -2.261  0.858   -11.229 1.00 40.45 ? 317 GLN A N   1 
ATOM   506  C CA  . GLN A 1 64  ? -1.658  2.172   -11.055 1.00 39.14 ? 317 GLN A CA  1 
ATOM   507  C C   . GLN A 1 64  ? -0.152  2.050   -10.861 1.00 39.51 ? 317 GLN A C   1 
ATOM   508  O O   . GLN A 1 64  ? 0.511   3.011   -10.470 1.00 39.97 ? 317 GLN A O   1 
ATOM   509  C CB  . GLN A 1 64  ? -2.282  2.883   -9.855  1.00 40.14 ? 317 GLN A CB  1 
ATOM   510  C CG  . GLN A 1 64  ? -2.494  4.373   -10.062 1.00 42.78 ? 317 GLN A CG  1 
ATOM   511  C CD  . GLN A 1 64  ? -3.625  4.662   -11.028 1.00 43.99 ? 317 GLN A CD  1 
ATOM   512  O OE1 . GLN A 1 64  ? -4.514  3.691   -11.205 1.00 46.51 ? 317 GLN A OE1 1 
ATOM   513  N NE2 . GLN A 1 64  ? -3.698  5.744   -11.612 1.00 44.45 ? 317 GLN A NE2 1 
ATOM   514  N N   . LEU A 1 65  ? 0.384   0.867   -11.139 1.00 40.67 ? 318 LEU A N   1 
ATOM   515  C CA  . LEU A 1 65  ? 1.800   0.598   -10.913 1.00 43.57 ? 318 LEU A CA  1 
ATOM   516  C C   . LEU A 1 65  ? 2.547   0.271   -12.201 1.00 47.21 ? 318 LEU A C   1 
ATOM   517  O O   . LEU A 1 65  ? 1.953   -0.169  -13.185 1.00 49.73 ? 318 LEU A O   1 
ATOM   518  C CB  . LEU A 1 65  ? 1.972   -0.553  -9.920  1.00 43.54 ? 318 LEU A CB  1 
ATOM   519  C CG  . LEU A 1 65  ? 1.308   -0.392  -8.552  1.00 43.27 ? 318 LEU A CG  1 
ATOM   520  C CD1 . LEU A 1 65  ? 1.590   -1.604  -7.677  1.00 43.11 ? 318 LEU A CD1 1 
ATOM   521  C CD2 . LEU A 1 65  ? 1.780   0.884   -7.873  1.00 44.41 ? 318 LEU A CD2 1 
ATOM   522  N N   . ARG A 1 66  ? 3.857   0.490   -12.181 1.00 48.41 ? 319 ARG A N   1 
ATOM   523  C CA  . ARG A 1 66  ? 4.719   0.110   -13.290 1.00 49.47 ? 319 ARG A CA  1 
ATOM   524  C C   . ARG A 1 66  ? 5.052   -1.372  -13.173 1.00 50.16 ? 319 ARG A C   1 
ATOM   525  O O   . ARG A 1 66  ? 5.215   -1.892  -12.070 1.00 52.49 ? 319 ARG A O   1 
ATOM   526  C CB  . ARG A 1 66  ? 6.005   0.938   -13.273 1.00 50.54 ? 319 ARG A CB  1 
ATOM   527  C CG  . ARG A 1 66  ? 5.775   2.441   -13.277 1.00 51.20 ? 319 ARG A CG  1 
ATOM   528  C CD  . ARG A 1 66  ? 7.060   3.195   -12.977 1.00 51.40 ? 319 ARG A CD  1 
ATOM   529  N NE  . ARG A 1 66  ? 6.853   4.641   -12.938 0.01 51.30 ? 319 ARG A NE  1 
ATOM   530  C CZ  . ARG A 1 66  ? 7.099   5.459   -13.956 0.01 51.30 ? 319 ARG A CZ  1 
ATOM   531  N NH1 . ARG A 1 66  ? 7.564   4.976   -15.100 0.01 51.29 ? 319 ARG A NH1 1 
ATOM   532  N NH2 . ARG A 1 66  ? 6.879   6.761   -13.831 0.01 51.29 ? 319 ARG A NH2 1 
ATOM   533  N N   . GLU A 1 67  ? 5.149   -2.050  -14.311 1.00 50.64 ? 320 GLU A N   1 
ATOM   534  C CA  . GLU A 1 67  ? 5.424   -3.483  -14.322 1.00 51.00 ? 320 GLU A CA  1 
ATOM   535  C C   . GLU A 1 67  ? 6.616   -3.841  -13.438 1.00 47.56 ? 320 GLU A C   1 
ATOM   536  O O   . GLU A 1 67  ? 6.807   -5.004  -13.081 1.00 46.39 ? 320 GLU A O   1 
ATOM   537  C CB  . GLU A 1 67  ? 5.653   -3.969  -15.753 1.00 56.04 ? 320 GLU A CB  1 
ATOM   538  C CG  . GLU A 1 67  ? 4.411   -3.904  -16.628 1.00 60.37 ? 320 GLU A CG  1 
ATOM   539  C CD  . GLU A 1 67  ? 4.719   -4.126  -18.095 1.00 65.84 ? 320 GLU A CD  1 
ATOM   540  O OE1 . GLU A 1 67  ? 5.844   -3.792  -18.524 1.00 69.37 ? 320 GLU A OE1 1 
ATOM   541  O OE2 . GLU A 1 67  ? 3.835   -4.631  -18.819 1.00 65.96 ? 320 GLU A OE2 1 
ATOM   542  N N   . SER A 1 68  ? 7.410   -2.836  -13.084 1.00 45.56 ? 321 SER A N   1 
ATOM   543  C CA  . SER A 1 68  ? 8.575   -3.040  -12.230 1.00 43.66 ? 321 SER A CA  1 
ATOM   544  C C   . SER A 1 68  ? 8.184   -3.051  -10.754 1.00 41.43 ? 321 SER A C   1 
ATOM   545  O O   . SER A 1 68  ? 8.882   -3.628  -9.921  1.00 39.66 ? 321 SER A O   1 
ATOM   546  C CB  . SER A 1 68  ? 9.619   -1.951  -12.483 1.00 44.66 ? 321 SER A CB  1 
ATOM   547  O OG  . SER A 1 68  ? 10.710  -2.072  -11.587 1.00 47.21 ? 321 SER A OG  1 
ATOM   548  N N   . ASP A 1 69  ? 7.066   -2.405  -10.442 1.00 40.29 ? 322 ASP A N   1 
ATOM   549  C CA  . ASP A 1 69  ? 6.589   -2.308  -9.068  1.00 38.63 ? 322 ASP A CA  1 
ATOM   550  C C   . ASP A 1 69  ? 5.951   -3.616  -8.610  1.00 38.03 ? 322 ASP A C   1 
ATOM   551  O O   . ASP A 1 69  ? 5.620   -4.473  -9.428  1.00 37.31 ? 322 ASP A O   1 
ATOM   552  C CB  . ASP A 1 69  ? 5.593   -1.155  -8.936  1.00 39.20 ? 322 ASP A CB  1 
ATOM   553  C CG  . ASP A 1 69  ? 6.157   0.158   -9.447  1.00 39.82 ? 322 ASP A CG  1 
ATOM   554  O OD1 . ASP A 1 69  ? 7.397   0.290   -9.500  1.00 38.98 ? 322 ASP A OD1 1 
ATOM   555  O OD2 . ASP A 1 69  ? 5.361   1.056   -9.796  1.00 41.33 ? 322 ASP A OD2 1 
ATOM   556  N N   . LEU A 1 70  ? 5.783   -3.764  -7.300  1.00 38.43 ? 323 LEU A N   1 
ATOM   557  C CA  . LEU A 1 70  ? 5.242   -4.995  -6.736  1.00 37.90 ? 323 LEU A CA  1 
ATOM   558  C C   . LEU A 1 70  ? 4.092   -4.719  -5.772  1.00 38.51 ? 323 LEU A C   1 
ATOM   559  O O   . LEU A 1 70  ? 4.153   -3.791  -4.965  1.00 37.26 ? 323 LEU A O   1 
ATOM   560  C CB  . LEU A 1 70  ? 6.343   -5.780  -6.021  1.00 37.62 ? 323 LEU A CB  1 
ATOM   561  C CG  . LEU A 1 70  ? 6.026   -7.226  -5.639  1.00 38.45 ? 323 LEU A CG  1 
ATOM   562  C CD1 . LEU A 1 70  ? 7.122   -7.791  -4.749  1.00 39.08 ? 323 LEU A CD1 1 
ATOM   563  C CD2 . LEU A 1 70  ? 4.675   -7.320  -4.947  1.00 38.60 ? 323 LEU A CD2 1 
ATOM   564  N N   . VAL A 1 71  ? 3.045   -5.535  -5.862  1.00 38.82 ? 324 VAL A N   1 
ATOM   565  C CA  . VAL A 1 71  ? 1.900   -5.423  -4.967  1.00 38.37 ? 324 VAL A CA  1 
ATOM   566  C C   . VAL A 1 71  ? 1.625   -6.756  -4.283  1.00 39.55 ? 324 VAL A C   1 
ATOM   567  O O   . VAL A 1 71  ? 1.443   -7.777  -4.944  1.00 42.44 ? 324 VAL A O   1 
ATOM   568  C CB  . VAL A 1 71  ? 0.632   -4.979  -5.719  1.00 37.61 ? 324 VAL A CB  1 
ATOM   569  C CG1 . VAL A 1 71  ? -0.558  -4.939  -4.772  1.00 36.88 ? 324 VAL A CG1 1 
ATOM   570  C CG2 . VAL A 1 71  ? 0.848   -3.624  -6.372  1.00 38.79 ? 324 VAL A CG2 1 
ATOM   571  N N   . ALA A 1 72  ? 1.597   -6.741  -2.954  1.00 39.76 ? 325 ALA A N   1 
ATOM   572  C CA  . ALA A 1 72  ? 1.332   -7.947  -2.180  1.00 40.61 ? 325 ALA A CA  1 
ATOM   573  C C   . ALA A 1 72  ? 0.426   -7.636  -0.996  1.00 42.32 ? 325 ALA A C   1 
ATOM   574  O O   . ALA A 1 72  ? 0.398   -6.507  -0.506  1.00 43.88 ? 325 ALA A O   1 
ATOM   575  C CB  . ALA A 1 72  ? 2.635   -8.569  -1.704  1.00 38.31 ? 325 ALA A CB  1 
ATOM   576  N N   . ARG A 1 73  ? -0.318  -8.639  -0.540  1.00 43.67 ? 326 ARG A N   1 
ATOM   577  C CA  . ARG A 1 73  ? -1.212  -8.459  0.597   1.00 46.37 ? 326 ARG A CA  1 
ATOM   578  C C   . ARG A 1 73  ? -0.551  -8.905  1.897   1.00 45.65 ? 326 ARG A C   1 
ATOM   579  O O   . ARG A 1 73  ? -0.275  -10.089 2.090   1.00 44.54 ? 326 ARG A O   1 
ATOM   580  C CB  . ARG A 1 73  ? -2.529  -9.212  0.384   1.00 48.77 ? 326 ARG A CB  1 
ATOM   581  C CG  . ARG A 1 73  ? -3.614  -8.847  1.387   1.00 54.08 ? 326 ARG A CG  1 
ATOM   582  C CD  . ARG A 1 73  ? -4.985  -9.323  0.933   1.00 57.52 ? 326 ARG A CD  1 
ATOM   583  N NE  . ARG A 1 73  ? -5.232  -10.724 1.263   1.00 60.80 ? 326 ARG A NE  1 
ATOM   584  C CZ  . ARG A 1 73  ? -6.016  -11.131 2.256   1.00 60.20 ? 326 ARG A CZ  1 
ATOM   585  N NH1 . ARG A 1 73  ? -6.183  -12.427 2.483   1.00 59.44 ? 326 ARG A NH1 1 
ATOM   586  N NH2 . ARG A 1 73  ? -6.639  -10.244 3.021   1.00 58.54 ? 326 ARG A NH2 1 
ATOM   587  N N   . LEU A 1 74  ? -0.296  -7.946  2.782   1.00 45.76 ? 327 LEU A N   1 
ATOM   588  C CA  . LEU A 1 74  ? 0.287   -8.241  4.085   1.00 44.56 ? 327 LEU A CA  1 
ATOM   589  C C   . LEU A 1 74  ? -0.681  -9.054  4.932   1.00 42.60 ? 327 LEU A C   1 
ATOM   590  O O   . LEU A 1 74  ? -0.278  -9.719  5.886   1.00 44.39 ? 327 LEU A O   1 
ATOM   591  C CB  . LEU A 1 74  ? 0.663   -6.947  4.809   1.00 42.53 ? 327 LEU A CB  1 
ATOM   592  C CG  . LEU A 1 74  ? 1.934   -6.247  4.325   1.00 41.66 ? 327 LEU A CG  1 
ATOM   593  C CD1 . LEU A 1 74  ? 2.006   -6.247  2.806   1.00 42.89 ? 327 LEU A CD1 1 
ATOM   594  C CD2 . LEU A 1 74  ? 2.010   -4.830  4.873   1.00 40.65 ? 327 LEU A CD2 1 
ATOM   595  N N   . GLY A 1 75  ? -1.959  -8.995  4.575   1.00 39.63 ? 328 GLY A N   1 
ATOM   596  C CA  . GLY A 1 75  ? -2.989  -9.731  5.295   1.00 39.31 ? 328 GLY A CA  1 
ATOM   597  C C   . GLY A 1 75  ? -4.212  -8.887  5.597   1.00 39.54 ? 328 GLY A C   1 
ATOM   598  O O   . GLY A 1 75  ? -4.116  -7.670  5.759   1.00 40.01 ? 328 GLY A O   1 
ATOM   599  N N   . GLY A 1 76  ? -5.367  -9.538  5.667   1.00 40.27 ? 329 GLY A N   1 
ATOM   600  C CA  . GLY A 1 76  ? -6.611  -8.864  6.012   1.00 39.79 ? 329 GLY A CA  1 
ATOM   601  C C   . GLY A 1 76  ? -6.972  -7.708  5.100   1.00 41.34 ? 329 GLY A C   1 
ATOM   602  O O   . GLY A 1 76  ? -7.377  -7.909  3.956   1.00 44.85 ? 329 GLY A O   1 
ATOM   603  N N   . ASP A 1 77  ? -6.815  -6.491  5.610   1.00 42.26 ? 330 ASP A N   1 
ATOM   604  C CA  A ASP A 1 77  ? -7.211  -5.294  4.877   0.60 42.22 ? 330 ASP A CA  1 
ATOM   605  C CA  B ASP A 1 77  ? -7.209  -5.294  4.876   0.40 41.86 ? 330 ASP A CA  1 
ATOM   606  C C   . ASP A 1 77  ? -6.007  -4.491  4.389   1.00 42.31 ? 330 ASP A C   1 
ATOM   607  O O   . ASP A 1 77  ? -6.163  -3.473  3.716   1.00 42.96 ? 330 ASP A O   1 
ATOM   608  C CB  A ASP A 1 77  ? -8.099  -4.412  5.756   0.60 42.69 ? 330 ASP A CB  1 
ATOM   609  C CB  B ASP A 1 77  ? -8.096  -4.406  5.752   0.40 41.74 ? 330 ASP A CB  1 
ATOM   610  C CG  A ASP A 1 77  ? -8.520  -3.133  5.064   0.60 43.79 ? 330 ASP A CG  1 
ATOM   611  C CG  B ASP A 1 77  ? -7.399  -3.964  7.024   0.40 41.84 ? 330 ASP A CG  1 
ATOM   612  O OD1 A ASP A 1 77  ? -8.450  -3.079  3.818   0.60 45.18 ? 330 ASP A OD1 1 
ATOM   613  O OD1 B ASP A 1 77  ? -6.256  -4.407  7.264   0.40 42.33 ? 330 ASP A OD1 1 
ATOM   614  O OD2 A ASP A 1 77  ? -8.922  -2.181  5.766   0.60 44.38 ? 330 ASP A OD2 1 
ATOM   615  O OD2 B ASP A 1 77  ? -7.994  -3.172  7.786   0.40 42.39 ? 330 ASP A OD2 1 
ATOM   616  N N   . GLU A 1 78  ? -4.808  -4.953  4.726   1.00 41.15 ? 331 GLU A N   1 
ATOM   617  C CA  . GLU A 1 78  ? -3.596  -4.205  4.398   1.00 41.19 ? 331 GLU A CA  1 
ATOM   618  C C   . GLU A 1 78  ? -2.819  -4.759  3.205   1.00 39.84 ? 331 GLU A C   1 
ATOM   619  O O   . GLU A 1 78  ? -2.727  -5.972  3.014   1.00 39.64 ? 331 GLU A O   1 
ATOM   620  C CB  . GLU A 1 78  ? -2.685  -4.114  5.623   1.00 43.38 ? 331 GLU A CB  1 
ATOM   621  C CG  . GLU A 1 78  ? -3.354  -3.485  6.834   1.00 43.93 ? 331 GLU A CG  1 
ATOM   622  C CD  . GLU A 1 78  ? -2.467  -3.495  8.061   1.00 44.86 ? 331 GLU A CD  1 
ATOM   623  O OE1 . GLU A 1 78  ? -1.352  -4.050  7.983   1.00 48.23 ? 331 GLU A OE1 1 
ATOM   624  O OE2 . GLU A 1 78  ? -2.886  -2.948  9.103   1.00 46.36 ? 331 GLU A OE2 1 
ATOM   625  N N   . PHE A 1 79  ? -2.263  -3.850  2.410   1.00 37.74 ? 332 PHE A N   1 
ATOM   626  C CA  . PHE A 1 79  ? -1.439  -4.215  1.263   1.00 35.61 ? 332 PHE A CA  1 
ATOM   627  C C   . PHE A 1 79  ? -0.064  -3.564  1.371   1.00 35.97 ? 332 PHE A C   1 
ATOM   628  O O   . PHE A 1 79  ? 0.091   -2.524  2.012   1.00 37.60 ? 332 PHE A O   1 
ATOM   629  C CB  . PHE A 1 79  ? -2.108  -3.781  -0.041  1.00 34.20 ? 332 PHE A CB  1 
ATOM   630  C CG  . PHE A 1 79  ? -3.444  -4.423  -0.283  1.00 33.67 ? 332 PHE A CG  1 
ATOM   631  C CD1 . PHE A 1 79  ? -3.529  -5.674  -0.869  1.00 33.65 ? 332 PHE A CD1 1 
ATOM   632  C CD2 . PHE A 1 79  ? -4.614  -3.771  0.070   1.00 33.17 ? 332 PHE A CD2 1 
ATOM   633  C CE1 . PHE A 1 79  ? -4.758  -6.267  -1.094  1.00 34.18 ? 332 PHE A CE1 1 
ATOM   634  C CE2 . PHE A 1 79  ? -5.845  -4.357  -0.152  1.00 33.19 ? 332 PHE A CE2 1 
ATOM   635  C CZ  . PHE A 1 79  ? -5.917  -5.608  -0.735  1.00 34.39 ? 332 PHE A CZ  1 
ATOM   636  N N   . ALA A 1 80  ? 0.929   -4.181  0.741   1.00 35.45 ? 333 ALA A N   1 
ATOM   637  C CA  . ALA A 1 80  ? 2.280   -3.632  0.712   1.00 34.46 ? 333 ALA A CA  1 
ATOM   638  C C   . ALA A 1 80  ? 2.761   -3.489  -0.726  1.00 34.04 ? 333 ALA A C   1 
ATOM   639  O O   . ALA A 1 80  ? 2.683   -4.433  -1.512  1.00 33.37 ? 333 ALA A O   1 
ATOM   640  C CB  . ALA A 1 80  ? 3.230   -4.517  1.504   1.00 34.26 ? 333 ALA A CB  1 
ATOM   641  N N   . VAL A 1 81  ? 3.259   -2.305  -1.066  1.00 33.58 ? 334 VAL A N   1 
ATOM   642  C CA  . VAL A 1 81  ? 3.707   -2.030  -2.426  1.00 33.28 ? 334 VAL A CA  1 
ATOM   643  C C   . VAL A 1 81  ? 5.192   -1.687  -2.478  1.00 33.63 ? 334 VAL A C   1 
ATOM   644  O O   . VAL A 1 81  ? 5.700   -0.950  -1.632  1.00 34.31 ? 334 VAL A O   1 
ATOM   645  C CB  . VAL A 1 81  ? 2.908   -0.875  -3.058  1.00 33.37 ? 334 VAL A CB  1 
ATOM   646  C CG1 . VAL A 1 81  ? 3.381   -0.618  -4.480  1.00 33.26 ? 334 VAL A CG1 1 
ATOM   647  C CG2 . VAL A 1 81  ? 1.419   -1.184  -3.031  1.00 33.14 ? 334 VAL A CG2 1 
ATOM   648  N N   . LEU A 1 82  ? 5.882   -2.227  -3.477  1.00 33.79 ? 335 LEU A N   1 
ATOM   649  C CA  . LEU A 1 82  ? 7.294   -1.932  -3.687  1.00 33.71 ? 335 LEU A CA  1 
ATOM   650  C C   . LEU A 1 82  ? 7.503   -1.011  -4.881  1.00 32.28 ? 335 LEU A C   1 
ATOM   651  O O   . LEU A 1 82  ? 7.101   -1.327  -5.999  1.00 31.45 ? 335 LEU A O   1 
ATOM   652  C CB  . LEU A 1 82  ? 8.097   -3.220  -3.879  1.00 34.93 ? 335 LEU A CB  1 
ATOM   653  C CG  . LEU A 1 82  ? 8.953   -3.667  -2.695  1.00 36.22 ? 335 LEU A CG  1 
ATOM   654  C CD1 . LEU A 1 82  ? 10.213  -2.819  -2.602  1.00 35.12 ? 335 LEU A CD1 1 
ATOM   655  C CD2 . LEU A 1 82  ? 8.159   -3.607  -1.400  1.00 37.61 ? 335 LEU A CD2 1 
ATOM   656  N N   . LEU A 1 83  ? 8.136   0.132   -4.634  1.00 32.83 ? 336 LEU A N   1 
ATOM   657  C CA  . LEU A 1 83  ? 8.456   1.070   -5.701  1.00 34.67 ? 336 LEU A CA  1 
ATOM   658  C C   . LEU A 1 83  ? 9.960   1.109   -5.947  1.00 36.94 ? 336 LEU A C   1 
ATOM   659  O O   . LEU A 1 83  ? 10.686  1.878   -5.314  1.00 36.69 ? 336 LEU A O   1 
ATOM   660  C CB  . LEU A 1 83  ? 7.933   2.467   -5.367  1.00 33.43 ? 336 LEU A CB  1 
ATOM   661  C CG  . LEU A 1 83  ? 6.416   2.592   -5.228  1.00 33.61 ? 336 LEU A CG  1 
ATOM   662  C CD1 . LEU A 1 83  ? 6.017   4.037   -4.973  1.00 34.08 ? 336 LEU A CD1 1 
ATOM   663  C CD2 . LEU A 1 83  ? 5.718   2.050   -6.466  1.00 32.63 ? 336 LEU A CD2 1 
ATOM   664  N N   . ALA A 1 84  ? 10.422  0.270   -6.868  1.00 38.86 ? 337 ALA A N   1 
ATOM   665  C CA  . ALA A 1 84  ? 11.837  0.201   -7.208  1.00 41.48 ? 337 ALA A CA  1 
ATOM   666  C C   . ALA A 1 84  ? 12.028  -0.047  -8.699  1.00 44.85 ? 337 ALA A C   1 
ATOM   667  O O   . ALA A 1 84  ? 11.345  -0.886  -9.288  1.00 46.34 ? 337 ALA A O   1 
ATOM   668  C CB  . ALA A 1 84  ? 12.523  -0.886  -6.395  1.00 40.69 ? 337 ALA A CB  1 
ATOM   669  N N   . PRO A 1 85  ? 12.963  0.691   -9.317  1.00 47.02 ? 338 PRO A N   1 
ATOM   670  C CA  . PRO A 1 85  ? 13.750  1.699   -8.625  1.00 47.06 ? 338 PRO A CA  1 
ATOM   671  C C   . PRO A 1 85  ? 13.089  3.072   -8.689  1.00 46.55 ? 338 PRO A C   1 
ATOM   672  O O   . PRO A 1 85  ? 12.466  3.411   -9.695  1.00 46.31 ? 338 PRO A O   1 
ATOM   673  C CB  . PRO A 1 85  ? 15.054  1.709   -9.420  1.00 47.16 ? 338 PRO A CB  1 
ATOM   674  C CG  . PRO A 1 85  ? 14.644  1.345   -10.811 1.00 47.15 ? 338 PRO A CG  1 
ATOM   675  C CD  . PRO A 1 85  ? 13.361  0.556   -10.729 1.00 46.16 ? 338 PRO A CD  1 
ATOM   676  N N   . LEU A 1 86  ? 13.223  3.848   -7.618  1.00 46.38 ? 339 LEU A N   1 
ATOM   677  C CA  . LEU A 1 86  ? 12.686  5.204   -7.584  1.00 44.56 ? 339 LEU A CA  1 
ATOM   678  C C   . LEU A 1 86  ? 13.773  6.234   -7.866  1.00 42.98 ? 339 LEU A C   1 
ATOM   679  O O   . LEU A 1 86  ? 14.909  6.094   -7.410  1.00 42.84 ? 339 LEU A O   1 
ATOM   680  C CB  . LEU A 1 86  ? 12.027  5.497   -6.233  1.00 44.31 ? 339 LEU A CB  1 
ATOM   681  C CG  . LEU A 1 86  ? 10.575  5.052   -6.060  1.00 44.08 ? 339 LEU A CG  1 
ATOM   682  C CD1 . LEU A 1 86  ? 10.062  5.433   -4.681  1.00 44.53 ? 339 LEU A CD1 1 
ATOM   683  C CD2 . LEU A 1 86  ? 9.699   5.658   -7.145  1.00 45.56 ? 339 LEU A CD2 1 
ATOM   684  N N   . ALA A 1 87  ? 13.417  7.270   -8.618  1.00 42.94 ? 340 ALA A N   1 
ATOM   685  C CA  . ALA A 1 87  ? 14.349  8.342   -8.938  1.00 42.19 ? 340 ALA A CA  1 
ATOM   686  C C   . ALA A 1 87  ? 14.313  9.422   -7.864  1.00 41.30 ? 340 ALA A C   1 
ATOM   687  O O   . ALA A 1 87  ? 15.245  10.215  -7.734  1.00 40.96 ? 340 ALA A O   1 
ATOM   688  C CB  . ALA A 1 87  ? 14.028  8.935   -10.301 1.00 43.85 ? 340 ALA A CB  1 
ATOM   689  N N   . SER A 1 88  ? 13.228  9.448   -7.096  1.00 42.17 ? 341 SER A N   1 
ATOM   690  C CA  . SER A 1 88  ? 13.067  10.432  -6.031  1.00 42.44 ? 341 SER A CA  1 
ATOM   691  C C   . SER A 1 88  ? 11.815  10.159  -5.205  1.00 41.85 ? 341 SER A C   1 
ATOM   692  O O   . SER A 1 88  ? 10.936  9.402   -5.619  1.00 42.32 ? 341 SER A O   1 
ATOM   693  C CB  . SER A 1 88  ? 13.007  11.845  -6.613  1.00 42.20 ? 341 SER A CB  1 
ATOM   694  O OG  . SER A 1 88  ? 11.865  12.007  -7.435  1.00 43.20 ? 341 SER A OG  1 
ATOM   695  N N   . GLY A 1 89  ? 11.741  10.784  -4.034  1.00 39.70 ? 342 GLY A N   1 
ATOM   696  C CA  . GLY A 1 89  ? 10.593  10.625  -3.150  1.00 38.41 ? 342 GLY A CA  1 
ATOM   697  C C   . GLY A 1 89  ? 9.328   11.223  -3.733  1.00 38.03 ? 342 GLY A C   1 
ATOM   698  O O   . GLY A 1 89  ? 8.222   10.779  -3.426  1.00 38.82 ? 342 GLY A O   1 
ATOM   699  N N   . ALA A 1 90  ? 9.492   12.238  -4.575  1.00 36.82 ? 343 ALA A N   1 
ATOM   700  C CA  . ALA A 1 90  ? 8.357   12.886  -5.219  1.00 36.00 ? 343 ALA A CA  1 
ATOM   701  C C   . ALA A 1 90  ? 7.526   11.874  -6.000  1.00 37.01 ? 343 ALA A C   1 
ATOM   702  O O   . ALA A 1 90  ? 6.297   11.889  -5.941  1.00 37.84 ? 343 ALA A O   1 
ATOM   703  C CB  . ALA A 1 90  ? 8.832   14.005  -6.132  1.00 35.27 ? 343 ALA A CB  1 
ATOM   704  N N   . ASP A 1 91  ? 8.205   10.997  -6.732  1.00 38.38 ? 344 ASP A N   1 
ATOM   705  C CA  . ASP A 1 91  ? 7.529   9.959   -7.500  1.00 40.67 ? 344 ASP A CA  1 
ATOM   706  C C   . ASP A 1 91  ? 6.700   9.061   -6.591  1.00 40.86 ? 344 ASP A C   1 
ATOM   707  O O   . ASP A 1 91  ? 5.547   8.749   -6.893  1.00 42.48 ? 344 ASP A O   1 
ATOM   708  C CB  . ASP A 1 91  ? 8.541   9.119   -8.282  1.00 43.18 ? 344 ASP A CB  1 
ATOM   709  C CG  . ASP A 1 91  ? 9.153   9.877   -9.443  1.00 45.49 ? 344 ASP A CG  1 
ATOM   710  O OD1 . ASP A 1 91  ? 8.781   11.051  -9.651  1.00 48.66 ? 344 ASP A OD1 1 
ATOM   711  O OD2 . ASP A 1 91  ? 10.005  9.295   -10.148 1.00 46.89 ? 344 ASP A OD2 1 
ATOM   712  N N   . ALA A 1 92  ? 7.293   8.645   -5.477  1.00 39.73 ? 345 ALA A N   1 
ATOM   713  C CA  . ALA A 1 92  ? 6.603   7.798   -4.511  1.00 37.54 ? 345 ALA A CA  1 
ATOM   714  C C   . ALA A 1 92  ? 5.311   8.455   -4.042  1.00 37.34 ? 345 ALA A C   1 
ATOM   715  O O   . ALA A 1 92  ? 4.277   7.798   -3.925  1.00 37.00 ? 345 ALA A O   1 
ATOM   716  C CB  . ALA A 1 92  ? 7.508   7.497   -3.327  1.00 38.51 ? 345 ALA A CB  1 
ATOM   717  N N   . LEU A 1 93  ? 5.377   9.756   -3.775  1.00 37.91 ? 346 LEU A N   1 
ATOM   718  C CA  . LEU A 1 93  ? 4.201   10.513  -3.360  1.00 38.06 ? 346 LEU A CA  1 
ATOM   719  C C   . LEU A 1 93  ? 3.217   10.643  -4.517  1.00 37.86 ? 346 LEU A C   1 
ATOM   720  O O   . LEU A 1 93  ? 2.003   10.664  -4.316  1.00 39.61 ? 346 LEU A O   1 
ATOM   721  C CB  . LEU A 1 93  ? 4.605   11.899  -2.856  1.00 38.73 ? 346 LEU A CB  1 
ATOM   722  C CG  . LEU A 1 93  ? 5.452   11.948  -1.581  1.00 39.10 ? 346 LEU A CG  1 
ATOM   723  C CD1 . LEU A 1 93  ? 5.946   13.363  -1.319  1.00 39.56 ? 346 LEU A CD1 1 
ATOM   724  C CD2 . LEU A 1 93  ? 4.664   11.423  -0.391  1.00 40.06 ? 346 LEU A CD2 1 
ATOM   725  N N   . ARG A 1 94  ? 3.755   10.731  -5.729  1.00 37.67 ? 347 ARG A N   1 
ATOM   726  C CA  . ARG A 1 94  ? 2.945   10.851  -6.933  1.00 38.86 ? 347 ARG A CA  1 
ATOM   727  C C   . ARG A 1 94  ? 2.105   9.596   -7.148  1.00 39.61 ? 347 ARG A C   1 
ATOM   728  O O   . ARG A 1 94  ? 0.910   9.675   -7.434  1.00 40.18 ? 347 ARG A O   1 
ATOM   729  C CB  . ARG A 1 94  ? 3.845   11.090  -8.148  1.00 39.14 ? 347 ARG A CB  1 
ATOM   730  C CG  . ARG A 1 94  ? 3.099   11.362  -9.445  1.00 40.20 ? 347 ARG A CG  1 
ATOM   731  C CD  . ARG A 1 94  ? 2.706   12.826  -9.565  1.00 40.59 ? 347 ARG A CD  1 
ATOM   732  N NE  . ARG A 1 94  ? 1.883   13.070  -10.745 0.01 40.44 ? 347 ARG A NE  1 
ATOM   733  C CZ  . ARG A 1 94  ? 0.558   12.971  -10.760 0.01 40.47 ? 347 ARG A CZ  1 
ATOM   734  N NH1 . ARG A 1 94  ? -0.096  12.633  -9.657  0.01 40.45 ? 347 ARG A NH1 1 
ATOM   735  N NH2 . ARG A 1 94  ? -0.115  13.210  -11.877 0.01 40.47 ? 347 ARG A NH2 1 
ATOM   736  N N   . ILE A 1 95  ? 2.743   8.439   -7.008  1.00 38.67 ? 348 ILE A N   1 
ATOM   737  C CA  . ILE A 1 95  ? 2.062   7.160   -7.179  1.00 38.47 ? 348 ILE A CA  1 
ATOM   738  C C   . ILE A 1 95  ? 1.000   6.958   -6.104  1.00 39.36 ? 348 ILE A C   1 
ATOM   739  O O   . ILE A 1 95  ? -0.085  6.447   -6.378  1.00 39.45 ? 348 ILE A O   1 
ATOM   740  C CB  . ILE A 1 95  ? 3.055   5.984   -7.148  1.00 37.60 ? 348 ILE A CB  1 
ATOM   741  C CG1 . ILE A 1 95  ? 4.045   6.092   -8.310  1.00 37.97 ? 348 ILE A CG1 1 
ATOM   742  C CG2 . ILE A 1 95  ? 2.313   4.657   -7.199  1.00 37.09 ? 348 ILE A CG2 1 
ATOM   743  C CD1 . ILE A 1 95  ? 5.048   4.962   -8.366  1.00 38.62 ? 348 ILE A CD1 1 
ATOM   744  N N   . ALA A 1 96  ? 1.321   7.367   -4.879  1.00 39.18 ? 349 ALA A N   1 
ATOM   745  C CA  . ALA A 1 96  ? 0.379   7.274   -3.770  1.00 39.92 ? 349 ALA A CA  1 
ATOM   746  C C   . ALA A 1 96  ? -0.850  8.136   -4.034  1.00 40.74 ? 349 ALA A C   1 
ATOM   747  O O   . ALA A 1 96  ? -1.982  7.705   -3.812  1.00 41.11 ? 349 ALA A O   1 
ATOM   748  C CB  . ALA A 1 96  ? 1.049   7.683   -2.469  1.00 40.67 ? 349 ALA A CB  1 
ATOM   749  N N   . ASP A 1 97  ? -0.621  9.358   -4.506  1.00 40.51 ? 350 ASP A N   1 
ATOM   750  C CA  . ASP A 1 97  ? -1.713  10.254  -4.864  1.00 39.79 ? 350 ASP A CA  1 
ATOM   751  C C   . ASP A 1 97  ? -2.640  9.578   -5.867  1.00 39.41 ? 350 ASP A C   1 
ATOM   752  O O   . ASP A 1 97  ? -3.862  9.659   -5.753  1.00 39.28 ? 350 ASP A O   1 
ATOM   753  C CB  . ASP A 1 97  ? -1.170  11.556  -5.456  1.00 40.06 ? 350 ASP A CB  1 
ATOM   754  C CG  . ASP A 1 97  ? -0.407  12.384  -4.443  1.00 40.87 ? 350 ASP A CG  1 
ATOM   755  O OD1 . ASP A 1 97  ? -0.416  12.024  -3.247  1.00 41.01 ? 350 ASP A OD1 1 
ATOM   756  O OD2 . ASP A 1 97  ? 0.202   13.400  -4.844  1.00 40.93 ? 350 ASP A OD2 1 
ATOM   757  N N   . ASN A 1 98  ? -2.045  8.910   -6.850  1.00 39.15 ? 351 ASN A N   1 
ATOM   758  C CA  . ASN A 1 98  ? -2.807  8.220   -7.883  1.00 37.89 ? 351 ASN A CA  1 
ATOM   759  C C   . ASN A 1 98  ? -3.610  7.050   -7.325  1.00 36.62 ? 351 ASN A C   1 
ATOM   760  O O   . ASN A 1 98  ? -4.753  6.823   -7.723  1.00 36.39 ? 351 ASN A O   1 
ATOM   761  C CB  . ASN A 1 98  ? -1.877  7.737   -8.998  1.00 38.52 ? 351 ASN A CB  1 
ATOM   762  C CG  . ASN A 1 98  ? -1.113  8.871   -9.652  1.00 38.89 ? 351 ASN A CG  1 
ATOM   763  O OD1 . ASN A 1 98  ? -1.382  10.046  -9.397  1.00 39.67 ? 351 ASN A OD1 1 
ATOM   764  N ND2 . ASN A 1 98  ? -0.150  8.525   -10.500 1.00 39.29 ? 351 ASN A ND2 1 
ATOM   765  N N   . ILE A 1 99  ? -3.005  6.308   -6.404  1.00 34.92 ? 352 ILE A N   1 
ATOM   766  C CA  . ILE A 1 99  ? -3.669  5.171   -5.780  1.00 33.72 ? 352 ILE A CA  1 
ATOM   767  C C   . ILE A 1 99  ? -4.893  5.620   -4.988  1.00 35.43 ? 352 ILE A C   1 
ATOM   768  O O   . ILE A 1 99  ? -5.949  4.990   -5.048  1.00 36.55 ? 352 ILE A O   1 
ATOM   769  C CB  . ILE A 1 99  ? -2.717  4.401   -4.846  1.00 32.27 ? 352 ILE A CB  1 
ATOM   770  C CG1 . ILE A 1 99  ? -1.573  3.778   -5.648  1.00 31.37 ? 352 ILE A CG1 1 
ATOM   771  C CG2 . ILE A 1 99  ? -3.475  3.329   -4.079  1.00 32.99 ? 352 ILE A CG2 1 
ATOM   772  C CD1 . ILE A 1 99  ? -0.619  2.954   -4.811  1.00 30.10 ? 352 ILE A CD1 1 
ATOM   773  N N   . ILE A 1 100 ? -4.745  6.712   -4.246  1.00 34.81 ? 353 ILE A N   1 
ATOM   774  C CA  . ILE A 1 100 ? -5.837  7.248   -3.444  1.00 34.25 ? 353 ILE A CA  1 
ATOM   775  C C   . ILE A 1 100 ? -6.919  7.865   -4.324  1.00 35.15 ? 353 ILE A C   1 
ATOM   776  O O   . ILE A 1 100 ? -8.090  7.904   -3.949  1.00 36.39 ? 353 ILE A O   1 
ATOM   777  C CB  . ILE A 1 100 ? -5.337  8.305   -2.442  1.00 33.85 ? 353 ILE A CB  1 
ATOM   778  C CG1 . ILE A 1 100 ? -4.377  7.670   -1.434  1.00 33.31 ? 353 ILE A CG1 1 
ATOM   779  C CG2 . ILE A 1 100 ? -6.508  8.959   -1.725  1.00 33.51 ? 353 ILE A CG2 1 
ATOM   780  C CD1 . ILE A 1 100 ? -3.819  8.647   -0.423  1.00 33.94 ? 353 ILE A CD1 1 
ATOM   781  N N   . ALA A 1 101 ? -6.519  8.343   -5.497  1.00 35.33 ? 354 ALA A N   1 
ATOM   782  C CA  . ALA A 1 101 ? -7.448  8.976   -6.425  1.00 36.79 ? 354 ALA A CA  1 
ATOM   783  C C   . ALA A 1 101 ? -8.273  7.944   -7.189  1.00 39.48 ? 354 ALA A C   1 
ATOM   784  O O   . ALA A 1 101 ? -9.357  8.249   -7.686  1.00 41.28 ? 354 ALA A O   1 
ATOM   785  C CB  . ALA A 1 101 ? -6.698  9.879   -7.394  1.00 35.48 ? 354 ALA A CB  1 
ATOM   786  N N   . SER A 1 102 ? -7.755  6.723   -7.279  1.00 41.83 ? 355 SER A N   1 
ATOM   787  C CA  . SER A 1 102 ? -8.454  5.650   -7.976  1.00 44.49 ? 355 SER A CA  1 
ATOM   788  C C   . SER A 1 102 ? -9.565  5.066   -7.109  1.00 48.35 ? 355 SER A C   1 
ATOM   789  O O   . SER A 1 102 ? -10.471 4.398   -7.609  1.00 50.18 ? 355 SER A O   1 
ATOM   790  C CB  . SER A 1 102 ? -7.477  4.546   -8.385  1.00 43.70 ? 355 SER A CB  1 
ATOM   791  O OG  . SER A 1 102 ? -6.951  3.884   -7.249  1.00 44.26 ? 355 SER A OG  1 
ATOM   792  N N   . MET A 1 103 ? -9.490  5.323   -5.806  1.00 51.32 ? 356 MET A N   1 
ATOM   793  C CA  . MET A 1 103 ? -10.487 4.826   -4.866  1.00 53.89 ? 356 MET A CA  1 
ATOM   794  C C   . MET A 1 103 ? -11.670 5.779   -4.754  1.00 56.95 ? 356 MET A C   1 
ATOM   795  O O   . MET A 1 103 ? -12.691 5.449   -4.150  1.00 58.36 ? 356 MET A O   1 
ATOM   796  C CB  . MET A 1 103 ? -9.862  4.607   -3.487  1.00 52.66 ? 356 MET A CB  1 
ATOM   797  C CG  . MET A 1 103 ? -8.909  3.426   -3.423  1.00 51.04 ? 356 MET A CG  1 
ATOM   798  S SD  . MET A 1 103 ? -9.703  1.895   -3.942  1.00 51.80 ? 356 MET A SD  1 
ATOM   799  C CE  . MET A 1 103 ? -11.059 1.803   -2.776  1.00 50.99 ? 356 MET A CE  1 
ATOM   800  N N   . GLN A 1 104 ? -11.526 6.963   -5.340  1.00 60.34 ? 357 GLN A N   1 
ATOM   801  C CA  . GLN A 1 104 ? -12.572 7.975   -5.279  1.00 62.60 ? 357 GLN A CA  1 
ATOM   802  C C   . GLN A 1 104 ? -13.839 7.503   -5.986  1.00 61.32 ? 357 GLN A C   1 
ATOM   803  O O   . GLN A 1 104 ? -14.935 7.986   -5.704  1.00 62.33 ? 357 GLN A O   1 
ATOM   804  C CB  . GLN A 1 104 ? -12.075 9.290   -5.884  1.00 65.31 ? 357 GLN A CB  1 
ATOM   805  C CG  . GLN A 1 104 ? -12.890 10.507  -5.480  1.00 70.55 ? 357 GLN A CG  1 
ATOM   806  C CD  . GLN A 1 104 ? -12.179 11.809  -5.787  1.00 73.97 ? 357 GLN A CD  1 
ATOM   807  O OE1 . GLN A 1 104 ? -10.998 11.711  -6.388  1.00 78.96 ? 357 GLN A OE1 1 
ATOM   808  N NE2 . GLN A 1 104 ? -12.684 12.891  -5.489  1.00 75.01 ? 357 GLN A NE2 1 
ATOM   809  N N   . ALA A 1 105 ? -13.682 6.555   -6.905  1.00 60.40 ? 358 ALA A N   1 
ATOM   810  C CA  . ALA A 1 105 ? -14.819 5.973   -7.607  1.00 57.81 ? 358 ALA A CA  1 
ATOM   811  C C   . ALA A 1 105 ? -15.405 4.817   -6.804  1.00 57.94 ? 358 ALA A C   1 
ATOM   812  O O   . ALA A 1 105 ? -14.678 3.918   -6.380  1.00 59.84 ? 358 ALA A O   1 
ATOM   813  C CB  . ALA A 1 105 ? -14.406 5.503   -8.993  1.00 56.20 ? 358 ALA A CB  1 
ATOM   814  N N   . PRO A 1 106 ? -16.730 4.840   -6.591  1.00 57.55 ? 359 PRO A N   1 
ATOM   815  C CA  . PRO A 1 106 ? -17.438 3.838   -5.794  1.00 55.61 ? 359 PRO A CA  1 
ATOM   816  C C   . PRO A 1 106 ? -17.190 2.412   -6.281  1.00 53.15 ? 359 PRO A C   1 
ATOM   817  O O   . PRO A 1 106 ? -16.947 2.194   -7.468  1.00 52.05 ? 359 PRO A O   1 
ATOM   818  C CB  . PRO A 1 106 ? -18.909 4.211   -5.994  1.00 55.54 ? 359 PRO A CB  1 
ATOM   819  C CG  . PRO A 1 106 ? -18.888 5.667   -6.306  1.00 56.56 ? 359 PRO A CG  1 
ATOM   820  C CD  . PRO A 1 106 ? -17.636 5.881   -7.105  1.00 58.34 ? 359 PRO A CD  1 
ATOM   821  N N   . ILE A 1 107 ? -17.258 1.455   -5.361  1.00 49.90 ? 360 ILE A N   1 
ATOM   822  C CA  . ILE A 1 107 ? -17.083 0.045   -5.698  1.00 48.82 ? 360 ILE A CA  1 
ATOM   823  C C   . ILE A 1 107 ? -18.429 -0.664  -5.816  1.00 49.08 ? 360 ILE A C   1 
ATOM   824  O O   . ILE A 1 107 ? -19.187 -0.745  -4.849  1.00 48.14 ? 360 ILE A O   1 
ATOM   825  C CB  . ILE A 1 107 ? -16.222 -0.688  -4.653  1.00 47.84 ? 360 ILE A CB  1 
ATOM   826  C CG1 . ILE A 1 107 ? -14.789 -0.151  -4.670  1.00 48.03 ? 360 ILE A CG1 1 
ATOM   827  C CG2 . ILE A 1 107 ? -16.233 -2.187  -4.912  1.00 45.69 ? 360 ILE A CG2 1 
ATOM   828  C CD1 . ILE A 1 107 ? -13.867 -0.841  -3.688  1.00 45.95 ? 360 ILE A CD1 1 
ATOM   829  N N   . ARG A 1 108 ? -18.717 -1.176  -7.008  1.00 50.33 ? 361 ARG A N   1 
ATOM   830  C CA  . ARG A 1 108 ? -19.969 -1.873  -7.265  1.00 51.60 ? 361 ARG A CA  1 
ATOM   831  C C   . ARG A 1 108 ? -19.906 -3.300  -6.733  1.00 53.32 ? 361 ARG A C   1 
ATOM   832  O O   . ARG A 1 108 ? -19.074 -4.095  -7.168  1.00 57.08 ? 361 ARG A O   1 
ATOM   833  C CB  . ARG A 1 108 ? -20.259 -1.895  -8.766  1.00 52.41 ? 361 ARG A CB  1 
ATOM   834  C CG  . ARG A 1 108 ? -20.060 -0.554  -9.454  1.00 52.51 ? 361 ARG A CG  1 
ATOM   835  C CD  . ARG A 1 108 ? -19.794 -0.731  -10.940 0.01 52.46 ? 361 ARG A CD  1 
ATOM   836  N NE  . ARG A 1 108 ? -19.449 0.530   -11.589 0.01 52.50 ? 361 ARG A NE  1 
ATOM   837  C CZ  . ARG A 1 108 ? -18.941 0.626   -12.813 0.01 52.53 ? 361 ARG A CZ  1 
ATOM   838  N NH1 . ARG A 1 108 ? -18.714 -0.469  -13.526 0.01 52.54 ? 361 ARG A NH1 1 
ATOM   839  N NH2 . ARG A 1 108 ? -18.659 1.817   -13.325 0.01 52.54 ? 361 ARG A NH2 1 
ATOM   840  N N   . LEU A 1 109 ? -20.786 -3.621  -5.789  1.00 52.87 ? 362 LEU A N   1 
ATOM   841  C CA  . LEU A 1 109 ? -20.834 -4.967  -5.225  1.00 51.10 ? 362 LEU A CA  1 
ATOM   842  C C   . LEU A 1 109 ? -21.532 -5.939  -6.170  1.00 50.26 ? 362 LEU A C   1 
ATOM   843  O O   . LEU A 1 109 ? -21.978 -5.554  -7.251  1.00 48.99 ? 362 LEU A O   1 
ATOM   844  C CB  . LEU A 1 109 ? -21.516 -4.959  -3.856  1.00 51.81 ? 362 LEU A CB  1 
ATOM   845  C CG  . LEU A 1 109 ? -20.725 -4.301  -2.723  1.00 51.86 ? 362 LEU A CG  1 
ATOM   846  C CD1 . LEU A 1 109 ? -21.524 -4.312  -1.429  1.00 51.75 ? 362 LEU A CD1 1 
ATOM   847  C CD2 . LEU A 1 109 ? -19.384 -4.994  -2.534  1.00 52.78 ? 362 LEU A CD2 1 
ATOM   848  N N   . SER A 1 110 ? -21.626 -7.198  -5.755  1.00 50.47 ? 363 SER A N   1 
ATOM   849  C CA  . SER A 1 110 ? -22.184 -8.246  -6.604  1.00 51.58 ? 363 SER A CA  1 
ATOM   850  C C   . SER A 1 110 ? -23.697 -8.132  -6.773  1.00 52.78 ? 363 SER A C   1 
ATOM   851  O O   . SER A 1 110 ? -24.266 -8.703  -7.703  1.00 51.00 ? 363 SER A O   1 
ATOM   852  C CB  . SER A 1 110 ? -21.826 -9.628  -6.052  1.00 50.36 ? 363 SER A CB  1 
ATOM   853  O OG  . SER A 1 110 ? -20.422 -9.819  -6.029  1.00 54.84 ? 363 SER A OG  1 
ATOM   854  N N   . ASP A 1 111 ? -24.345 -7.396  -5.874  1.00 55.95 ? 364 ASP A N   1 
ATOM   855  C CA  . ASP A 1 111 ? -25.800 -7.278  -5.901  1.00 58.18 ? 364 ASP A CA  1 
ATOM   856  C C   . ASP A 1 111 ? -26.269 -5.871  -6.263  1.00 59.55 ? 364 ASP A C   1 
ATOM   857  O O   . ASP A 1 111 ? -27.411 -5.500  -5.990  1.00 62.92 ? 364 ASP A O   1 
ATOM   858  C CB  . ASP A 1 111 ? -26.401 -7.707  -4.560  1.00 58.98 ? 364 ASP A CB  1 
ATOM   859  C CG  . ASP A 1 111 ? -25.945 -6.831  -3.410  1.00 59.60 ? 364 ASP A CG  1 
ATOM   860  O OD1 . ASP A 1 111 ? -25.350 -5.764  -3.672  1.00 59.65 ? 364 ASP A OD1 1 
ATOM   861  O OD2 . ASP A 1 111 ? -26.183 -7.208  -2.243  1.00 58.37 ? 364 ASP A OD2 1 
ATOM   862  N N   . GLY A 1 112 ? -25.384 -5.092  -6.877  1.00 60.31 ? 365 GLY A N   1 
ATOM   863  C CA  . GLY A 1 112 ? -25.732 -3.748  -7.323  1.00 59.04 ? 365 GLY A CA  1 
ATOM   864  C C   . GLY A 1 112 ? -25.427 -2.667  -6.305  1.00 59.55 ? 365 GLY A C   1 
ATOM   865  O O   . GLY A 1 112 ? -25.351 -1.487  -6.646  1.00 60.92 ? 365 GLY A O   1 
ATOM   866  N N   . SER A 1 113 ? -25.253 -3.067  -5.050  1.00 57.37 ? 366 SER A N   1 
ATOM   867  C CA  . SER A 1 113 ? -24.944 -2.118  -3.986  1.00 56.17 ? 366 SER A CA  1 
ATOM   868  C C   . SER A 1 113 ? -23.566 -1.496  -4.192  1.00 55.71 ? 366 SER A C   1 
ATOM   869  O O   . SER A 1 113 ? -22.636 -2.161  -4.648  1.00 56.19 ? 366 SER A O   1 
ATOM   870  C CB  . SER A 1 113 ? -25.021 -2.798  -2.617  1.00 57.44 ? 366 SER A CB  1 
ATOM   871  O OG  . SER A 1 113 ? -24.134 -3.900  -2.541  1.00 58.56 ? 366 SER A OG  1 
ATOM   872  N N   . THR A 1 114 ? -23.443 -0.216  -3.856  1.00 53.87 ? 367 THR A N   1 
ATOM   873  C CA  . THR A 1 114 ? -22.180 0.496   -4.013  1.00 52.94 ? 367 THR A CA  1 
ATOM   874  C C   . THR A 1 114 ? -21.507 0.728   -2.665  1.00 50.63 ? 367 THR A C   1 
ATOM   875  O O   . THR A 1 114 ? -22.177 0.902   -1.647  1.00 48.13 ? 367 THR A O   1 
ATOM   876  C CB  . THR A 1 114 ? -22.380 1.852   -4.716  1.00 54.88 ? 367 THR A CB  1 
ATOM   877  O OG1 . THR A 1 114 ? -21.111 2.490   -4.901  1.00 57.72 ? 367 THR A OG1 1 
ATOM   878  C CG2 . THR A 1 114 ? -23.280 2.755   -3.886  1.00 58.15 ? 367 THR A CG2 1 
ATOM   879  N N   . VAL A 1 115 ? -20.178 0.728   -2.665  1.00 49.49 ? 368 VAL A N   1 
ATOM   880  C CA  . VAL A 1 115 ? -19.414 0.959   -1.446  1.00 50.69 ? 368 VAL A CA  1 
ATOM   881  C C   . VAL A 1 115 ? -18.231 1.885   -1.706  1.00 50.41 ? 368 VAL A C   1 
ATOM   882  O O   . VAL A 1 115 ? -17.319 1.547   -2.461  1.00 50.53 ? 368 VAL A O   1 
ATOM   883  C CB  . VAL A 1 115 ? -18.897 -0.360  -0.842  1.00 50.34 ? 368 VAL A CB  1 
ATOM   884  C CG1 . VAL A 1 115 ? -18.053 -0.083  0.392   1.00 49.95 ? 368 VAL A CG1 1 
ATOM   885  C CG2 . VAL A 1 115 ? -20.061 -1.279  -0.503  1.00 52.76 ? 368 VAL A CG2 1 
ATOM   886  N N   . SER A 1 116 ? -18.255 3.056   -1.078  1.00 49.17 ? 369 SER A N   1 
ATOM   887  C CA  . SER A 1 116 ? -17.180 4.026   -1.227  1.00 52.35 ? 369 SER A CA  1 
ATOM   888  C C   . SER A 1 116 ? -16.208 3.942   -0.056  1.00 53.15 ? 369 SER A C   1 
ATOM   889  O O   . SER A 1 116 ? -16.606 4.065   1.103   1.00 53.22 ? 369 SER A O   1 
ATOM   890  C CB  . SER A 1 116 ? -17.745 5.443   -1.344  1.00 51.72 ? 369 SER A CB  1 
ATOM   891  O OG  . SER A 1 116 ? -18.552 5.573   -2.501  1.00 53.80 ? 369 SER A OG  1 
ATOM   892  N N   . THR A 1 117 ? -14.934 3.729   -0.364  1.00 53.57 ? 370 THR A N   1 
ATOM   893  C CA  . THR A 1 117 ? -13.909 3.615   0.667   1.00 55.20 ? 370 THR A CA  1 
ATOM   894  C C   . THR A 1 117 ? -12.683 4.452   0.325   1.00 54.17 ? 370 THR A C   1 
ATOM   895  O O   . THR A 1 117 ? -12.513 4.891   -0.811  1.00 53.66 ? 370 THR A O   1 
ATOM   896  C CB  . THR A 1 117 ? -13.478 2.151   0.876   1.00 57.11 ? 370 THR A CB  1 
ATOM   897  O OG1 . THR A 1 117 ? -12.991 1.613   -0.359  1.00 59.18 ? 370 THR A OG1 1 
ATOM   898  C CG2 . THR A 1 117 ? -14.651 1.314   1.361   1.00 56.38 ? 370 THR A CG2 1 
ATOM   899  N N   . SER A 1 118 ? -11.830 4.668   1.320   1.00 52.77 ? 371 SER A N   1 
ATOM   900  C CA  . SER A 1 118 ? -10.606 5.434   1.126   1.00 50.02 ? 371 SER A CA  1 
ATOM   901  C C   . SER A 1 118 ? -9.388  4.578   1.443   1.00 47.95 ? 371 SER A C   1 
ATOM   902  O O   . SER A 1 118 ? -9.492  3.566   2.137   1.00 47.42 ? 371 SER A O   1 
ATOM   903  C CB  . SER A 1 118 ? -10.613 6.685   2.006   1.00 50.99 ? 371 SER A CB  1 
ATOM   904  O OG  . SER A 1 118 ? -11.730 7.506   1.715   1.00 54.51 ? 371 SER A OG  1 
ATOM   905  N N   . LEU A 1 119 ? -8.233  4.987   0.930   1.00 45.03 ? 372 LEU A N   1 
ATOM   906  C CA  . LEU A 1 119 ? -6.990  4.275   1.192   1.00 43.59 ? 372 LEU A CA  1 
ATOM   907  C C   . LEU A 1 119 ? -6.016  5.133   1.991   1.00 43.69 ? 372 LEU A C   1 
ATOM   908  O O   . LEU A 1 119 ? -5.681  6.248   1.590   1.00 45.08 ? 372 LEU A O   1 
ATOM   909  C CB  . LEU A 1 119 ? -6.339  3.819   -0.116  1.00 41.88 ? 372 LEU A CB  1 
ATOM   910  C CG  . LEU A 1 119 ? -7.007  2.646   -0.837  1.00 41.76 ? 372 LEU A CG  1 
ATOM   911  C CD1 . LEU A 1 119 ? -6.259  2.308   -2.117  1.00 41.91 ? 372 LEU A CD1 1 
ATOM   912  C CD2 . LEU A 1 119 ? -7.087  1.433   0.076   1.00 41.58 ? 372 LEU A CD2 1 
ATOM   913  N N   . THR A 1 120 ? -5.570  4.606   3.126   1.00 39.80 ? 373 THR A N   1 
ATOM   914  C CA  . THR A 1 120 ? -4.565  5.276   3.937   1.00 36.68 ? 373 THR A CA  1 
ATOM   915  C C   . THR A 1 120 ? -3.199  4.665   3.654   1.00 35.84 ? 373 THR A C   1 
ATOM   916  O O   . THR A 1 120 ? -3.012  3.457   3.795   1.00 36.72 ? 373 THR A O   1 
ATOM   917  C CB  . THR A 1 120 ? -4.878  5.158   5.438   1.00 36.52 ? 373 THR A CB  1 
ATOM   918  O OG1 . THR A 1 120 ? -6.161  5.737   5.706   1.00 37.22 ? 373 THR A OG1 1 
ATOM   919  C CG2 . THR A 1 120 ? -3.820  5.876   6.262   1.00 36.51 ? 373 THR A CG2 1 
ATOM   920  N N   . ILE A 1 121 ? -2.248  5.502   3.252   1.00 34.11 ? 374 ILE A N   1 
ATOM   921  C CA  . ILE A 1 121 ? -0.935  5.014   2.846   1.00 32.21 ? 374 ILE A CA  1 
ATOM   922  C C   . ILE A 1 121 ? 0.199   5.605   3.677   1.00 32.17 ? 374 ILE A C   1 
ATOM   923  O O   . ILE A 1 121 ? 0.238   6.809   3.929   1.00 32.83 ? 374 ILE A O   1 
ATOM   924  C CB  . ILE A 1 121 ? -0.667  5.307   1.357   1.00 31.42 ? 374 ILE A CB  1 
ATOM   925  C CG1 . ILE A 1 121 ? -1.827  4.803   0.496   1.00 30.42 ? 374 ILE A CG1 1 
ATOM   926  C CG2 . ILE A 1 121 ? 0.645   4.676   0.917   1.00 31.84 ? 374 ILE A CG2 1 
ATOM   927  C CD1 . ILE A 1 121 ? -1.680  5.125   -0.974  1.00 30.61 ? 374 ILE A CD1 1 
ATOM   928  N N   . GLY A 1 122 ? 1.119   4.743   4.097   1.00 33.00 ? 375 GLY A N   1 
ATOM   929  C CA  . GLY A 1 122 ? 2.315   5.170   4.816   1.00 33.66 ? 375 GLY A CA  1 
ATOM   930  C C   . GLY A 1 122 ? 3.553   4.894   3.984   1.00 33.56 ? 375 GLY A C   1 
ATOM   931  O O   . GLY A 1 122 ? 3.853   3.743   3.666   1.00 35.12 ? 375 GLY A O   1 
ATOM   932  N N   . ILE A 1 123 ? 4.275   5.952   3.632   1.00 32.91 ? 376 ILE A N   1 
ATOM   933  C CA  . ILE A 1 123 ? 5.398   5.835   2.708   1.00 33.26 ? 376 ILE A CA  1 
ATOM   934  C C   . ILE A 1 123 ? 6.754   5.887   3.405   1.00 34.17 ? 376 ILE A C   1 
ATOM   935  O O   . ILE A 1 123 ? 7.089   6.870   4.065   1.00 34.19 ? 376 ILE A O   1 
ATOM   936  C CB  . ILE A 1 123 ? 5.344   6.936   1.633   1.00 32.40 ? 376 ILE A CB  1 
ATOM   937  C CG1 . ILE A 1 123 ? 3.950   6.995   1.006   1.00 31.33 ? 376 ILE A CG1 1 
ATOM   938  C CG2 . ILE A 1 123 ? 6.415   6.703   0.577   1.00 33.03 ? 376 ILE A CG2 1 
ATOM   939  C CD1 . ILE A 1 123 ? 3.763   8.143   0.038   1.00 32.25 ? 376 ILE A CD1 1 
ATOM   940  N N   . ALA A 1 124 ? 7.531   4.818   3.249   1.00 35.44 ? 377 ALA A N   1 
ATOM   941  C CA  . ALA A 1 124 ? 8.888   4.759   3.782   1.00 36.78 ? 377 ALA A CA  1 
ATOM   942  C C   . ALA A 1 124 ? 9.894   4.758   2.637   1.00 37.83 ? 377 ALA A C   1 
ATOM   943  O O   . ALA A 1 124 ? 9.701   4.070   1.634   1.00 39.46 ? 377 ALA A O   1 
ATOM   944  C CB  . ALA A 1 124 ? 9.064   3.525   4.651   1.00 37.11 ? 377 ALA A CB  1 
ATOM   945  N N   . LEU A 1 125 ? 10.968  5.524   2.789   1.00 38.50 ? 378 LEU A N   1 
ATOM   946  C CA  . LEU A 1 125 ? 11.928  5.707   1.705   1.00 40.49 ? 378 LEU A CA  1 
ATOM   947  C C   . LEU A 1 125 ? 13.318  5.175   2.031   1.00 40.98 ? 378 LEU A C   1 
ATOM   948  O O   . LEU A 1 125 ? 13.744  5.174   3.186   1.00 40.79 ? 378 LEU A O   1 
ATOM   949  C CB  . LEU A 1 125 ? 12.028  7.188   1.332   1.00 41.05 ? 378 LEU A CB  1 
ATOM   950  C CG  . LEU A 1 125 ? 10.802  7.823   0.676   1.00 40.72 ? 378 LEU A CG  1 
ATOM   951  C CD1 . LEU A 1 125 ? 10.947  9.337   0.637   1.00 41.67 ? 378 LEU A CD1 1 
ATOM   952  C CD2 . LEU A 1 125 ? 10.593  7.263   -0.722  1.00 41.15 ? 378 LEU A CD2 1 
ATOM   953  N N   . TYR A 1 126 ? 14.022  4.726   0.996   1.00 43.37 ? 379 TYR A N   1 
ATOM   954  C CA  . TYR A 1 126 ? 15.423  4.358   1.127   1.00 45.29 ? 379 TYR A CA  1 
ATOM   955  C C   . TYR A 1 126 ? 16.289  5.271   0.264   1.00 46.78 ? 379 TYR A C   1 
ATOM   956  O O   . TYR A 1 126 ? 15.933  5.578   -0.874  1.00 48.90 ? 379 TYR A O   1 
ATOM   957  C CB  . TYR A 1 126 ? 15.650  2.899   0.735   1.00 45.24 ? 379 TYR A CB  1 
ATOM   958  C CG  . TYR A 1 126 ? 17.113  2.527   0.687   1.00 45.88 ? 379 TYR A CG  1 
ATOM   959  C CD1 . TYR A 1 126 ? 17.768  2.056   1.817   1.00 47.35 ? 379 TYR A CD1 1 
ATOM   960  C CD2 . TYR A 1 126 ? 17.845  2.662   -0.486  1.00 44.38 ? 379 TYR A CD2 1 
ATOM   961  C CE1 . TYR A 1 126 ? 19.108  1.721   1.779   1.00 47.81 ? 379 TYR A CE1 1 
ATOM   962  C CE2 . TYR A 1 126 ? 19.185  2.330   -0.534  1.00 45.20 ? 379 TYR A CE2 1 
ATOM   963  C CZ  . TYR A 1 126 ? 19.811  1.861   0.600   1.00 47.98 ? 379 TYR A CZ  1 
ATOM   964  O OH  . TYR A 1 126 ? 21.145  1.528   0.558   1.00 50.84 ? 379 TYR A OH  1 
ATOM   965  N N   . PRO A 1 127 ? 17.437  5.699   0.807   1.00 47.12 ? 380 PRO A N   1 
ATOM   966  C CA  . PRO A 1 127 ? 17.881  5.297   2.129   1.00 47.23 ? 380 PRO A CA  1 
ATOM   967  C C   . PRO A 1 127 ? 17.579  6.346   3.194   1.00 48.58 ? 380 PRO A C   1 
ATOM   968  O O   . PRO A 1 127 ? 18.104  6.264   4.304   1.00 50.72 ? 380 PRO A O   1 
ATOM   969  C CB  . PRO A 1 127 ? 19.394  5.175   1.945   1.00 47.60 ? 380 PRO A CB  1 
ATOM   970  C CG  . PRO A 1 127 ? 19.726  6.156   0.858   1.00 46.55 ? 380 PRO A CG  1 
ATOM   971  C CD  . PRO A 1 127 ? 18.455  6.512   0.124   1.00 46.28 ? 380 PRO A CD  1 
ATOM   972  N N   . GLU A 1 128 ? 16.739  7.320   2.860   1.00 50.26 ? 381 GLU A N   1 
ATOM   973  C CA  . GLU A 1 128 ? 16.442  8.420   3.776   1.00 51.31 ? 381 GLU A CA  1 
ATOM   974  C C   . GLU A 1 128 ? 15.973  7.946   5.150   1.00 51.45 ? 381 GLU A C   1 
ATOM   975  O O   . GLU A 1 128 ? 16.582  8.276   6.168   1.00 53.00 ? 381 GLU A O   1 
ATOM   976  C CB  . GLU A 1 128 ? 15.411  9.373   3.164   1.00 51.66 ? 381 GLU A CB  1 
ATOM   977  C CG  . GLU A 1 128 ? 15.951  10.218  2.021   0.01 52.20 ? 381 GLU A CG  1 
ATOM   978  C CD  . GLU A 1 128 ? 14.957  11.262  1.551   0.01 52.44 ? 381 GLU A CD  1 
ATOM   979  O OE1 . GLU A 1 128 ? 13.793  11.223  2.000   0.01 52.23 ? 381 GLU A OE1 1 
ATOM   980  O OE2 . GLU A 1 128 ? 15.341  12.121  0.730   0.01 52.00 ? 381 GLU A OE2 1 
ATOM   981  N N   . HIS A 1 129 ? 14.891  7.173   5.178   1.00 49.83 ? 382 HIS A N   1 
ATOM   982  C CA  . HIS A 1 129 ? 14.306  6.735   6.441   1.00 47.47 ? 382 HIS A CA  1 
ATOM   983  C C   . HIS A 1 129 ? 15.023  5.557   7.036   1.00 47.83 ? 382 HIS A C   1 
ATOM   984  O O   . HIS A 1 129 ? 15.493  5.617   8.172   1.00 48.44 ? 382 HIS A O   1 
ATOM   985  C CB  . HIS A 1 129 ? 12.825  6.413   6.271   1.00 45.62 ? 382 HIS A CB  1 
ATOM   986  C CG  . HIS A 1 129 ? 12.021  7.543   5.677   1.00 45.71 ? 382 HIS A CG  1 
ATOM   987  N ND1 . HIS A 1 129 ? 11.141  7.571   4.597   1.00 47.09 ? 382 HIS A ND1 1 
ATOM   988  C CD2 . HIS A 1 129 ? 12.050  8.793   6.175   1.00 45.72 ? 382 HIS A CD2 1 
ATOM   989  C CE1 . HIS A 1 129 ? 10.681  8.834   4.484   1.00 45.83 ? 382 HIS A CE1 1 
ATOM   990  N NE2 . HIS A 1 129 ? 11.238  9.584   5.448   1.00 45.57 ? 382 HIS A NE2 1 
ATOM   991  N N   . ALA A 1 130 ? 15.110  4.471   6.276   1.00 49.00 ? 383 ALA A N   1 
ATOM   992  C CA  . ALA A 1 130 ? 15.713  3.241   6.777   1.00 51.04 ? 383 ALA A CA  1 
ATOM   993  C C   . ALA A 1 130 ? 16.678  2.618   5.775   1.00 52.89 ? 383 ALA A C   1 
ATOM   994  O O   . ALA A 1 130 ? 16.532  2.788   4.565   1.00 50.84 ? 383 ALA A O   1 
ATOM   995  C CB  . ALA A 1 130 ? 14.634  2.244   7.170   1.00 50.02 ? 383 ALA A CB  1 
ATOM   996  N N   . ASP A 1 131 ? 17.660  1.887   6.292   1.00 58.07 ? 384 ASP A N   1 
ATOM   997  C CA  . ASP A 1 131 ? 18.688  1.276   5.458   1.00 61.34 ? 384 ASP A CA  1 
ATOM   998  C C   . ASP A 1 131 ? 18.446  -0.215  5.224   1.00 59.34 ? 384 ASP A C   1 
ATOM   999  O O   . ASP A 1 131 ? 19.098  -0.828  4.379   1.00 60.17 ? 384 ASP A O   1 
ATOM   1000 C CB  . ASP A 1 131 ? 20.073  1.498   6.074   1.00 65.03 ? 384 ASP A CB  1 
ATOM   1001 C CG  . ASP A 1 131 ? 20.069  1.360   7.586   1.00 69.77 ? 384 ASP A CG  1 
ATOM   1002 O OD1 . ASP A 1 131 ? 18.974  1.407   8.187   1.00 72.93 ? 384 ASP A OD1 1 
ATOM   1003 O OD2 . ASP A 1 131 ? 21.161  1.209   8.174   1.00 71.60 ? 384 ASP A OD2 1 
ATOM   1004 N N   . THR A 1 132 ? 17.509  -0.794  5.969   1.00 57.86 ? 385 THR A N   1 
ATOM   1005 C CA  . THR A 1 132 ? 17.227  -2.223  5.854   1.00 55.56 ? 385 THR A CA  1 
ATOM   1006 C C   . THR A 1 132 ? 15.736  -2.518  5.702   1.00 54.51 ? 385 THR A C   1 
ATOM   1007 O O   . THR A 1 132 ? 14.895  -1.679  6.021   1.00 56.80 ? 385 THR A O   1 
ATOM   1008 C CB  . THR A 1 132 ? 17.776  -3.007  7.061   1.00 55.41 ? 385 THR A CB  1 
ATOM   1009 O OG1 . THR A 1 132 ? 17.154  -2.536  8.264   1.00 57.46 ? 385 THR A OG1 1 
ATOM   1010 C CG2 . THR A 1 132 ? 19.282  -2.830  7.170   1.00 56.57 ? 385 THR A CG2 1 
ATOM   1011 N N   . PRO A 1 133 ? 15.410  -3.725  5.211   1.00 51.77 ? 386 PRO A N   1 
ATOM   1012 C CA  . PRO A 1 133 ? 14.037  -4.167  4.972   1.00 49.24 ? 386 PRO A CA  1 
ATOM   1013 C C   . PRO A 1 133 ? 13.155  -4.018  6.208   1.00 48.84 ? 386 PRO A C   1 
ATOM   1014 O O   . PRO A 1 133 ? 12.119  -3.356  6.153   1.00 49.03 ? 386 PRO A O   1 
ATOM   1015 C CB  . PRO A 1 133 ? 14.203  -5.648  4.624   1.00 49.42 ? 386 PRO A CB  1 
ATOM   1016 C CG  . PRO A 1 133 ? 15.581  -5.750  4.068   1.00 49.51 ? 386 PRO A CG  1 
ATOM   1017 C CD  . PRO A 1 133 ? 16.396  -4.757  4.843   1.00 50.45 ? 386 PRO A CD  1 
ATOM   1018 N N   . ALA A 1 134 ? 13.568  -4.634  7.310   1.00 47.65 ? 387 ALA A N   1 
ATOM   1019 C CA  . ALA A 1 134 ? 12.800  -4.590  8.550   1.00 47.13 ? 387 ALA A CA  1 
ATOM   1020 C C   . ALA A 1 134 ? 12.374  -3.166  8.901   1.00 45.91 ? 387 ALA A C   1 
ATOM   1021 O O   . ALA A 1 134 ? 11.183  -2.859  8.955   1.00 46.80 ? 387 ALA A O   1 
ATOM   1022 C CB  . ALA A 1 134 ? 13.598  -5.203  9.690   1.00 46.27 ? 387 ALA A CB  1 
ATOM   1023 N N   . ALA A 1 135 ? 13.355  -2.302  9.135   1.00 43.58 ? 388 ALA A N   1 
ATOM   1024 C CA  . ALA A 1 135 ? 13.088  -0.922  9.526   1.00 44.48 ? 388 ALA A CA  1 
ATOM   1025 C C   . ALA A 1 135 ? 12.228  -0.194  8.498   1.00 45.00 ? 388 ALA A C   1 
ATOM   1026 O O   . ALA A 1 135 ? 11.296  0.526   8.855   1.00 44.75 ? 388 ALA A O   1 
ATOM   1027 C CB  . ALA A 1 135 ? 14.393  -0.174  9.752   1.00 44.48 ? 388 ALA A CB  1 
ATOM   1028 N N   . LEU A 1 136 ? 12.549  -0.385  7.223   1.00 45.66 ? 389 LEU A N   1 
ATOM   1029 C CA  . LEU A 1 136 ? 11.814  0.267   6.145   1.00 45.38 ? 389 LEU A CA  1 
ATOM   1030 C C   . LEU A 1 136 ? 10.345  -0.145  6.166   1.00 45.09 ? 389 LEU A C   1 
ATOM   1031 O O   . LEU A 1 136 ? 9.463   0.649   5.842   1.00 45.71 ? 389 LEU A O   1 
ATOM   1032 C CB  . LEU A 1 136 ? 12.442  -0.068  4.791   1.00 44.81 ? 389 LEU A CB  1 
ATOM   1033 C CG  . LEU A 1 136 ? 12.101  0.874   3.634   1.00 46.17 ? 389 LEU A CG  1 
ATOM   1034 C CD1 . LEU A 1 136 ? 12.488  2.304   3.979   1.00 44.40 ? 389 LEU A CD1 1 
ATOM   1035 C CD2 . LEU A 1 136 ? 12.792  0.420   2.358   1.00 46.92 ? 389 LEU A CD2 1 
ATOM   1036 N N   . LEU A 1 137 ? 10.092  -1.391  6.552   1.00 45.05 ? 390 LEU A N   1 
ATOM   1037 C CA  . LEU A 1 137 ? 8.729   -1.889  6.682   1.00 44.39 ? 390 LEU A CA  1 
ATOM   1038 C C   . LEU A 1 137 ? 8.071   -1.296  7.922   1.00 44.86 ? 390 LEU A C   1 
ATOM   1039 O O   . LEU A 1 137 ? 6.924   -0.850  7.878   1.00 43.13 ? 390 LEU A O   1 
ATOM   1040 C CB  . LEU A 1 137 ? 8.723   -3.416  6.764   1.00 44.17 ? 390 LEU A CB  1 
ATOM   1041 C CG  . LEU A 1 137 ? 9.314   -4.166  5.567   1.00 44.59 ? 390 LEU A CG  1 
ATOM   1042 C CD1 . LEU A 1 137 ? 9.435   -5.652  5.868   1.00 44.45 ? 390 LEU A CD1 1 
ATOM   1043 C CD2 . LEU A 1 137 ? 8.479   -3.933  4.318   1.00 44.63 ? 390 LEU A CD2 1 
ATOM   1044 N N   . HIS A 1 138 ? 8.809   -1.295  9.028   1.00 44.93 ? 391 HIS A N   1 
ATOM   1045 C CA  . HIS A 1 138 ? 8.317   -0.747  10.286  1.00 44.95 ? 391 HIS A CA  1 
ATOM   1046 C C   . HIS A 1 138 ? 7.998   0.713   10.157  1.00 43.14 ? 391 HIS A C   1 
ATOM   1047 O O   . HIS A 1 138 ? 7.025   1.199   10.734  1.00 42.42 ? 391 HIS A O   1 
ATOM   1048 C CB  . HIS A 1 138 ? 9.338   -0.967  11.396  1.00 49.51 ? 391 HIS A CB  1 
ATOM   1049 C CG  . HIS A 1 138 ? 8.981   -0.290  12.697  1.00 55.32 ? 391 HIS A CG  1 
ATOM   1050 N ND1 . HIS A 1 138 ? 8.038   -0.770  13.529  1.00 58.22 ? 391 HIS A ND1 1 
ATOM   1051 C CD2 . HIS A 1 138 ? 9.485   0.863   13.298  1.00 56.43 ? 391 HIS A CD2 1 
ATOM   1052 C CE1 . HIS A 1 138 ? 7.938   0.033   14.604  1.00 59.45 ? 391 HIS A CE1 1 
ATOM   1053 N NE2 . HIS A 1 138 ? 8.825   1.032   14.462  1.00 59.97 ? 391 HIS A NE2 1 
ATOM   1054 N N   . ASP A 1 139 ? 8.819   1.429   9.394   1.00 40.05 ? 392 ASP A N   1 
ATOM   1055 C CA  . ASP A 1 139 ? 8.606   2.854   9.171   1.00 38.72 ? 392 ASP A CA  1 
ATOM   1056 C C   . ASP A 1 139 ? 7.340   3.103   8.359   1.00 37.57 ? 392 ASP A C   1 
ATOM   1057 O O   . ASP A 1 139 ? 6.548   3.987   8.685   1.00 38.55 ? 392 ASP A O   1 
ATOM   1058 C CB  . ASP A 1 139 ? 9.816   3.476   8.470   1.00 39.94 ? 392 ASP A CB  1 
ATOM   1059 C CG  . ASP A 1 139 ? 11.055  3.482   9.344   1.00 40.16 ? 392 ASP A CG  1 
ATOM   1060 O OD1 . ASP A 1 139 ? 10.970  3.017   10.500  1.00 40.25 ? 392 ASP A OD1 1 
ATOM   1061 O OD2 . ASP A 1 139 ? 12.113  3.953   8.875   1.00 38.64 ? 392 ASP A OD2 1 
ATOM   1062 N N   . ALA A 1 140 ? 7.154   2.322   7.300   1.00 35.76 ? 393 ALA A N   1 
ATOM   1063 C CA  . ALA A 1 140 ? 5.962   2.434   6.471   1.00 36.32 ? 393 ALA A CA  1 
ATOM   1064 C C   . ALA A 1 140 ? 4.726   2.048   7.275   1.00 37.22 ? 393 ALA A C   1 
ATOM   1065 O O   . ALA A 1 140 ? 3.626   2.538   7.021   1.00 36.29 ? 393 ALA A O   1 
ATOM   1066 C CB  . ALA A 1 140 ? 6.089   1.556   5.236   1.00 35.82 ? 393 ALA A CB  1 
ATOM   1067 N N   . ASP A 1 141 ? 4.924   1.167   8.249   1.00 38.86 ? 394 ASP A N   1 
ATOM   1068 C CA  . ASP A 1 141 ? 3.841   0.705   9.107   1.00 39.07 ? 394 ASP A CA  1 
ATOM   1069 C C   . ASP A 1 141 ? 3.401   1.810   10.062  1.00 39.73 ? 394 ASP A C   1 
ATOM   1070 O O   . ASP A 1 141 ? 2.211   2.097   10.190  1.00 39.13 ? 394 ASP A O   1 
ATOM   1071 C CB  . ASP A 1 141 ? 4.284   -0.529  9.897   1.00 39.98 ? 394 ASP A CB  1 
ATOM   1072 C CG  . ASP A 1 141 ? 3.128   -1.238  10.573  1.00 40.24 ? 394 ASP A CG  1 
ATOM   1073 O OD1 . ASP A 1 141 ? 1.963   -0.878  10.299  1.00 40.22 ? 394 ASP A OD1 1 
ATOM   1074 O OD2 . ASP A 1 141 ? 3.382   -2.160  11.375  1.00 42.28 ? 394 ASP A OD2 1 
ATOM   1075 N N   . MET A 1 142 ? 4.371   2.432   10.726  1.00 41.39 ? 395 MET A N   1 
ATOM   1076 C CA  . MET A 1 142 ? 4.081   3.484   11.693  1.00 43.20 ? 395 MET A CA  1 
ATOM   1077 C C   . MET A 1 142 ? 3.528   4.736   11.019  1.00 42.45 ? 395 MET A C   1 
ATOM   1078 O O   . MET A 1 142 ? 2.584   5.351   11.515  1.00 42.14 ? 395 MET A O   1 
ATOM   1079 C CB  . MET A 1 142 ? 5.332   3.828   12.506  1.00 46.46 ? 395 MET A CB  1 
ATOM   1080 C CG  . MET A 1 142 ? 5.882   2.662   13.313  1.00 51.36 ? 395 MET A CG  1 
ATOM   1081 S SD  . MET A 1 142 ? 4.638   1.902   14.376  1.00 57.99 ? 395 MET A SD  1 
ATOM   1082 C CE  . MET A 1 142 ? 4.178   3.290   15.410  1.00 57.55 ? 395 MET A CE  1 
ATOM   1083 N N   . ALA A 1 143 ? 4.118   5.109   9.889   1.00 41.66 ? 396 ALA A N   1 
ATOM   1084 C CA  . ALA A 1 143 ? 3.645   6.260   9.132   1.00 41.36 ? 396 ALA A CA  1 
ATOM   1085 C C   . ALA A 1 143 ? 2.220   6.023   8.649   1.00 41.79 ? 396 ALA A C   1 
ATOM   1086 O O   . ALA A 1 143 ? 1.447   6.965   8.470   1.00 42.48 ? 396 ALA A O   1 
ATOM   1087 C CB  . ALA A 1 143 ? 4.567   6.539   7.957   1.00 41.61 ? 396 ALA A CB  1 
ATOM   1088 N N   . MET A 1 144 ? 1.879   4.755   8.442   1.00 42.63 ? 397 MET A N   1 
ATOM   1089 C CA  . MET A 1 144 ? 0.546   4.384   7.984   1.00 43.71 ? 397 MET A CA  1 
ATOM   1090 C C   . MET A 1 144 ? -0.447  4.381   9.143   1.00 43.49 ? 397 MET A C   1 
ATOM   1091 O O   . MET A 1 144 ? -1.656  4.490   8.938   1.00 43.13 ? 397 MET A O   1 
ATOM   1092 C CB  . MET A 1 144 ? 0.580   3.017   7.294   1.00 45.13 ? 397 MET A CB  1 
ATOM   1093 C CG  . MET A 1 144 ? -0.742  2.592   6.678   1.00 47.09 ? 397 MET A CG  1 
ATOM   1094 S SD  . MET A 1 144 ? -1.870  1.873   7.885   1.00 53.23 ? 397 MET A SD  1 
ATOM   1095 C CE  . MET A 1 144 ? -1.038  0.327   8.241   1.00 50.99 ? 397 MET A CE  1 
ATOM   1096 N N   . TYR A 1 145 ? 0.072   4.259   10.360  1.00 43.29 ? 398 TYR A N   1 
ATOM   1097 C CA  . TYR A 1 145 ? -0.757  4.324   11.559  1.00 41.22 ? 398 TYR A CA  1 
ATOM   1098 C C   . TYR A 1 145 ? -1.113  5.769   11.892  1.00 40.70 ? 398 TYR A C   1 
ATOM   1099 O O   . TYR A 1 145 ? -2.275  6.091   12.134  1.00 42.46 ? 398 TYR A O   1 
ATOM   1100 C CB  . TYR A 1 145 ? -0.046  3.670   12.745  1.00 39.61 ? 398 TYR A CB  1 
ATOM   1101 C CG  . TYR A 1 145 ? -0.648  4.020   14.088  1.00 40.13 ? 398 TYR A CG  1 
ATOM   1102 C CD1 . TYR A 1 145 ? -1.775  3.359   14.562  1.00 39.50 ? 398 TYR A CD1 1 
ATOM   1103 C CD2 . TYR A 1 145 ? -0.088  5.011   14.883  1.00 39.21 ? 398 TYR A CD2 1 
ATOM   1104 C CE1 . TYR A 1 145 ? -2.328  3.678   15.789  1.00 38.73 ? 398 TYR A CE1 1 
ATOM   1105 C CE2 . TYR A 1 145 ? -0.633  5.337   16.110  1.00 38.95 ? 398 TYR A CE2 1 
ATOM   1106 C CZ  . TYR A 1 145 ? -1.752  4.667   16.559  1.00 38.39 ? 398 TYR A CZ  1 
ATOM   1107 O OH  . TYR A 1 145 ? -2.294  4.991   17.782  1.00 37.24 ? 398 TYR A OH  1 
ATOM   1108 N N   . ILE A 1 146 ? -0.105  6.635   11.900  1.00 39.88 ? 399 ILE A N   1 
ATOM   1109 C CA  . ILE A 1 146 ? -0.316  8.048   12.193  1.00 39.92 ? 399 ILE A CA  1 
ATOM   1110 C C   . ILE A 1 146 ? -1.287  8.677   11.199  1.00 40.74 ? 399 ILE A C   1 
ATOM   1111 O O   . ILE A 1 146 ? -2.129  9.494   11.571  1.00 40.92 ? 399 ILE A O   1 
ATOM   1112 C CB  . ILE A 1 146 ? 1.008   8.836   12.181  1.00 38.52 ? 399 ILE A CB  1 
ATOM   1113 C CG1 . ILE A 1 146 ? 1.943   8.320   13.277  1.00 38.10 ? 399 ILE A CG1 1 
ATOM   1114 C CG2 . ILE A 1 146 ? 0.745   10.322  12.359  1.00 37.25 ? 399 ILE A CG2 1 
ATOM   1115 C CD1 . ILE A 1 146 ? 3.237   9.095   13.393  1.00 37.88 ? 399 ILE A CD1 1 
ATOM   1116 N N   . ALA A 1 147 ? -1.163  8.292   9.933   1.00 42.37 ? 400 ALA A N   1 
ATOM   1117 C CA  . ALA A 1 147 ? -2.061  8.785   8.896   1.00 44.98 ? 400 ALA A CA  1 
ATOM   1118 C C   . ALA A 1 147 ? -3.499  8.412   9.232   1.00 47.90 ? 400 ALA A C   1 
ATOM   1119 O O   . ALA A 1 147 ? -4.383  9.269   9.258   1.00 49.27 ? 400 ALA A O   1 
ATOM   1120 C CB  . ALA A 1 147 ? -1.666  8.227   7.539   1.00 44.38 ? 400 ALA A CB  1 
ATOM   1121 N N   . LYS A 1 148 ? -3.727  7.128   9.487   1.00 51.43 ? 401 LYS A N   1 
ATOM   1122 C CA  . LYS A 1 148 ? -5.028  6.662   9.947   1.00 52.64 ? 401 LYS A CA  1 
ATOM   1123 C C   . LYS A 1 148 ? -5.488  7.512   11.123  1.00 54.20 ? 401 LYS A C   1 
ATOM   1124 O O   . LYS A 1 148 ? -6.672  7.816   11.265  1.00 56.80 ? 401 LYS A O   1 
ATOM   1125 C CB  . LYS A 1 148 ? -4.948  5.195   10.368  1.00 52.12 ? 401 LYS A CB  1 
ATOM   1126 C CG  . LYS A 1 148 ? -5.378  4.212   9.294   1.00 52.07 ? 401 LYS A CG  1 
ATOM   1127 C CD  . LYS A 1 148 ? -6.858  4.380   8.991   1.00 52.64 ? 401 LYS A CD  1 
ATOM   1128 C CE  . LYS A 1 148 ? -7.487  3.069   8.547   1.00 51.37 ? 401 LYS A CE  1 
ATOM   1129 N NZ  . LYS A 1 148 ? -8.975  3.141   8.613   1.00 55.11 ? 401 LYS A NZ  1 
ATOM   1130 N N   . ARG A 1 149 ? -4.529  7.894   11.960  1.00 54.88 ? 402 ARG A N   1 
ATOM   1131 C CA  . ARG A 1 149 ? -4.802  8.684   13.152  1.00 57.18 ? 402 ARG A CA  1 
ATOM   1132 C C   . ARG A 1 149 ? -5.122  10.133  12.788  1.00 59.01 ? 402 ARG A C   1 
ATOM   1133 O O   . ARG A 1 149 ? -6.173  10.657  13.157  1.00 57.46 ? 402 ARG A O   1 
ATOM   1134 C CB  . ARG A 1 149 ? -3.598  8.628   14.100  1.00 57.67 ? 402 ARG A CB  1 
ATOM   1135 C CG  . ARG A 1 149 ? -3.961  8.599   15.576  1.00 58.30 ? 402 ARG A CG  1 
ATOM   1136 C CD  . ARG A 1 149 ? -2.730  8.424   16.455  1.00 59.01 ? 402 ARG A CD  1 
ATOM   1137 N NE  . ARG A 1 149 ? -1.982  9.669   16.615  1.00 60.27 ? 402 ARG A NE  1 
ATOM   1138 C CZ  . ARG A 1 149 ? -0.938  9.818   17.425  1.00 61.72 ? 402 ARG A CZ  1 
ATOM   1139 N NH1 . ARG A 1 149 ? -0.320  10.990  17.507  1.00 61.55 ? 402 ARG A NH1 1 
ATOM   1140 N NH2 . ARG A 1 149 ? -0.509  8.798   18.155  1.00 59.25 ? 402 ARG A NH2 1 
ATOM   1141 N N   . GLN A 1 150 ? -4.211  10.773  12.060  1.00 60.09 ? 403 GLN A N   1 
ATOM   1142 C CA  . GLN A 1 150 ? -4.374  12.174  11.674  1.00 61.25 ? 403 GLN A CA  1 
ATOM   1143 C C   . GLN A 1 150 ? -5.550  12.374  10.727  1.00 62.36 ? 403 GLN A C   1 
ATOM   1144 O O   . GLN A 1 150 ? -6.403  13.234  10.947  1.00 62.67 ? 403 GLN A O   1 
ATOM   1145 C CB  . GLN A 1 150 ? -3.098  12.699  11.014  1.00 61.19 ? 403 GLN A CB  1 
ATOM   1146 C CG  . GLN A 1 150 ? -1.991  13.054  11.991  1.00 62.56 ? 403 GLN A CG  1 
ATOM   1147 C CD  . GLN A 1 150 ? -0.796  13.681  11.301  1.00 63.82 ? 403 GLN A CD  1 
ATOM   1148 O OE1 . GLN A 1 150 ? -0.700  13.677  10.074  1.00 64.84 ? 403 GLN A OE1 1 
ATOM   1149 N NE2 . GLN A 1 150 ? 0.126   14.223  12.088  1.00 63.61 ? 403 GLN A NE2 1 
ATOM   1150 N N   . ALA A 1 151 ? -5.576  11.579  9.665   1.00 63.70 ? 404 ALA A N   1 
ATOM   1151 C CA  . ALA A 1 151 ? -6.645  11.638  8.683   1.00 64.67 ? 404 ALA A CA  1 
ATOM   1152 C C   . ALA A 1 151 ? -6.664  10.331  7.905   1.00 64.83 ? 404 ALA A C   1 
ATOM   1153 O O   . ALA A 1 151 ? -5.644  9.652   7.795   1.00 67.58 ? 404 ALA A O   1 
ATOM   1154 C CB  . ALA A 1 151 ? -6.440  12.815  7.742   1.00 66.22 ? 404 ALA A CB  1 
ATOM   1155 N N   . ARG A 1 152 ? -7.827  9.976   7.373   1.00 63.15 ? 405 ARG A N   1 
ATOM   1156 C CA  . ARG A 1 152 ? -7.950  8.757   6.585   1.00 62.89 ? 405 ARG A CA  1 
ATOM   1157 C C   . ARG A 1 152 ? -8.241  9.071   5.123   1.00 61.06 ? 405 ARG A C   1 
ATOM   1158 O O   . ARG A 1 152 ? -8.873  10.079  4.807   1.00 63.72 ? 405 ARG A O   1 
ATOM   1159 C CB  . ARG A 1 152 ? -9.005  7.828   7.188   1.00 64.32 ? 405 ARG A CB  1 
ATOM   1160 C CG  . ARG A 1 152 ? -9.972  8.523   8.131   0.01 65.10 ? 405 ARG A CG  1 
ATOM   1161 C CD  . ARG A 1 152 ? -10.321 7.625   9.307   0.01 65.83 ? 405 ARG A CD  1 
ATOM   1162 N NE  . ARG A 1 152 ? -11.088 8.333   10.329  0.01 66.44 ? 405 ARG A NE  1 
ATOM   1163 C CZ  . ARG A 1 152 ? -11.362 7.839   11.533  0.01 66.80 ? 405 ARG A CZ  1 
ATOM   1164 N NH1 . ARG A 1 152 ? -10.930 6.632   11.872  0.01 66.90 ? 405 ARG A NH1 1 
ATOM   1165 N NH2 . ARG A 1 152 ? -12.068 8.555   12.400  0.01 66.85 ? 405 ARG A NH2 1 
ATOM   1166 N N   . GLY A 1 153 ? -7.769  8.204   4.235   1.00 57.45 ? 406 GLY A N   1 
ATOM   1167 C CA  . GLY A 1 153 ? -7.816  8.479   2.807   1.00 54.02 ? 406 GLY A CA  1 
ATOM   1168 C C   . GLY A 1 153 ? -6.668  9.399   2.445   1.00 52.97 ? 406 GLY A C   1 
ATOM   1169 O O   . GLY A 1 153 ? -6.716  10.111  1.442   1.00 53.49 ? 406 GLY A O   1 
ATOM   1170 N N   . SER A 1 154 ? -5.632  9.381   3.278   1.00 50.62 ? 407 SER A N   1 
ATOM   1171 C CA  . SER A 1 154 ? -4.467  10.229  3.079   1.00 48.65 ? 407 SER A CA  1 
ATOM   1172 C C   . SER A 1 154 ? -3.185  9.407   3.046   1.00 47.52 ? 407 SER A C   1 
ATOM   1173 O O   . SER A 1 154 ? -3.142  8.280   3.542   1.00 47.02 ? 407 SER A O   1 
ATOM   1174 C CB  . SER A 1 154 ? -4.378  11.277  4.189   1.00 50.24 ? 407 SER A CB  1 
ATOM   1175 O OG  . SER A 1 154 ? -4.174  10.667  5.452   1.00 47.98 ? 407 SER A OG  1 
ATOM   1176 N N   . ARG A 1 155 ? -2.146  9.980   2.454   1.00 47.38 ? 408 ARG A N   1 
ATOM   1177 C CA  . ARG A 1 155 ? -0.826  9.368   2.436   1.00 46.78 ? 408 ARG A CA  1 
ATOM   1178 C C   . ARG A 1 155 ? 0.078   10.119  3.403   1.00 45.99 ? 408 ARG A C   1 
ATOM   1179 O O   . ARG A 1 155 ? -0.124  11.307  3.655   1.00 45.79 ? 408 ARG A O   1 
ATOM   1180 C CB  . ARG A 1 155 ? -0.240  9.421   1.029   1.00 45.37 ? 408 ARG A CB  1 
ATOM   1181 C CG  . ARG A 1 155 ? -0.511  10.739  0.328   1.00 45.30 ? 408 ARG A CG  1 
ATOM   1182 C CD  . ARG A 1 155 ? 0.628   11.130  -0.592  1.00 45.38 ? 408 ARG A CD  1 
ATOM   1183 N NE  . ARG A 1 155 ? 0.556   12.546  -0.937  1.00 44.62 ? 408 ARG A NE  1 
ATOM   1184 C CZ  . ARG A 1 155 ? 0.811   13.531  -0.083  1.00 43.86 ? 408 ARG A CZ  1 
ATOM   1185 N NH1 . ARG A 1 155 ? 1.150   13.254  1.169   1.00 41.37 ? 408 ARG A NH1 1 
ATOM   1186 N NH2 . ARG A 1 155 ? 0.723   14.793  -0.479  1.00 44.61 ? 408 ARG A NH2 1 
ATOM   1187 N N   . ARG A 1 156 ? 1.079   9.431   3.938   1.00 46.15 ? 409 ARG A N   1 
ATOM   1188 C CA  . ARG A 1 156 ? 1.937   10.016  4.959   1.00 49.24 ? 409 ARG A CA  1 
ATOM   1189 C C   . ARG A 1 156 ? 3.365   9.490   4.873   1.00 48.16 ? 409 ARG A C   1 
ATOM   1190 O O   . ARG A 1 156 ? 3.592   8.280   4.873   1.00 50.16 ? 409 ARG A O   1 
ATOM   1191 C CB  . ARG A 1 156 ? 1.351   9.741   6.347   1.00 50.93 ? 409 ARG A CB  1 
ATOM   1192 C CG  . ARG A 1 156 ? 2.333   9.873   7.501   1.00 52.68 ? 409 ARG A CG  1 
ATOM   1193 C CD  . ARG A 1 156 ? 2.526   11.317  7.930   1.00 54.51 ? 409 ARG A CD  1 
ATOM   1194 N NE  . ARG A 1 156 ? 3.027   11.399  9.299   1.00 58.20 ? 409 ARG A NE  1 
ATOM   1195 C CZ  . ARG A 1 156 ? 4.276   11.112  9.655   1.00 61.63 ? 409 ARG A CZ  1 
ATOM   1196 N NH1 . ARG A 1 156 ? 5.155   10.721  8.741   1.00 64.23 ? 409 ARG A NH1 1 
ATOM   1197 N NH2 . ARG A 1 156 ? 4.647   11.211  10.924  1.00 61.49 ? 409 ARG A NH2 1 
ATOM   1198 N N   . LEU A 1 157 ? 4.325   10.406  4.795   1.00 48.13 ? 410 LEU A N   1 
ATOM   1199 C CA  . LEU A 1 157 ? 5.733   10.034  4.769   1.00 49.05 ? 410 LEU A CA  1 
ATOM   1200 C C   . LEU A 1 157 ? 6.289   9.919   6.179   1.00 51.13 ? 410 LEU A C   1 
ATOM   1201 O O   . LEU A 1 157 ? 6.187   10.850  6.978   1.00 52.25 ? 410 LEU A O   1 
ATOM   1202 C CB  . LEU A 1 157 ? 6.550   11.048  3.969   1.00 48.35 ? 410 LEU A CB  1 
ATOM   1203 C CG  . LEU A 1 157 ? 6.553   10.871  2.451   1.00 48.70 ? 410 LEU A CG  1 
ATOM   1204 C CD1 . LEU A 1 157 ? 7.264   12.038  1.783   1.00 48.25 ? 410 LEU A CD1 1 
ATOM   1205 C CD2 . LEU A 1 157 ? 7.205   9.551   2.066   1.00 47.06 ? 410 LEU A CD2 1 
ATOM   1206 N N   . ALA A 1 158 ? 6.882   8.770   6.476   1.00 51.78 ? 411 ALA A N   1 
ATOM   1207 C CA  . ALA A 1 158 ? 7.460   8.536   7.786   1.00 53.82 ? 411 ALA A CA  1 
ATOM   1208 C C   . ALA A 1 158 ? 8.443   9.635   8.168   1.00 57.09 ? 411 ALA A C   1 
ATOM   1209 O O   . ALA A 1 158 ? 9.052   10.278  7.311   1.00 56.06 ? 411 ALA A O   1 
ATOM   1210 C CB  . ALA A 1 158 ? 8.144   7.178   7.826   1.00 51.70 ? 411 ALA A CB  1 
ATOM   1211 N N   . GLU A 1 159 ? 8.568   9.849   9.470   1.00 63.84 ? 412 GLU A N   1 
ATOM   1212 C CA  . GLU A 1 159 ? 9.641   10.641  10.045  1.00 69.88 ? 412 GLU A CA  1 
ATOM   1213 C C   . GLU A 1 159 ? 9.775   10.141  11.475  1.00 73.64 ? 412 GLU A C   1 
ATOM   1214 O O   . GLU A 1 159 ? 8.858   9.509   12.000  1.00 75.54 ? 412 GLU A O   1 
ATOM   1215 C CB  . GLU A 1 159 ? 9.322   12.136  10.004  1.00 73.69 ? 412 GLU A CB  1 
ATOM   1216 C CG  . GLU A 1 159 ? 10.550  13.027  10.146  1.00 77.79 ? 412 GLU A CG  1 
ATOM   1217 C CD  . GLU A 1 159 ? 11.540  12.850  9.008   1.00 79.79 ? 412 GLU A CD  1 
ATOM   1218 O OE1 . GLU A 1 159 ? 12.647  12.324  9.257   1.00 79.56 ? 412 GLU A OE1 1 
ATOM   1219 O OE2 . GLU A 1 159 ? 11.210  13.231  7.864   1.00 79.95 ? 412 GLU A OE2 1 
ATOM   1220 N N   . LEU A 1 160 ? 10.913  10.409  12.103  1.00 77.39 ? 413 LEU A N   1 
ATOM   1221 C CA  . LEU A 1 160 ? 11.203  9.838   13.416  1.00 79.13 ? 413 LEU A CA  1 
ATOM   1222 C C   . LEU A 1 160 ? 9.980   9.794   14.335  1.00 79.90 ? 413 LEU A C   1 
ATOM   1223 O O   . LEU A 1 160 ? 9.353   10.820  14.604  1.00 77.31 ? 413 LEU A O   1 
ATOM   1224 C CB  . LEU A 1 160 ? 12.355  10.592  14.079  1.00 79.50 ? 413 LEU A CB  1 
ATOM   1225 C CG  . LEU A 1 160 ? 13.460  11.010  13.107  1.00 80.57 ? 413 LEU A CG  1 
ATOM   1226 C CD1 . LEU A 1 160 ? 13.747  9.888   12.115  1.00 78.75 ? 413 LEU A CD1 1 
ATOM   1227 C CD2 . LEU A 1 160 ? 13.064  12.283  12.372  1.00 78.03 ? 413 LEU A CD2 1 
ATOM   1228 N N   . ASN A 1 161 ? 9.654   8.597   14.817  1.00 79.54 ? 414 ASN A N   1 
ATOM   1229 C CA  . ASN A 1 161 ? 8.493   8.400   15.679  1.00 78.07 ? 414 ASN A CA  1 
ATOM   1230 C C   . ASN A 1 161 ? 8.799   7.482   16.858  1.00 77.25 ? 414 ASN A C   1 
ATOM   1231 O O   . ASN A 1 161 ? 8.121   6.474   17.064  1.00 75.47 ? 414 ASN A O   1 
ATOM   1232 C CB  . ASN A 1 161 ? 7.322   7.837   14.872  1.00 77.69 ? 414 ASN A CB  1 
ATOM   1233 C CG  . ASN A 1 161 ? 7.011   8.665   13.642  1.00 78.88 ? 414 ASN A CG  1 
ATOM   1234 O OD1 . ASN A 1 161 ? 7.268   9.965   13.722  1.00 79.36 ? 414 ASN A OD1 1 
ATOM   1235 N ND2 . ASN A 1 161 ? 6.548   8.142   12.628  1.00 79.26 ? 414 ASN A ND2 1 
HETATM 1236 O O   . TBU B 2 .   ? -21.806 -11.534 7.721   1.00 33.46 ? 501 TBU A O   1 
HETATM 1237 C C   . TBU B 2 .   ? -21.015 -12.722 7.821   1.00 32.87 ? 501 TBU A C   1 
HETATM 1238 C C1  . TBU B 2 .   ? -20.478 -13.072 6.438   1.00 33.52 ? 501 TBU A C1  1 
HETATM 1239 C C2  . TBU B 2 .   ? -19.865 -12.469 8.788   1.00 33.35 ? 501 TBU A C2  1 
HETATM 1240 C C3  . TBU B 2 .   ? -21.898 -13.850 8.338   1.00 33.44 ? 501 TBU A C3  1 
HETATM 1241 C C1  . GOL C 3 .   ? -10.872 -0.293  9.509   1.00 54.05 ? 502 GOL A C1  1 
HETATM 1242 O O1  . GOL C 3 .   ? -10.157 -1.486  9.850   1.00 52.33 ? 502 GOL A O1  1 
HETATM 1243 C C2  . GOL C 3 .   ? -9.921  0.897   9.553   1.00 55.92 ? 502 GOL A C2  1 
HETATM 1244 O O2  . GOL C 3 .   ? -10.676 2.105   9.706   1.00 55.58 ? 502 GOL A O2  1 
HETATM 1245 C C3  . GOL C 3 .   ? -8.966  0.739   10.730  1.00 55.75 ? 502 GOL A C3  1 
HETATM 1246 O O3  . GOL C 3 .   ? -8.861  1.985   11.429  1.00 55.98 ? 502 GOL A O3  1 
# 
loop_
_pdbx_poly_seq_scheme.asym_id 
_pdbx_poly_seq_scheme.entity_id 
_pdbx_poly_seq_scheme.seq_id 
_pdbx_poly_seq_scheme.mon_id 
_pdbx_poly_seq_scheme.ndb_seq_num 
_pdbx_poly_seq_scheme.pdb_seq_num 
_pdbx_poly_seq_scheme.auth_seq_num 
_pdbx_poly_seq_scheme.pdb_mon_id 
_pdbx_poly_seq_scheme.auth_mon_id 
_pdbx_poly_seq_scheme.pdb_strand_id 
_pdbx_poly_seq_scheme.pdb_ins_code 
_pdbx_poly_seq_scheme.hetero 
A 1 1   LEU 1   254 254 LEU LEU A . n 
A 1 2   THR 2   255 255 THR THR A . n 
A 1 3   SER 3   256 256 SER SER A . n 
A 1 4   LEU 4   257 257 LEU LEU A . n 
A 1 5   PRO 5   258 258 PRO PRO A . n 
A 1 6   ASN 6   259 259 ASN ASN A . n 
A 1 7   ARG 7   260 260 ARG ARG A . n 
A 1 8   ALA 8   261 261 ALA ALA A . n 
A 1 9   PHE 9   262 262 PHE PHE A . n 
A 1 10  PHE 10  263 263 PHE PHE A . n 
A 1 11  GLU 11  264 264 GLU GLU A . n 
A 1 12  GLY 12  265 265 GLY GLY A . n 
A 1 13  ARG 13  266 266 ARG ARG A . n 
A 1 14  LEU 14  267 267 LEU LEU A . n 
A 1 15  SER 15  268 268 SER SER A . n 
A 1 16  ARG 16  269 269 ARG ARG A . n 
A 1 17  ALA 17  270 270 ALA ALA A . n 
A 1 18  LEU 18  271 271 LEU LEU A . n 
A 1 19  ARG 19  272 272 ARG ARG A . n 
A 1 20  ASP 20  273 273 ASP ASP A . n 
A 1 21  ALA 21  274 274 ALA ALA A . n 
A 1 22  ASN 22  275 275 ASN ASN A . n 
A 1 23  GLU 23  276 276 GLU GLU A . n 
A 1 24  HIS 24  277 277 HIS HIS A . n 
A 1 25  ARG 25  278 278 ARG ARG A . n 
A 1 26  GLU 26  279 279 GLU GLU A . n 
A 1 27  GLN 27  280 280 GLN GLN A . n 
A 1 28  LEU 28  281 281 LEU LEU A . n 
A 1 29  ALA 29  282 282 ALA ALA A . n 
A 1 30  VAL 30  283 283 VAL VAL A . n 
A 1 31  LEU 31  284 284 LEU LEU A . n 
A 1 32  PHE 32  285 285 PHE PHE A . n 
A 1 33  ILE 33  286 286 ILE ILE A . n 
A 1 34  ASP 34  287 287 ASP ASP A . n 
A 1 35  SER 35  288 288 SER SER A . n 
A 1 36  ASP 36  289 289 ASP ASP A . n 
A 1 37  ARG 37  290 290 ARG ARG A . n 
A 1 38  PHE 38  291 291 PHE PHE A . n 
A 1 39  LYS 39  292 292 LYS LYS A . n 
A 1 40  GLU 40  293 293 GLU GLU A . n 
A 1 41  ILE 41  294 294 ILE ILE A . n 
A 1 42  ASN 42  295 295 ASN ASN A . n 
A 1 43  ASP 43  296 296 ASP ASP A . n 
A 1 44  ARG 44  297 297 ARG ARG A . n 
A 1 45  LEU 45  298 298 LEU LEU A . n 
A 1 46  GLY 46  299 299 GLY GLY A . n 
A 1 47  HIS 47  300 300 HIS HIS A . n 
A 1 48  ALA 48  301 301 ALA ALA A . n 
A 1 49  ALA 49  302 302 ALA ALA A . n 
A 1 50  GLY 50  303 303 GLY GLY A . n 
A 1 51  ASP 51  304 304 ASP ASP A . n 
A 1 52  THR 52  305 305 THR THR A . n 
A 1 53  VAL 53  306 306 VAL VAL A . n 
A 1 54  LEU 54  307 307 LEU LEU A . n 
A 1 55  VAL 55  308 308 VAL VAL A . n 
A 1 56  ASN 56  309 309 ASN ASN A . n 
A 1 57  ILE 57  310 310 ILE ILE A . n 
A 1 58  ALA 58  311 311 ALA ALA A . n 
A 1 59  MET 59  312 312 MET MET A . n 
A 1 60  ARG 60  313 313 ARG ARG A . n 
A 1 61  ILE 61  314 314 ILE ILE A . n 
A 1 62  ARG 62  315 315 ARG ARG A . n 
A 1 63  GLY 63  316 316 GLY GLY A . n 
A 1 64  GLN 64  317 317 GLN GLN A . n 
A 1 65  LEU 65  318 318 LEU LEU A . n 
A 1 66  ARG 66  319 319 ARG ARG A . n 
A 1 67  GLU 67  320 320 GLU GLU A . n 
A 1 68  SER 68  321 321 SER SER A . n 
A 1 69  ASP 69  322 322 ASP ASP A . n 
A 1 70  LEU 70  323 323 LEU LEU A . n 
A 1 71  VAL 71  324 324 VAL VAL A . n 
A 1 72  ALA 72  325 325 ALA ALA A . n 
A 1 73  ARG 73  326 326 ARG ARG A . n 
A 1 74  LEU 74  327 327 LEU LEU A . n 
A 1 75  GLY 75  328 328 GLY GLY A . n 
A 1 76  GLY 76  329 329 GLY GLY A . n 
A 1 77  ASP 77  330 330 ASP ASP A . n 
A 1 78  GLU 78  331 331 GLU GLU A . n 
A 1 79  PHE 79  332 332 PHE PHE A . n 
A 1 80  ALA 80  333 333 ALA ALA A . n 
A 1 81  VAL 81  334 334 VAL VAL A . n 
A 1 82  LEU 82  335 335 LEU LEU A . n 
A 1 83  LEU 83  336 336 LEU LEU A . n 
A 1 84  ALA 84  337 337 ALA ALA A . n 
A 1 85  PRO 85  338 338 PRO PRO A . n 
A 1 86  LEU 86  339 339 LEU LEU A . n 
A 1 87  ALA 87  340 340 ALA ALA A . n 
A 1 88  SER 88  341 341 SER SER A . n 
A 1 89  GLY 89  342 342 GLY GLY A . n 
A 1 90  ALA 90  343 343 ALA ALA A . n 
A 1 91  ASP 91  344 344 ASP ASP A . n 
A 1 92  ALA 92  345 345 ALA ALA A . n 
A 1 93  LEU 93  346 346 LEU LEU A . n 
A 1 94  ARG 94  347 347 ARG ARG A . n 
A 1 95  ILE 95  348 348 ILE ILE A . n 
A 1 96  ALA 96  349 349 ALA ALA A . n 
A 1 97  ASP 97  350 350 ASP ASP A . n 
A 1 98  ASN 98  351 351 ASN ASN A . n 
A 1 99  ILE 99  352 352 ILE ILE A . n 
A 1 100 ILE 100 353 353 ILE ILE A . n 
A 1 101 ALA 101 354 354 ALA ALA A . n 
A 1 102 SER 102 355 355 SER SER A . n 
A 1 103 MET 103 356 356 MET MET A . n 
A 1 104 GLN 104 357 357 GLN GLN A . n 
A 1 105 ALA 105 358 358 ALA ALA A . n 
A 1 106 PRO 106 359 359 PRO PRO A . n 
A 1 107 ILE 107 360 360 ILE ILE A . n 
A 1 108 ARG 108 361 361 ARG ARG A . n 
A 1 109 LEU 109 362 362 LEU LEU A . n 
A 1 110 SER 110 363 363 SER SER A . n 
A 1 111 ASP 111 364 364 ASP ASP A . n 
A 1 112 GLY 112 365 365 GLY GLY A . n 
A 1 113 SER 113 366 366 SER SER A . n 
A 1 114 THR 114 367 367 THR THR A . n 
A 1 115 VAL 115 368 368 VAL VAL A . n 
A 1 116 SER 116 369 369 SER SER A . n 
A 1 117 THR 117 370 370 THR THR A . n 
A 1 118 SER 118 371 371 SER SER A . n 
A 1 119 LEU 119 372 372 LEU LEU A . n 
A 1 120 THR 120 373 373 THR THR A . n 
A 1 121 ILE 121 374 374 ILE ILE A . n 
A 1 122 GLY 122 375 375 GLY GLY A . n 
A 1 123 ILE 123 376 376 ILE ILE A . n 
A 1 124 ALA 124 377 377 ALA ALA A . n 
A 1 125 LEU 125 378 378 LEU LEU A . n 
A 1 126 TYR 126 379 379 TYR TYR A . n 
A 1 127 PRO 127 380 380 PRO PRO A . n 
A 1 128 GLU 128 381 381 GLU GLU A . n 
A 1 129 HIS 129 382 382 HIS HIS A . n 
A 1 130 ALA 130 383 383 ALA ALA A . n 
A 1 131 ASP 131 384 384 ASP ASP A . n 
A 1 132 THR 132 385 385 THR THR A . n 
A 1 133 PRO 133 386 386 PRO PRO A . n 
A 1 134 ALA 134 387 387 ALA ALA A . n 
A 1 135 ALA 135 388 388 ALA ALA A . n 
A 1 136 LEU 136 389 389 LEU LEU A . n 
A 1 137 LEU 137 390 390 LEU LEU A . n 
A 1 138 HIS 138 391 391 HIS HIS A . n 
A 1 139 ASP 139 392 392 ASP ASP A . n 
A 1 140 ALA 140 393 393 ALA ALA A . n 
A 1 141 ASP 141 394 394 ASP ASP A . n 
A 1 142 MET 142 395 395 MET MET A . n 
A 1 143 ALA 143 396 396 ALA ALA A . n 
A 1 144 MET 144 397 397 MET MET A . n 
A 1 145 TYR 145 398 398 TYR TYR A . n 
A 1 146 ILE 146 399 399 ILE ILE A . n 
A 1 147 ALA 147 400 400 ALA ALA A . n 
A 1 148 LYS 148 401 401 LYS LYS A . n 
A 1 149 ARG 149 402 402 ARG ARG A . n 
A 1 150 GLN 150 403 403 GLN GLN A . n 
A 1 151 ALA 151 404 404 ALA ALA A . n 
A 1 152 ARG 152 405 405 ARG ARG A . n 
A 1 153 GLY 153 406 406 GLY GLY A . n 
A 1 154 SER 154 407 407 SER SER A . n 
A 1 155 ARG 155 408 408 ARG ARG A . n 
A 1 156 ARG 156 409 409 ARG ARG A . n 
A 1 157 LEU 157 410 410 LEU LEU A . n 
A 1 158 ALA 158 411 411 ALA ALA A . n 
A 1 159 GLU 159 412 412 GLU GLU A . n 
A 1 160 LEU 160 413 413 LEU LEU A . n 
A 1 161 ASN 161 414 414 ASN ASN A . n 
# 
loop_
_pdbx_nonpoly_scheme.asym_id 
_pdbx_nonpoly_scheme.entity_id 
_pdbx_nonpoly_scheme.mon_id 
_pdbx_nonpoly_scheme.ndb_seq_num 
_pdbx_nonpoly_scheme.pdb_seq_num 
_pdbx_nonpoly_scheme.auth_seq_num 
_pdbx_nonpoly_scheme.pdb_mon_id 
_pdbx_nonpoly_scheme.auth_mon_id 
_pdbx_nonpoly_scheme.pdb_strand_id 
_pdbx_nonpoly_scheme.pdb_ins_code 
B 2 TBU 1 501 1 TBU TBU A . 
C 3 GOL 1 502 1 GOL GOL A . 
# 
_pdbx_struct_assembly.id                   1 
_pdbx_struct_assembly.details              author_and_software_defined_assembly 
_pdbx_struct_assembly.method_details       PISA 
_pdbx_struct_assembly.oligomeric_details   monomeric 
_pdbx_struct_assembly.oligomeric_count     1 
# 
_pdbx_struct_assembly_gen.assembly_id       1 
_pdbx_struct_assembly_gen.oper_expression   1 
_pdbx_struct_assembly_gen.asym_id_list      A,B,C 
# 
_pdbx_struct_oper_list.id                   1 
_pdbx_struct_oper_list.type                 'identity operation' 
_pdbx_struct_oper_list.name                 1_555 
_pdbx_struct_oper_list.symmetry_operation   x,y,z 
_pdbx_struct_oper_list.matrix[1][1]         1.0000000000 
_pdbx_struct_oper_list.matrix[1][2]         0.0000000000 
_pdbx_struct_oper_list.matrix[1][3]         0.0000000000 
_pdbx_struct_oper_list.vector[1]            0.0000000000 
_pdbx_struct_oper_list.matrix[2][1]         0.0000000000 
_pdbx_struct_oper_list.matrix[2][2]         1.0000000000 
_pdbx_struct_oper_list.matrix[2][3]         0.0000000000 
_pdbx_struct_oper_list.vector[2]            0.0000000000 
_pdbx_struct_oper_list.matrix[3][1]         0.0000000000 
_pdbx_struct_oper_list.matrix[3][2]         0.0000000000 
_pdbx_struct_oper_list.matrix[3][3]         1.0000000000 
_pdbx_struct_oper_list.vector[3]            0.0000000000 
# 
loop_
_pdbx_audit_revision_history.ordinal 
_pdbx_audit_revision_history.data_content_type 
_pdbx_audit_revision_history.major_revision 
_pdbx_audit_revision_history.minor_revision 
_pdbx_audit_revision_history.revision_date 
1 'Structure model' 1 0 2013-12-04 
2 'Structure model' 1 1 2014-01-08 
3 'Structure model' 1 2 2017-11-15 
4 'Structure model' 1 3 2023-09-20 
# 
_pdbx_audit_revision_details.ordinal             1 
_pdbx_audit_revision_details.revision_ordinal    1 
_pdbx_audit_revision_details.data_content_type   'Structure model' 
_pdbx_audit_revision_details.provider            repository 
_pdbx_audit_revision_details.type                'Initial release' 
_pdbx_audit_revision_details.description         ? 
_pdbx_audit_revision_details.details             ? 
# 
loop_
_pdbx_audit_revision_group.ordinal 
_pdbx_audit_revision_group.revision_ordinal 
_pdbx_audit_revision_group.data_content_type 
_pdbx_audit_revision_group.group 
1 2 'Structure model' 'Database references'    
2 3 'Structure model' 'Refinement description' 
3 4 'Structure model' 'Data collection'        
4 4 'Structure model' 'Database references'    
5 4 'Structure model' 'Derived calculations'   
6 4 'Structure model' 'Refinement description' 
# 
loop_
_pdbx_audit_revision_category.ordinal 
_pdbx_audit_revision_category.revision_ordinal 
_pdbx_audit_revision_category.data_content_type 
_pdbx_audit_revision_category.category 
1 3 'Structure model' software                      
2 4 'Structure model' chem_comp_atom                
3 4 'Structure model' chem_comp_bond                
4 4 'Structure model' database_2                    
5 4 'Structure model' pdbx_initial_refinement_model 
6 4 'Structure model' struct_site                   
# 
loop_
_pdbx_audit_revision_item.ordinal 
_pdbx_audit_revision_item.revision_ordinal 
_pdbx_audit_revision_item.data_content_type 
_pdbx_audit_revision_item.item 
1 3 'Structure model' '_software.name'                      
2 4 'Structure model' '_database_2.pdbx_DOI'                
3 4 'Structure model' '_database_2.pdbx_database_accession' 
4 4 'Structure model' '_struct_site.pdbx_auth_asym_id'      
5 4 'Structure model' '_struct_site.pdbx_auth_comp_id'      
6 4 'Structure model' '_struct_site.pdbx_auth_seq_id'       
# 
loop_
_software.name 
_software.classification 
_software.version 
_software.citation_id 
_software.pdbx_ordinal 
MAR345 'data collection' .        ? 1 
MOLREP phasing           .        ? 2 
REFMAC refinement        5.6.0117 ? 3 
XDS    'data reduction'  .        ? 4 
XSCALE 'data scaling'    .        ? 5 
# 
loop_
_pdbx_validate_close_contact.id 
_pdbx_validate_close_contact.PDB_model_num 
_pdbx_validate_close_contact.auth_atom_id_1 
_pdbx_validate_close_contact.auth_asym_id_1 
_pdbx_validate_close_contact.auth_comp_id_1 
_pdbx_validate_close_contact.auth_seq_id_1 
_pdbx_validate_close_contact.PDB_ins_code_1 
_pdbx_validate_close_contact.label_alt_id_1 
_pdbx_validate_close_contact.auth_atom_id_2 
_pdbx_validate_close_contact.auth_asym_id_2 
_pdbx_validate_close_contact.auth_comp_id_2 
_pdbx_validate_close_contact.auth_seq_id_2 
_pdbx_validate_close_contact.PDB_ins_code_2 
_pdbx_validate_close_contact.label_alt_id_2 
_pdbx_validate_close_contact.dist 
1 1 O  A ALA 274 ? ? O   A HIS 277 ? ? 1.92 
2 1 O  A ALA 400 ? ? O   A ALA 404 ? ? 1.97 
3 1 CZ A PHE 263 ? ? CD2 A LEU 335 ? ? 2.15 
# 
_pdbx_validate_symm_contact.id                1 
_pdbx_validate_symm_contact.PDB_model_num     1 
_pdbx_validate_symm_contact.auth_atom_id_1    OD2 
_pdbx_validate_symm_contact.auth_asym_id_1    A 
_pdbx_validate_symm_contact.auth_comp_id_1    ASP 
_pdbx_validate_symm_contact.auth_seq_id_1     350 
_pdbx_validate_symm_contact.PDB_ins_code_1    ? 
_pdbx_validate_symm_contact.label_alt_id_1    ? 
_pdbx_validate_symm_contact.site_symmetry_1   1_555 
_pdbx_validate_symm_contact.auth_atom_id_2    OH 
_pdbx_validate_symm_contact.auth_asym_id_2    A 
_pdbx_validate_symm_contact.auth_comp_id_2    TYR 
_pdbx_validate_symm_contact.auth_seq_id_2     398 
_pdbx_validate_symm_contact.PDB_ins_code_2    ? 
_pdbx_validate_symm_contact.label_alt_id_2    ? 
_pdbx_validate_symm_contact.site_symmetry_2   5_555 
_pdbx_validate_symm_contact.dist              2.15 
# 
loop_
_pdbx_validate_torsion.id 
_pdbx_validate_torsion.PDB_model_num 
_pdbx_validate_torsion.auth_comp_id 
_pdbx_validate_torsion.auth_asym_id 
_pdbx_validate_torsion.auth_seq_id 
_pdbx_validate_torsion.PDB_ins_code 
_pdbx_validate_torsion.label_alt_id 
_pdbx_validate_torsion.phi 
_pdbx_validate_torsion.psi 
1 1 GLU A 320 ? ? -49.58 -16.42 
2 1 LEU A 413 ? ? -39.27 123.49 
# 
loop_
_chem_comp_atom.comp_id 
_chem_comp_atom.atom_id 
_chem_comp_atom.type_symbol 
_chem_comp_atom.pdbx_aromatic_flag 
_chem_comp_atom.pdbx_stereo_config 
_chem_comp_atom.pdbx_ordinal 
ALA N    N N N 1   
ALA CA   C N S 2   
ALA C    C N N 3   
ALA O    O N N 4   
ALA CB   C N N 5   
ALA OXT  O N N 6   
ALA H    H N N 7   
ALA H2   H N N 8   
ALA HA   H N N 9   
ALA HB1  H N N 10  
ALA HB2  H N N 11  
ALA HB3  H N N 12  
ALA HXT  H N N 13  
ARG N    N N N 14  
ARG CA   C N S 15  
ARG C    C N N 16  
ARG O    O N N 17  
ARG CB   C N N 18  
ARG CG   C N N 19  
ARG CD   C N N 20  
ARG NE   N N N 21  
ARG CZ   C N N 22  
ARG NH1  N N N 23  
ARG NH2  N N N 24  
ARG OXT  O N N 25  
ARG H    H N N 26  
ARG H2   H N N 27  
ARG HA   H N N 28  
ARG HB2  H N N 29  
ARG HB3  H N N 30  
ARG HG2  H N N 31  
ARG HG3  H N N 32  
ARG HD2  H N N 33  
ARG HD3  H N N 34  
ARG HE   H N N 35  
ARG HH11 H N N 36  
ARG HH12 H N N 37  
ARG HH21 H N N 38  
ARG HH22 H N N 39  
ARG HXT  H N N 40  
ASN N    N N N 41  
ASN CA   C N S 42  
ASN C    C N N 43  
ASN O    O N N 44  
ASN CB   C N N 45  
ASN CG   C N N 46  
ASN OD1  O N N 47  
ASN ND2  N N N 48  
ASN OXT  O N N 49  
ASN H    H N N 50  
ASN H2   H N N 51  
ASN HA   H N N 52  
ASN HB2  H N N 53  
ASN HB3  H N N 54  
ASN HD21 H N N 55  
ASN HD22 H N N 56  
ASN HXT  H N N 57  
ASP N    N N N 58  
ASP CA   C N S 59  
ASP C    C N N 60  
ASP O    O N N 61  
ASP CB   C N N 62  
ASP CG   C N N 63  
ASP OD1  O N N 64  
ASP OD2  O N N 65  
ASP OXT  O N N 66  
ASP H    H N N 67  
ASP H2   H N N 68  
ASP HA   H N N 69  
ASP HB2  H N N 70  
ASP HB3  H N N 71  
ASP HD2  H N N 72  
ASP HXT  H N N 73  
GLN N    N N N 74  
GLN CA   C N S 75  
GLN C    C N N 76  
GLN O    O N N 77  
GLN CB   C N N 78  
GLN CG   C N N 79  
GLN CD   C N N 80  
GLN OE1  O N N 81  
GLN NE2  N N N 82  
GLN OXT  O N N 83  
GLN H    H N N 84  
GLN H2   H N N 85  
GLN HA   H N N 86  
GLN HB2  H N N 87  
GLN HB3  H N N 88  
GLN HG2  H N N 89  
GLN HG3  H N N 90  
GLN HE21 H N N 91  
GLN HE22 H N N 92  
GLN HXT  H N N 93  
GLU N    N N N 94  
GLU CA   C N S 95  
GLU C    C N N 96  
GLU O    O N N 97  
GLU CB   C N N 98  
GLU CG   C N N 99  
GLU CD   C N N 100 
GLU OE1  O N N 101 
GLU OE2  O N N 102 
GLU OXT  O N N 103 
GLU H    H N N 104 
GLU H2   H N N 105 
GLU HA   H N N 106 
GLU HB2  H N N 107 
GLU HB3  H N N 108 
GLU HG2  H N N 109 
GLU HG3  H N N 110 
GLU HE2  H N N 111 
GLU HXT  H N N 112 
GLY N    N N N 113 
GLY CA   C N N 114 
GLY C    C N N 115 
GLY O    O N N 116 
GLY OXT  O N N 117 
GLY H    H N N 118 
GLY H2   H N N 119 
GLY HA2  H N N 120 
GLY HA3  H N N 121 
GLY HXT  H N N 122 
GOL C1   C N N 123 
GOL O1   O N N 124 
GOL C2   C N N 125 
GOL O2   O N N 126 
GOL C3   C N N 127 
GOL O3   O N N 128 
GOL H11  H N N 129 
GOL H12  H N N 130 
GOL HO1  H N N 131 
GOL H2   H N N 132 
GOL HO2  H N N 133 
GOL H31  H N N 134 
GOL H32  H N N 135 
GOL HO3  H N N 136 
HIS N    N N N 137 
HIS CA   C N S 138 
HIS C    C N N 139 
HIS O    O N N 140 
HIS CB   C N N 141 
HIS CG   C Y N 142 
HIS ND1  N Y N 143 
HIS CD2  C Y N 144 
HIS CE1  C Y N 145 
HIS NE2  N Y N 146 
HIS OXT  O N N 147 
HIS H    H N N 148 
HIS H2   H N N 149 
HIS HA   H N N 150 
HIS HB2  H N N 151 
HIS HB3  H N N 152 
HIS HD1  H N N 153 
HIS HD2  H N N 154 
HIS HE1  H N N 155 
HIS HE2  H N N 156 
HIS HXT  H N N 157 
ILE N    N N N 158 
ILE CA   C N S 159 
ILE C    C N N 160 
ILE O    O N N 161 
ILE CB   C N S 162 
ILE CG1  C N N 163 
ILE CG2  C N N 164 
ILE CD1  C N N 165 
ILE OXT  O N N 166 
ILE H    H N N 167 
ILE H2   H N N 168 
ILE HA   H N N 169 
ILE HB   H N N 170 
ILE HG12 H N N 171 
ILE HG13 H N N 172 
ILE HG21 H N N 173 
ILE HG22 H N N 174 
ILE HG23 H N N 175 
ILE HD11 H N N 176 
ILE HD12 H N N 177 
ILE HD13 H N N 178 
ILE HXT  H N N 179 
LEU N    N N N 180 
LEU CA   C N S 181 
LEU C    C N N 182 
LEU O    O N N 183 
LEU CB   C N N 184 
LEU CG   C N N 185 
LEU CD1  C N N 186 
LEU CD2  C N N 187 
LEU OXT  O N N 188 
LEU H    H N N 189 
LEU H2   H N N 190 
LEU HA   H N N 191 
LEU HB2  H N N 192 
LEU HB3  H N N 193 
LEU HG   H N N 194 
LEU HD11 H N N 195 
LEU HD12 H N N 196 
LEU HD13 H N N 197 
LEU HD21 H N N 198 
LEU HD22 H N N 199 
LEU HD23 H N N 200 
LEU HXT  H N N 201 
LYS N    N N N 202 
LYS CA   C N S 203 
LYS C    C N N 204 
LYS O    O N N 205 
LYS CB   C N N 206 
LYS CG   C N N 207 
LYS CD   C N N 208 
LYS CE   C N N 209 
LYS NZ   N N N 210 
LYS OXT  O N N 211 
LYS H    H N N 212 
LYS H2   H N N 213 
LYS HA   H N N 214 
LYS HB2  H N N 215 
LYS HB3  H N N 216 
LYS HG2  H N N 217 
LYS HG3  H N N 218 
LYS HD2  H N N 219 
LYS HD3  H N N 220 
LYS HE2  H N N 221 
LYS HE3  H N N 222 
LYS HZ1  H N N 223 
LYS HZ2  H N N 224 
LYS HZ3  H N N 225 
LYS HXT  H N N 226 
MET N    N N N 227 
MET CA   C N S 228 
MET C    C N N 229 
MET O    O N N 230 
MET CB   C N N 231 
MET CG   C N N 232 
MET SD   S N N 233 
MET CE   C N N 234 
MET OXT  O N N 235 
MET H    H N N 236 
MET H2   H N N 237 
MET HA   H N N 238 
MET HB2  H N N 239 
MET HB3  H N N 240 
MET HG2  H N N 241 
MET HG3  H N N 242 
MET HE1  H N N 243 
MET HE2  H N N 244 
MET HE3  H N N 245 
MET HXT  H N N 246 
PHE N    N N N 247 
PHE CA   C N S 248 
PHE C    C N N 249 
PHE O    O N N 250 
PHE CB   C N N 251 
PHE CG   C Y N 252 
PHE CD1  C Y N 253 
PHE CD2  C Y N 254 
PHE CE1  C Y N 255 
PHE CE2  C Y N 256 
PHE CZ   C Y N 257 
PHE OXT  O N N 258 
PHE H    H N N 259 
PHE H2   H N N 260 
PHE HA   H N N 261 
PHE HB2  H N N 262 
PHE HB3  H N N 263 
PHE HD1  H N N 264 
PHE HD2  H N N 265 
PHE HE1  H N N 266 
PHE HE2  H N N 267 
PHE HZ   H N N 268 
PHE HXT  H N N 269 
PRO N    N N N 270 
PRO CA   C N S 271 
PRO C    C N N 272 
PRO O    O N N 273 
PRO CB   C N N 274 
PRO CG   C N N 275 
PRO CD   C N N 276 
PRO OXT  O N N 277 
PRO H    H N N 278 
PRO HA   H N N 279 
PRO HB2  H N N 280 
PRO HB3  H N N 281 
PRO HG2  H N N 282 
PRO HG3  H N N 283 
PRO HD2  H N N 284 
PRO HD3  H N N 285 
PRO HXT  H N N 286 
SER N    N N N 287 
SER CA   C N S 288 
SER C    C N N 289 
SER O    O N N 290 
SER CB   C N N 291 
SER OG   O N N 292 
SER OXT  O N N 293 
SER H    H N N 294 
SER H2   H N N 295 
SER HA   H N N 296 
SER HB2  H N N 297 
SER HB3  H N N 298 
SER HG   H N N 299 
SER HXT  H N N 300 
TBU O    O N N 301 
TBU C    C N N 302 
TBU C1   C N N 303 
TBU C2   C N N 304 
TBU C3   C N N 305 
TBU HO   H N N 306 
TBU H11  H N N 307 
TBU H12  H N N 308 
TBU H13  H N N 309 
TBU H21  H N N 310 
TBU H22  H N N 311 
TBU H23  H N N 312 
TBU H31  H N N 313 
TBU H32  H N N 314 
TBU H33  H N N 315 
THR N    N N N 316 
THR CA   C N S 317 
THR C    C N N 318 
THR O    O N N 319 
THR CB   C N R 320 
THR OG1  O N N 321 
THR CG2  C N N 322 
THR OXT  O N N 323 
THR H    H N N 324 
THR H2   H N N 325 
THR HA   H N N 326 
THR HB   H N N 327 
THR HG1  H N N 328 
THR HG21 H N N 329 
THR HG22 H N N 330 
THR HG23 H N N 331 
THR HXT  H N N 332 
TYR N    N N N 333 
TYR CA   C N S 334 
TYR C    C N N 335 
TYR O    O N N 336 
TYR CB   C N N 337 
TYR CG   C Y N 338 
TYR CD1  C Y N 339 
TYR CD2  C Y N 340 
TYR CE1  C Y N 341 
TYR CE2  C Y N 342 
TYR CZ   C Y N 343 
TYR OH   O N N 344 
TYR OXT  O N N 345 
TYR H    H N N 346 
TYR H2   H N N 347 
TYR HA   H N N 348 
TYR HB2  H N N 349 
TYR HB3  H N N 350 
TYR HD1  H N N 351 
TYR HD2  H N N 352 
TYR HE1  H N N 353 
TYR HE2  H N N 354 
TYR HH   H N N 355 
TYR HXT  H N N 356 
VAL N    N N N 357 
VAL CA   C N S 358 
VAL C    C N N 359 
VAL O    O N N 360 
VAL CB   C N N 361 
VAL CG1  C N N 362 
VAL CG2  C N N 363 
VAL OXT  O N N 364 
VAL H    H N N 365 
VAL H2   H N N 366 
VAL HA   H N N 367 
VAL HB   H N N 368 
VAL HG11 H N N 369 
VAL HG12 H N N 370 
VAL HG13 H N N 371 
VAL HG21 H N N 372 
VAL HG22 H N N 373 
VAL HG23 H N N 374 
VAL HXT  H N N 375 
# 
loop_
_chem_comp_bond.comp_id 
_chem_comp_bond.atom_id_1 
_chem_comp_bond.atom_id_2 
_chem_comp_bond.value_order 
_chem_comp_bond.pdbx_aromatic_flag 
_chem_comp_bond.pdbx_stereo_config 
_chem_comp_bond.pdbx_ordinal 
ALA N   CA   sing N N 1   
ALA N   H    sing N N 2   
ALA N   H2   sing N N 3   
ALA CA  C    sing N N 4   
ALA CA  CB   sing N N 5   
ALA CA  HA   sing N N 6   
ALA C   O    doub N N 7   
ALA C   OXT  sing N N 8   
ALA CB  HB1  sing N N 9   
ALA CB  HB2  sing N N 10  
ALA CB  HB3  sing N N 11  
ALA OXT HXT  sing N N 12  
ARG N   CA   sing N N 13  
ARG N   H    sing N N 14  
ARG N   H2   sing N N 15  
ARG CA  C    sing N N 16  
ARG CA  CB   sing N N 17  
ARG CA  HA   sing N N 18  
ARG C   O    doub N N 19  
ARG C   OXT  sing N N 20  
ARG CB  CG   sing N N 21  
ARG CB  HB2  sing N N 22  
ARG CB  HB3  sing N N 23  
ARG CG  CD   sing N N 24  
ARG CG  HG2  sing N N 25  
ARG CG  HG3  sing N N 26  
ARG CD  NE   sing N N 27  
ARG CD  HD2  sing N N 28  
ARG CD  HD3  sing N N 29  
ARG NE  CZ   sing N N 30  
ARG NE  HE   sing N N 31  
ARG CZ  NH1  sing N N 32  
ARG CZ  NH2  doub N N 33  
ARG NH1 HH11 sing N N 34  
ARG NH1 HH12 sing N N 35  
ARG NH2 HH21 sing N N 36  
ARG NH2 HH22 sing N N 37  
ARG OXT HXT  sing N N 38  
ASN N   CA   sing N N 39  
ASN N   H    sing N N 40  
ASN N   H2   sing N N 41  
ASN CA  C    sing N N 42  
ASN CA  CB   sing N N 43  
ASN CA  HA   sing N N 44  
ASN C   O    doub N N 45  
ASN C   OXT  sing N N 46  
ASN CB  CG   sing N N 47  
ASN CB  HB2  sing N N 48  
ASN CB  HB3  sing N N 49  
ASN CG  OD1  doub N N 50  
ASN CG  ND2  sing N N 51  
ASN ND2 HD21 sing N N 52  
ASN ND2 HD22 sing N N 53  
ASN OXT HXT  sing N N 54  
ASP N   CA   sing N N 55  
ASP N   H    sing N N 56  
ASP N   H2   sing N N 57  
ASP CA  C    sing N N 58  
ASP CA  CB   sing N N 59  
ASP CA  HA   sing N N 60  
ASP C   O    doub N N 61  
ASP C   OXT  sing N N 62  
ASP CB  CG   sing N N 63  
ASP CB  HB2  sing N N 64  
ASP CB  HB3  sing N N 65  
ASP CG  OD1  doub N N 66  
ASP CG  OD2  sing N N 67  
ASP OD2 HD2  sing N N 68  
ASP OXT HXT  sing N N 69  
GLN N   CA   sing N N 70  
GLN N   H    sing N N 71  
GLN N   H2   sing N N 72  
GLN CA  C    sing N N 73  
GLN CA  CB   sing N N 74  
GLN CA  HA   sing N N 75  
GLN C   O    doub N N 76  
GLN C   OXT  sing N N 77  
GLN CB  CG   sing N N 78  
GLN CB  HB2  sing N N 79  
GLN CB  HB3  sing N N 80  
GLN CG  CD   sing N N 81  
GLN CG  HG2  sing N N 82  
GLN CG  HG3  sing N N 83  
GLN CD  OE1  doub N N 84  
GLN CD  NE2  sing N N 85  
GLN NE2 HE21 sing N N 86  
GLN NE2 HE22 sing N N 87  
GLN OXT HXT  sing N N 88  
GLU N   CA   sing N N 89  
GLU N   H    sing N N 90  
GLU N   H2   sing N N 91  
GLU CA  C    sing N N 92  
GLU CA  CB   sing N N 93  
GLU CA  HA   sing N N 94  
GLU C   O    doub N N 95  
GLU C   OXT  sing N N 96  
GLU CB  CG   sing N N 97  
GLU CB  HB2  sing N N 98  
GLU CB  HB3  sing N N 99  
GLU CG  CD   sing N N 100 
GLU CG  HG2  sing N N 101 
GLU CG  HG3  sing N N 102 
GLU CD  OE1  doub N N 103 
GLU CD  OE2  sing N N 104 
GLU OE2 HE2  sing N N 105 
GLU OXT HXT  sing N N 106 
GLY N   CA   sing N N 107 
GLY N   H    sing N N 108 
GLY N   H2   sing N N 109 
GLY CA  C    sing N N 110 
GLY CA  HA2  sing N N 111 
GLY CA  HA3  sing N N 112 
GLY C   O    doub N N 113 
GLY C   OXT  sing N N 114 
GLY OXT HXT  sing N N 115 
GOL C1  O1   sing N N 116 
GOL C1  C2   sing N N 117 
GOL C1  H11  sing N N 118 
GOL C1  H12  sing N N 119 
GOL O1  HO1  sing N N 120 
GOL C2  O2   sing N N 121 
GOL C2  C3   sing N N 122 
GOL C2  H2   sing N N 123 
GOL O2  HO2  sing N N 124 
GOL C3  O3   sing N N 125 
GOL C3  H31  sing N N 126 
GOL C3  H32  sing N N 127 
GOL O3  HO3  sing N N 128 
HIS N   CA   sing N N 129 
HIS N   H    sing N N 130 
HIS N   H2   sing N N 131 
HIS CA  C    sing N N 132 
HIS CA  CB   sing N N 133 
HIS CA  HA   sing N N 134 
HIS C   O    doub N N 135 
HIS C   OXT  sing N N 136 
HIS CB  CG   sing N N 137 
HIS CB  HB2  sing N N 138 
HIS CB  HB3  sing N N 139 
HIS CG  ND1  sing Y N 140 
HIS CG  CD2  doub Y N 141 
HIS ND1 CE1  doub Y N 142 
HIS ND1 HD1  sing N N 143 
HIS CD2 NE2  sing Y N 144 
HIS CD2 HD2  sing N N 145 
HIS CE1 NE2  sing Y N 146 
HIS CE1 HE1  sing N N 147 
HIS NE2 HE2  sing N N 148 
HIS OXT HXT  sing N N 149 
ILE N   CA   sing N N 150 
ILE N   H    sing N N 151 
ILE N   H2   sing N N 152 
ILE CA  C    sing N N 153 
ILE CA  CB   sing N N 154 
ILE CA  HA   sing N N 155 
ILE C   O    doub N N 156 
ILE C   OXT  sing N N 157 
ILE CB  CG1  sing N N 158 
ILE CB  CG2  sing N N 159 
ILE CB  HB   sing N N 160 
ILE CG1 CD1  sing N N 161 
ILE CG1 HG12 sing N N 162 
ILE CG1 HG13 sing N N 163 
ILE CG2 HG21 sing N N 164 
ILE CG2 HG22 sing N N 165 
ILE CG2 HG23 sing N N 166 
ILE CD1 HD11 sing N N 167 
ILE CD1 HD12 sing N N 168 
ILE CD1 HD13 sing N N 169 
ILE OXT HXT  sing N N 170 
LEU N   CA   sing N N 171 
LEU N   H    sing N N 172 
LEU N   H2   sing N N 173 
LEU CA  C    sing N N 174 
LEU CA  CB   sing N N 175 
LEU CA  HA   sing N N 176 
LEU C   O    doub N N 177 
LEU C   OXT  sing N N 178 
LEU CB  CG   sing N N 179 
LEU CB  HB2  sing N N 180 
LEU CB  HB3  sing N N 181 
LEU CG  CD1  sing N N 182 
LEU CG  CD2  sing N N 183 
LEU CG  HG   sing N N 184 
LEU CD1 HD11 sing N N 185 
LEU CD1 HD12 sing N N 186 
LEU CD1 HD13 sing N N 187 
LEU CD2 HD21 sing N N 188 
LEU CD2 HD22 sing N N 189 
LEU CD2 HD23 sing N N 190 
LEU OXT HXT  sing N N 191 
LYS N   CA   sing N N 192 
LYS N   H    sing N N 193 
LYS N   H2   sing N N 194 
LYS CA  C    sing N N 195 
LYS CA  CB   sing N N 196 
LYS CA  HA   sing N N 197 
LYS C   O    doub N N 198 
LYS C   OXT  sing N N 199 
LYS CB  CG   sing N N 200 
LYS CB  HB2  sing N N 201 
LYS CB  HB3  sing N N 202 
LYS CG  CD   sing N N 203 
LYS CG  HG2  sing N N 204 
LYS CG  HG3  sing N N 205 
LYS CD  CE   sing N N 206 
LYS CD  HD2  sing N N 207 
LYS CD  HD3  sing N N 208 
LYS CE  NZ   sing N N 209 
LYS CE  HE2  sing N N 210 
LYS CE  HE3  sing N N 211 
LYS NZ  HZ1  sing N N 212 
LYS NZ  HZ2  sing N N 213 
LYS NZ  HZ3  sing N N 214 
LYS OXT HXT  sing N N 215 
MET N   CA   sing N N 216 
MET N   H    sing N N 217 
MET N   H2   sing N N 218 
MET CA  C    sing N N 219 
MET CA  CB   sing N N 220 
MET CA  HA   sing N N 221 
MET C   O    doub N N 222 
MET C   OXT  sing N N 223 
MET CB  CG   sing N N 224 
MET CB  HB2  sing N N 225 
MET CB  HB3  sing N N 226 
MET CG  SD   sing N N 227 
MET CG  HG2  sing N N 228 
MET CG  HG3  sing N N 229 
MET SD  CE   sing N N 230 
MET CE  HE1  sing N N 231 
MET CE  HE2  sing N N 232 
MET CE  HE3  sing N N 233 
MET OXT HXT  sing N N 234 
PHE N   CA   sing N N 235 
PHE N   H    sing N N 236 
PHE N   H2   sing N N 237 
PHE CA  C    sing N N 238 
PHE CA  CB   sing N N 239 
PHE CA  HA   sing N N 240 
PHE C   O    doub N N 241 
PHE C   OXT  sing N N 242 
PHE CB  CG   sing N N 243 
PHE CB  HB2  sing N N 244 
PHE CB  HB3  sing N N 245 
PHE CG  CD1  doub Y N 246 
PHE CG  CD2  sing Y N 247 
PHE CD1 CE1  sing Y N 248 
PHE CD1 HD1  sing N N 249 
PHE CD2 CE2  doub Y N 250 
PHE CD2 HD2  sing N N 251 
PHE CE1 CZ   doub Y N 252 
PHE CE1 HE1  sing N N 253 
PHE CE2 CZ   sing Y N 254 
PHE CE2 HE2  sing N N 255 
PHE CZ  HZ   sing N N 256 
PHE OXT HXT  sing N N 257 
PRO N   CA   sing N N 258 
PRO N   CD   sing N N 259 
PRO N   H    sing N N 260 
PRO CA  C    sing N N 261 
PRO CA  CB   sing N N 262 
PRO CA  HA   sing N N 263 
PRO C   O    doub N N 264 
PRO C   OXT  sing N N 265 
PRO CB  CG   sing N N 266 
PRO CB  HB2  sing N N 267 
PRO CB  HB3  sing N N 268 
PRO CG  CD   sing N N 269 
PRO CG  HG2  sing N N 270 
PRO CG  HG3  sing N N 271 
PRO CD  HD2  sing N N 272 
PRO CD  HD3  sing N N 273 
PRO OXT HXT  sing N N 274 
SER N   CA   sing N N 275 
SER N   H    sing N N 276 
SER N   H2   sing N N 277 
SER CA  C    sing N N 278 
SER CA  CB   sing N N 279 
SER CA  HA   sing N N 280 
SER C   O    doub N N 281 
SER C   OXT  sing N N 282 
SER CB  OG   sing N N 283 
SER CB  HB2  sing N N 284 
SER CB  HB3  sing N N 285 
SER OG  HG   sing N N 286 
SER OXT HXT  sing N N 287 
TBU O   C    sing N N 288 
TBU O   HO   sing N N 289 
TBU C   C1   sing N N 290 
TBU C   C2   sing N N 291 
TBU C   C3   sing N N 292 
TBU C1  H11  sing N N 293 
TBU C1  H12  sing N N 294 
TBU C1  H13  sing N N 295 
TBU C2  H21  sing N N 296 
TBU C2  H22  sing N N 297 
TBU C2  H23  sing N N 298 
TBU C3  H31  sing N N 299 
TBU C3  H32  sing N N 300 
TBU C3  H33  sing N N 301 
THR N   CA   sing N N 302 
THR N   H    sing N N 303 
THR N   H2   sing N N 304 
THR CA  C    sing N N 305 
THR CA  CB   sing N N 306 
THR CA  HA   sing N N 307 
THR C   O    doub N N 308 
THR C   OXT  sing N N 309 
THR CB  OG1  sing N N 310 
THR CB  CG2  sing N N 311 
THR CB  HB   sing N N 312 
THR OG1 HG1  sing N N 313 
THR CG2 HG21 sing N N 314 
THR CG2 HG22 sing N N 315 
THR CG2 HG23 sing N N 316 
THR OXT HXT  sing N N 317 
TYR N   CA   sing N N 318 
TYR N   H    sing N N 319 
TYR N   H2   sing N N 320 
TYR CA  C    sing N N 321 
TYR CA  CB   sing N N 322 
TYR CA  HA   sing N N 323 
TYR C   O    doub N N 324 
TYR C   OXT  sing N N 325 
TYR CB  CG   sing N N 326 
TYR CB  HB2  sing N N 327 
TYR CB  HB3  sing N N 328 
TYR CG  CD1  doub Y N 329 
TYR CG  CD2  sing Y N 330 
TYR CD1 CE1  sing Y N 331 
TYR CD1 HD1  sing N N 332 
TYR CD2 CE2  doub Y N 333 
TYR CD2 HD2  sing N N 334 
TYR CE1 CZ   doub Y N 335 
TYR CE1 HE1  sing N N 336 
TYR CE2 CZ   sing Y N 337 
TYR CE2 HE2  sing N N 338 
TYR CZ  OH   sing N N 339 
TYR OH  HH   sing N N 340 
TYR OXT HXT  sing N N 341 
VAL N   CA   sing N N 342 
VAL N   H    sing N N 343 
VAL N   H2   sing N N 344 
VAL CA  C    sing N N 345 
VAL CA  CB   sing N N 346 
VAL CA  HA   sing N N 347 
VAL C   O    doub N N 348 
VAL C   OXT  sing N N 349 
VAL CB  CG1  sing N N 350 
VAL CB  CG2  sing N N 351 
VAL CB  HB   sing N N 352 
VAL CG1 HG11 sing N N 353 
VAL CG1 HG12 sing N N 354 
VAL CG1 HG13 sing N N 355 
VAL CG2 HG21 sing N N 356 
VAL CG2 HG22 sing N N 357 
VAL CG2 HG23 sing N N 358 
VAL OXT HXT  sing N N 359 
# 
loop_
_pdbx_entity_nonpoly.entity_id 
_pdbx_entity_nonpoly.name 
_pdbx_entity_nonpoly.comp_id 
2 'TERTIARY-BUTYL ALCOHOL' TBU 
3 GLYCEROL                 GOL 
# 
_pdbx_initial_refinement_model.id               1 
_pdbx_initial_refinement_model.entity_id_list   ? 
_pdbx_initial_refinement_model.type             'experimental model' 
_pdbx_initial_refinement_model.source_name      PDB 
_pdbx_initial_refinement_model.accession_code   2WB4 
_pdbx_initial_refinement_model.details          'PDB ENTRY 2WB4' 
# 
